data_8TKO
#
_entry.id   8TKO
#
_cell.length_a   1.00
_cell.length_b   1.00
_cell.length_c   1.00
_cell.angle_alpha   90.00
_cell.angle_beta   90.00
_cell.angle_gamma   90.00
#
_symmetry.space_group_name_H-M   'P 1'
#
loop_
_entity.id
_entity.type
_entity.pdbx_description
1 polymer EryAII
2 polymer EryAI
#
loop_
_entity_poly.entity_id
_entity_poly.type
_entity_poly.pdbx_seq_one_letter_code
_entity_poly.pdbx_strand_id
1 'polypeptide(L)'
;MVTDSEKVAEYLRRATLDLRAARQRIRELESDPIAIVSMACRLPGGVNTPQRLWELLREGGETLSGFPTDRGWDLARLHH
PDPDNPGTSYVDKGGFLDDAAGFDAEFFGVSPREAAAMDPQQRLLLETSWELVENAGIDPHSLRGTATGVFLGVAKFGYG
EDTAAAEDVEGYSVTGVAPAVASGRISYTMGLEGPSISVDTACSSSLVALHLAVESLRKGESSMAVVGGAAVMATPGVFV
DFSRQRALAADGRSKAFGAGADGFGFSEGVTLVLLERLSEARRNGHEVLAVVRGSALNQDGASNGLSAPSGPAQRRVIRQ
ALESCGLEPGDVDAVEAHGTGTALGDPIEANALLDTYGRDRDADRPLWLGSVKSNIGHTQAAAGVTGLLKVVLALRNGEL
PATLHVEEPTPHVDWSSGGVALLAGNQPWRRGERTRRAAVSAFGISGTNAHVIVEEAPEREHRETTAHDGRPVPLVVSAR
STAALRAQAAQIAELLERPDADLAGVGLGLATTRARHEHRAAVVASTREEAVRGLREIAAGAATADAVVEGVTEVDGRNV
VFLFPGQGSQWAGMGAELLSSSPVFAGKIRACDESMAPMQDWKVSDVLRQAPGAPGLDRVDVVQPVLFAVMVSLAELWRS
YGVEPAAVVGHSQGEIAAAHVAGALTLEDAAKLVVGRSRLMRSLSGEGGMAAVALGEAAVRERLRPWQDRLSVAAVNGPR
SVVVSGEPGALRAFSEDCAAEGIRVRDIDVDYASHSPQIERVREELLETTGDIAPRPARVTFHSTVESRSMDGTELDARY
WYRNLRETVRFADAVTRLAESGYDAFIEVSPHPVVVQAVEEAVEEADGAEDAVVVGSLHRDGGDLSAFLRSMATAHVSGV
DIRWDVALPGAAPFALPTYPFQRKRYWLQPAAPAAASDELAYRSSSVDKLAAALEHHHHHH
;
A,B
2 'polypeptide(L)'
;MGSSHHHHHHSSGLVPRGSHMLRDRLAGLPRAERTAELVRLVRTSTATVLGHDDPKAVRATTPFKELGFD(4HH)LAAVR
LRNLLNAATGLRLPSTLVFDHPNASAVAGFLDAELGTEVRGEAPSALAGLDALEAALPEVPATEREELVQRLERMLAALR
PVAQAADASGTGANPSGDDLGEAGVDELLEALGRELDGD
;
C
#
# COMPACT_ATOMS: atom_id res chain seq x y z
N SER A 5 34.63 -21.70 -35.80
CA SER A 5 35.62 -21.20 -34.85
C SER A 5 35.39 -21.79 -33.46
N GLU A 6 36.42 -21.73 -32.62
CA GLU A 6 36.33 -22.25 -31.26
C GLU A 6 35.84 -21.20 -30.27
N LYS A 7 35.68 -19.94 -30.69
CA LYS A 7 35.20 -18.90 -29.79
C LYS A 7 33.74 -19.11 -29.40
N VAL A 8 33.00 -19.94 -30.16
CA VAL A 8 31.57 -20.08 -29.93
C VAL A 8 31.28 -20.64 -28.54
N ALA A 9 32.11 -21.59 -28.08
CA ALA A 9 31.83 -22.27 -26.81
C ALA A 9 31.86 -21.30 -25.64
N GLU A 10 32.83 -20.38 -25.63
CA GLU A 10 32.88 -19.39 -24.56
C GLU A 10 31.67 -18.47 -24.59
N TYR A 11 31.21 -18.12 -25.80
CA TYR A 11 29.98 -17.34 -25.92
C TYR A 11 28.79 -18.09 -25.36
N LEU A 12 28.72 -19.41 -25.63
CA LEU A 12 27.63 -20.21 -25.09
C LEU A 12 27.67 -20.22 -23.57
N ARG A 13 28.86 -20.41 -23.00
CA ARG A 13 28.98 -20.45 -21.54
C ARG A 13 28.58 -19.11 -20.93
N ARG A 14 29.03 -18.01 -21.51
CA ARG A 14 28.71 -16.70 -20.97
C ARG A 14 27.21 -16.40 -21.11
N ALA A 15 26.61 -16.83 -22.22
CA ALA A 15 25.18 -16.66 -22.39
C ALA A 15 24.39 -17.46 -21.36
N THR A 16 24.81 -18.70 -21.09
CA THR A 16 24.14 -19.49 -20.06
C THR A 16 24.27 -18.83 -18.69
N LEU A 17 25.46 -18.31 -18.37
CA LEU A 17 25.65 -17.64 -17.09
C LEU A 17 24.76 -16.40 -16.99
N ASP A 18 24.69 -15.61 -18.06
CA ASP A 18 23.85 -14.41 -18.04
C ASP A 18 22.38 -14.76 -17.91
N LEU A 19 21.94 -15.82 -18.60
CA LEU A 19 20.55 -16.24 -18.50
C LEU A 19 20.23 -16.70 -17.08
N ARG A 20 21.13 -17.46 -16.46
CA ARG A 20 20.91 -17.89 -15.08
C ARG A 20 20.84 -16.70 -14.14
N ALA A 21 21.74 -15.72 -14.33
CA ALA A 21 21.71 -14.52 -13.49
C ALA A 21 20.42 -13.75 -13.67
N ALA A 22 19.93 -13.63 -14.90
CA ALA A 22 18.69 -12.92 -15.16
C ALA A 22 17.50 -13.63 -14.51
N ARG A 23 17.46 -14.96 -14.60
CA ARG A 23 16.38 -15.70 -13.96
C ARG A 23 16.42 -15.55 -12.45
N GLN A 24 17.63 -15.58 -11.87
CA GLN A 24 17.75 -15.38 -10.43
C GLN A 24 17.28 -13.98 -10.04
N ARG A 25 17.63 -12.97 -10.84
CA ARG A 25 17.17 -11.62 -10.56
C ARG A 25 15.65 -11.52 -10.64
N ILE A 26 15.04 -12.18 -11.63
CA ILE A 26 13.59 -12.19 -11.73
C ILE A 26 12.97 -12.83 -10.50
N ARG A 27 13.53 -13.96 -10.06
N ARG A 27 13.53 -13.96 -10.06
CA ARG A 27 12.99 -14.63 -8.87
CA ARG A 27 12.99 -14.63 -8.87
C ARG A 27 13.13 -13.74 -7.64
C ARG A 27 13.13 -13.74 -7.64
N GLU A 28 14.27 -13.07 -7.49
CA GLU A 28 14.47 -12.20 -6.34
C GLU A 28 13.49 -11.04 -6.35
N LEU A 29 13.24 -10.46 -7.53
CA LEU A 29 12.30 -9.34 -7.61
C LEU A 29 10.85 -9.79 -7.46
N GLU A 30 10.54 -11.05 -7.74
CA GLU A 30 9.16 -11.51 -7.76
C GLU A 30 8.75 -12.20 -6.46
N SER A 31 9.44 -13.27 -6.07
CA SER A 31 9.00 -14.12 -4.97
C SER A 31 10.16 -14.45 -4.03
N ASP A 32 10.90 -13.42 -3.63
CA ASP A 32 11.98 -13.62 -2.67
C ASP A 32 11.39 -13.87 -1.29
N PRO A 33 11.72 -14.98 -0.62
CA PRO A 33 11.19 -15.23 0.72
C PRO A 33 11.68 -14.19 1.72
N ILE A 34 10.84 -13.90 2.70
CA ILE A 34 11.17 -12.96 3.76
C ILE A 34 11.25 -13.72 5.08
N ALA A 35 12.16 -13.30 5.96
CA ALA A 35 12.40 -13.98 7.22
C ALA A 35 11.92 -13.13 8.39
N ILE A 36 11.35 -13.79 9.38
CA ILE A 36 10.93 -13.14 10.63
C ILE A 36 12.01 -13.40 11.66
N VAL A 37 12.59 -12.33 12.21
CA VAL A 37 13.70 -12.46 13.12
C VAL A 37 13.31 -12.21 14.58
N SER A 38 12.30 -11.39 14.84
CA SER A 38 11.88 -11.13 16.22
C SER A 38 10.46 -10.59 16.22
N MET A 39 9.85 -10.65 17.40
CA MET A 39 8.48 -10.17 17.58
C MET A 39 8.30 -9.70 19.01
N ALA A 40 7.30 -8.84 19.21
CA ALA A 40 6.97 -8.32 20.53
C ALA A 40 5.47 -8.04 20.57
N CYS A 41 4.91 -8.10 21.78
CA CYS A 41 3.47 -7.92 21.90
C CYS A 41 3.12 -7.46 23.31
N ARG A 42 2.00 -6.74 23.41
CA ARG A 42 1.37 -6.42 24.68
C ARG A 42 -0.12 -6.67 24.50
N LEU A 43 -0.65 -7.59 25.30
CA LEU A 43 -2.00 -8.11 25.15
C LEU A 43 -2.72 -8.07 26.49
N PRO A 44 -4.05 -8.10 26.48
CA PRO A 44 -4.80 -8.02 27.74
C PRO A 44 -4.53 -9.21 28.63
N GLY A 45 -4.73 -9.01 29.93
CA GLY A 45 -4.54 -10.08 30.90
C GLY A 45 -3.13 -10.25 31.39
N GLY A 46 -2.29 -9.23 31.28
CA GLY A 46 -0.93 -9.31 31.77
C GLY A 46 0.04 -10.01 30.86
N VAL A 47 -0.32 -10.24 29.59
CA VAL A 47 0.57 -10.88 28.63
C VAL A 47 1.44 -9.80 28.01
N ASN A 48 2.75 -9.85 28.29
N ASN A 48 2.75 -9.86 28.30
CA ASN A 48 3.68 -8.88 27.76
CA ASN A 48 3.70 -8.89 27.79
C ASN A 48 4.86 -9.51 27.01
C ASN A 48 4.83 -9.51 27.00
N THR A 49 4.94 -10.83 26.95
CA THR A 49 5.97 -11.51 26.19
C THR A 49 5.36 -12.61 25.34
N PRO A 50 5.97 -12.93 24.19
CA PRO A 50 5.46 -14.03 23.38
C PRO A 50 5.40 -15.35 24.12
N GLN A 51 6.35 -15.60 25.03
CA GLN A 51 6.33 -16.86 25.79
C GLN A 51 5.09 -16.94 26.67
N ARG A 52 4.70 -15.83 27.30
CA ARG A 52 3.50 -15.82 28.13
C ARG A 52 2.26 -16.06 27.28
N LEU A 53 2.22 -15.48 26.08
CA LEU A 53 1.09 -15.73 25.17
C LEU A 53 1.03 -17.20 24.78
N TRP A 54 2.19 -17.81 24.50
CA TRP A 54 2.20 -19.23 24.15
C TRP A 54 1.71 -20.08 25.32
N GLU A 55 2.15 -19.76 26.54
CA GLU A 55 1.70 -20.50 27.70
C GLU A 55 0.19 -20.37 27.89
N LEU A 56 -0.35 -19.17 27.70
CA LEU A 56 -1.79 -18.97 27.82
C LEU A 56 -2.54 -19.77 26.76
N LEU A 57 -2.04 -19.75 25.53
CA LEU A 57 -2.70 -20.51 24.46
C LEU A 57 -2.66 -22.01 24.72
N ARG A 58 -1.53 -22.51 25.21
N ARG A 58 -1.52 -22.51 25.20
CA ARG A 58 -1.39 -23.94 25.44
CA ARG A 58 -1.39 -23.94 25.44
C ARG A 58 -2.26 -24.41 26.60
C ARG A 58 -2.28 -24.39 26.59
N GLU A 59 -2.26 -23.65 27.70
CA GLU A 59 -3.09 -24.03 28.85
C GLU A 59 -4.57 -23.99 28.51
N GLY A 60 -4.99 -22.95 27.80
CA GLY A 60 -6.39 -22.79 27.43
C GLY A 60 -7.09 -21.86 28.40
N GLY A 61 -7.32 -20.62 27.97
CA GLY A 61 -7.94 -19.64 28.85
C GLY A 61 -8.24 -18.38 28.10
N GLU A 62 -8.90 -17.46 28.80
CA GLU A 62 -9.32 -16.19 28.23
C GLU A 62 -8.84 -15.05 29.12
N THR A 63 -8.71 -13.88 28.51
CA THR A 63 -8.33 -12.66 29.21
C THR A 63 -9.51 -11.77 29.50
N LEU A 64 -10.73 -12.29 29.37
CA LEU A 64 -11.93 -11.49 29.64
C LEU A 64 -11.94 -11.01 31.09
N SER A 65 -12.32 -9.75 31.28
CA SER A 65 -12.33 -9.14 32.60
C SER A 65 -13.31 -7.97 32.58
N GLY A 66 -13.42 -7.30 33.72
CA GLY A 66 -14.33 -6.18 33.85
C GLY A 66 -13.79 -4.90 33.25
N PHE A 67 -14.62 -3.87 33.31
CA PHE A 67 -14.24 -2.58 32.74
C PHE A 67 -13.12 -1.94 33.57
N PRO A 68 -12.25 -1.17 32.93
CA PRO A 68 -11.18 -0.49 33.66
C PRO A 68 -11.73 0.58 34.60
N THR A 69 -10.98 0.85 35.66
CA THR A 69 -11.37 1.85 36.65
C THR A 69 -10.46 3.07 36.68
N ASP A 70 -9.19 2.90 36.33
CA ASP A 70 -8.24 4.01 36.39
C ASP A 70 -8.31 4.95 35.19
N ARG A 71 -9.01 4.55 34.12
CA ARG A 71 -9.10 5.39 32.93
C ARG A 71 -10.01 6.59 33.14
N GLY A 72 -10.75 6.66 34.24
CA GLY A 72 -11.64 7.77 34.50
C GLY A 72 -13.02 7.64 33.90
N TRP A 73 -13.40 6.45 33.43
CA TRP A 73 -14.74 6.26 32.89
C TRP A 73 -15.78 6.31 34.00
N ASP A 74 -17.01 6.68 33.62
CA ASP A 74 -18.13 6.76 34.55
C ASP A 74 -18.92 5.46 34.43
N LEU A 75 -18.50 4.45 35.20
CA LEU A 75 -19.11 3.13 35.11
C LEU A 75 -20.50 3.06 35.74
N ALA A 76 -20.93 4.12 36.44
CA ALA A 76 -22.23 4.08 37.11
C ALA A 76 -23.36 4.00 36.08
N ARG A 77 -23.47 5.00 35.22
CA ARG A 77 -24.54 5.06 34.23
C ARG A 77 -24.13 4.50 32.87
N LEU A 78 -22.91 3.98 32.75
CA LEU A 78 -22.46 3.46 31.46
C LEU A 78 -23.19 2.17 31.09
N HIS A 79 -23.46 1.33 32.08
CA HIS A 79 -24.04 0.00 31.83
C HIS A 79 -25.54 0.02 32.11
N HIS A 80 -26.31 -0.56 31.18
CA HIS A 80 -27.75 -0.70 31.33
C HIS A 80 -28.16 -1.97 30.60
N PRO A 81 -28.89 -2.87 31.25
CA PRO A 81 -29.28 -4.13 30.59
C PRO A 81 -30.12 -3.94 29.34
N ASP A 82 -30.98 -2.93 29.31
CA ASP A 82 -31.86 -2.72 28.16
C ASP A 82 -31.07 -2.15 27.00
N PRO A 83 -31.03 -2.81 25.84
CA PRO A 83 -30.28 -2.26 24.71
C PRO A 83 -31.06 -1.18 23.95
N ASP A 84 -31.65 -0.24 24.69
CA ASP A 84 -32.39 0.85 24.08
C ASP A 84 -32.08 2.23 24.66
N ASN A 85 -31.56 2.31 25.87
CA ASN A 85 -31.22 3.61 26.45
C ASN A 85 -30.01 4.19 25.73
N PRO A 86 -30.09 5.42 25.22
CA PRO A 86 -28.95 6.01 24.52
C PRO A 86 -27.76 6.21 25.45
N GLY A 87 -26.57 6.03 24.90
CA GLY A 87 -25.36 6.21 25.66
C GLY A 87 -25.08 5.12 26.67
N THR A 88 -25.65 3.94 26.50
CA THR A 88 -25.45 2.83 27.42
C THR A 88 -25.11 1.57 26.63
N SER A 89 -24.33 0.69 27.26
CA SER A 89 -23.90 -0.57 26.67
C SER A 89 -24.40 -1.72 27.53
N TYR A 90 -25.02 -2.71 26.91
CA TYR A 90 -25.53 -3.86 27.66
C TYR A 90 -24.46 -4.89 27.98
N VAL A 91 -23.26 -4.72 27.46
CA VAL A 91 -22.14 -5.60 27.79
C VAL A 91 -21.17 -4.85 28.68
N ASP A 92 -20.53 -5.58 29.60
CA ASP A 92 -19.62 -4.94 30.54
C ASP A 92 -18.34 -5.73 30.75
N LYS A 93 -17.93 -6.56 29.79
CA LYS A 93 -16.70 -7.33 29.88
C LYS A 93 -15.93 -7.22 28.59
N GLY A 94 -14.61 -7.29 28.69
CA GLY A 94 -13.76 -7.22 27.52
C GLY A 94 -12.30 -7.26 27.93
N GLY A 95 -11.44 -7.46 26.95
CA GLY A 95 -10.01 -7.54 27.20
C GLY A 95 -9.36 -6.17 27.27
N PHE A 96 -8.81 -5.82 28.42
CA PHE A 96 -8.20 -4.52 28.63
C PHE A 96 -6.78 -4.70 29.17
N LEU A 97 -5.89 -3.81 28.75
CA LEU A 97 -4.52 -3.86 29.24
C LEU A 97 -4.45 -3.52 30.72
N ASP A 98 -3.56 -4.20 31.44
CA ASP A 98 -3.47 -4.00 32.88
C ASP A 98 -3.01 -2.58 33.22
N ASP A 99 -2.01 -2.07 32.50
CA ASP A 99 -1.44 -0.75 32.78
C ASP A 99 -1.20 -0.06 31.45
N ALA A 100 -2.20 0.70 30.99
CA ALA A 100 -2.11 1.44 29.74
C ALA A 100 -1.69 2.88 29.92
N ALA A 101 -1.54 3.35 31.16
CA ALA A 101 -1.16 4.73 31.44
C ALA A 101 0.26 4.87 31.94
N GLY A 102 1.05 3.79 31.89
CA GLY A 102 2.42 3.84 32.36
C GLY A 102 3.38 4.15 31.21
N PHE A 103 4.38 4.98 31.52
CA PHE A 103 5.34 5.39 30.51
C PHE A 103 6.60 5.89 31.19
N ASP A 104 7.74 5.72 30.52
CA ASP A 104 9.04 6.19 30.99
C ASP A 104 9.43 7.38 30.12
N ALA A 105 9.00 8.57 30.54
CA ALA A 105 9.24 9.77 29.73
C ALA A 105 10.73 10.08 29.62
N GLU A 106 11.47 9.93 30.73
CA GLU A 106 12.88 10.31 30.72
C GLU A 106 13.71 9.43 29.80
N PHE A 107 13.33 8.15 29.65
CA PHE A 107 14.12 7.24 28.83
C PHE A 107 14.15 7.69 27.37
N PHE A 108 13.02 8.14 26.85
CA PHE A 108 12.91 8.52 25.44
C PHE A 108 13.13 10.01 25.20
N GLY A 109 13.58 10.74 26.22
CA GLY A 109 13.82 12.16 26.06
C GLY A 109 12.57 12.97 25.79
N VAL A 110 11.50 12.71 26.54
CA VAL A 110 10.23 13.38 26.37
C VAL A 110 9.89 14.11 27.66
N SER A 111 9.56 15.40 27.54
CA SER A 111 9.16 16.17 28.71
C SER A 111 7.84 15.65 29.27
N PRO A 112 7.59 15.82 30.57
CA PRO A 112 6.36 15.31 31.15
C PRO A 112 5.09 15.87 30.52
N ARG A 113 5.10 17.13 30.10
CA ARG A 113 3.92 17.70 29.45
C ARG A 113 3.63 17.01 28.13
N GLU A 114 4.65 16.78 27.32
CA GLU A 114 4.46 16.08 26.05
C GLU A 114 3.97 14.66 26.27
N ALA A 115 4.54 13.97 27.27
CA ALA A 115 4.08 12.62 27.57
C ALA A 115 2.63 12.61 28.02
N ALA A 116 2.24 13.59 28.83
CA ALA A 116 0.84 13.68 29.26
C ALA A 116 -0.08 13.94 28.07
N ALA A 117 0.37 14.75 27.11
CA ALA A 117 -0.44 15.05 25.94
C ALA A 117 -0.32 13.99 24.85
N MET A 118 0.51 12.97 25.05
CA MET A 118 0.73 11.95 24.03
C MET A 118 -0.28 10.82 24.18
N ASP A 119 -0.78 10.33 23.05
CA ASP A 119 -1.71 9.21 23.05
C ASP A 119 -1.01 7.97 23.59
N PRO A 120 -1.70 7.14 24.39
CA PRO A 120 -1.05 5.93 24.92
C PRO A 120 -0.59 4.97 23.83
N GLN A 121 -1.23 4.99 22.66
CA GLN A 121 -0.83 4.09 21.59
C GLN A 121 0.61 4.37 21.16
N GLN A 122 0.98 5.65 21.05
CA GLN A 122 2.35 5.99 20.66
C GLN A 122 3.35 5.53 21.71
N ARG A 123 3.03 5.71 22.99
CA ARG A 123 3.94 5.30 24.05
C ARG A 123 4.14 3.78 24.04
N LEU A 124 3.05 3.03 23.93
CA LEU A 124 3.16 1.59 23.88
C LEU A 124 3.90 1.13 22.63
N LEU A 125 3.69 1.81 21.52
CA LEU A 125 4.42 1.47 20.30
C LEU A 125 5.92 1.69 20.46
N LEU A 126 6.30 2.80 21.10
CA LEU A 126 7.72 3.05 21.34
C LEU A 126 8.33 1.95 22.21
N GLU A 127 7.66 1.62 23.32
CA GLU A 127 8.19 0.61 24.22
C GLU A 127 8.29 -0.74 23.53
N THR A 128 7.25 -1.14 22.79
CA THR A 128 7.26 -2.43 22.12
C THR A 128 8.29 -2.47 21.01
N SER A 129 8.51 -1.36 20.30
CA SER A 129 9.53 -1.33 19.27
C SER A 129 10.92 -1.50 19.86
N TRP A 130 11.19 -0.82 20.99
CA TRP A 130 12.49 -1.01 21.63
C TRP A 130 12.67 -2.45 22.10
N GLU A 131 11.63 -3.04 22.69
CA GLU A 131 11.72 -4.42 23.13
C GLU A 131 11.93 -5.37 21.95
N LEU A 132 11.25 -5.11 20.84
CA LEU A 132 11.43 -5.95 19.65
C LEU A 132 12.84 -5.86 19.12
N VAL A 133 13.41 -4.66 19.05
CA VAL A 133 14.77 -4.52 18.56
C VAL A 133 15.75 -5.22 19.48
N GLU A 134 15.52 -5.13 20.80
CA GLU A 134 16.40 -5.81 21.74
C GLU A 134 16.27 -7.32 21.64
N ASN A 135 15.07 -7.83 21.36
CA ASN A 135 14.86 -9.28 21.32
C ASN A 135 15.60 -9.94 20.17
N ALA A 136 15.80 -9.23 19.07
CA ALA A 136 16.46 -9.80 17.90
C ALA A 136 17.95 -10.03 18.12
N GLY A 137 18.51 -9.53 19.21
CA GLY A 137 19.94 -9.61 19.41
C GLY A 137 20.73 -8.54 18.69
N ILE A 138 20.08 -7.44 18.33
CA ILE A 138 20.70 -6.34 17.60
C ILE A 138 20.83 -5.16 18.54
N ASP A 139 22.00 -4.53 18.54
CA ASP A 139 22.18 -3.31 19.32
C ASP A 139 21.27 -2.23 18.76
N PRO A 140 20.37 -1.67 19.56
CA PRO A 140 19.46 -0.63 19.03
C PRO A 140 20.19 0.59 18.50
N HIS A 141 21.33 0.95 19.09
CA HIS A 141 22.10 2.08 18.58
C HIS A 141 22.74 1.79 17.23
N SER A 142 22.95 0.51 16.90
CA SER A 142 23.55 0.18 15.61
C SER A 142 22.61 0.48 14.46
N LEU A 143 21.29 0.42 14.68
CA LEU A 143 20.35 0.69 13.62
C LEU A 143 20.25 2.15 13.26
N ARG A 144 20.87 3.04 14.03
CA ARG A 144 20.81 4.47 13.74
C ARG A 144 21.52 4.76 12.43
N GLY A 145 20.85 5.51 11.55
CA GLY A 145 21.40 5.85 10.25
C GLY A 145 21.20 4.81 9.17
N THR A 146 20.59 3.66 9.49
CA THR A 146 20.36 2.62 8.51
C THR A 146 19.12 2.96 7.69
N ALA A 147 18.61 1.99 6.93
CA ALA A 147 17.48 2.18 6.03
C ALA A 147 16.30 1.32 6.45
N THR A 148 16.00 1.29 7.75
CA THR A 148 14.90 0.48 8.26
C THR A 148 13.59 1.24 8.15
N GLY A 149 12.58 0.60 7.55
CA GLY A 149 11.27 1.19 7.40
C GLY A 149 10.31 0.73 8.49
N VAL A 150 9.22 1.49 8.64
CA VAL A 150 8.21 1.24 9.67
C VAL A 150 6.84 1.21 9.01
N PHE A 151 6.04 0.19 9.33
CA PHE A 151 4.69 0.06 8.78
C PHE A 151 3.75 -0.36 9.91
N LEU A 152 2.79 0.50 10.23
CA LEU A 152 1.91 0.29 11.37
C LEU A 152 0.45 0.45 10.98
N GLY A 153 -0.39 -0.34 11.64
CA GLY A 153 -1.83 -0.17 11.57
C GLY A 153 -2.36 0.51 12.82
N VAL A 154 -2.74 1.77 12.70
CA VAL A 154 -3.15 2.59 13.83
C VAL A 154 -4.29 3.49 13.41
N ALA A 155 -5.24 3.71 14.31
CA ALA A 155 -6.37 4.60 14.07
C ALA A 155 -6.66 5.41 15.32
N LYS A 156 -7.23 6.58 15.13
CA LYS A 156 -7.57 7.45 16.25
C LYS A 156 -8.77 6.89 17.01
N PHE A 157 -8.75 7.08 18.33
CA PHE A 157 -9.83 6.62 19.19
C PHE A 157 -10.46 7.72 20.04
N GLY A 158 -9.91 8.93 20.03
CA GLY A 158 -10.51 10.04 20.75
C GLY A 158 -9.87 10.33 22.09
N TYR A 159 -8.56 10.13 22.20
CA TYR A 159 -7.86 10.41 23.45
C TYR A 159 -7.74 11.91 23.66
N GLY A 160 -8.06 12.36 24.86
CA GLY A 160 -7.93 13.77 25.21
C GLY A 160 -8.79 14.70 24.38
N GLU A 161 -10.02 14.30 24.10
N GLU A 161 -10.02 14.30 24.10
CA GLU A 161 -10.94 15.12 23.32
CA GLU A 161 -10.94 15.12 23.32
C GLU A 161 -11.80 16.03 24.19
C GLU A 161 -11.80 16.03 24.19
N ASP A 162 -11.72 15.91 25.51
CA ASP A 162 -12.46 16.76 26.43
C ASP A 162 -11.58 17.81 27.09
N THR A 163 -10.35 17.96 26.62
CA THR A 163 -9.38 18.90 27.20
C THR A 163 -9.13 20.05 26.24
N ALA A 164 -9.05 21.26 26.78
CA ALA A 164 -8.84 22.48 26.00
C ALA A 164 -7.67 23.26 26.55
N ALA A 165 -6.55 22.58 26.77
CA ALA A 165 -5.35 23.21 27.32
C ALA A 165 -4.83 24.32 26.40
N ALA A 166 -4.94 25.56 26.85
CA ALA A 166 -4.57 26.69 25.99
C ALA A 166 -3.05 26.83 25.89
N GLU A 167 -2.34 26.65 26.99
CA GLU A 167 -0.88 26.86 27.03
C GLU A 167 -0.20 25.68 26.34
N ASP A 168 -0.21 25.73 25.01
CA ASP A 168 0.37 24.70 24.15
C ASP A 168 1.22 25.34 23.06
N VAL A 169 2.11 26.24 23.47
CA VAL A 169 2.96 26.95 22.51
C VAL A 169 3.79 25.97 21.70
N GLU A 170 4.30 24.92 22.35
CA GLU A 170 5.05 23.89 21.62
C GLU A 170 4.17 23.19 20.59
N GLY A 171 2.91 22.91 20.95
CA GLY A 171 2.01 22.25 20.03
C GLY A 171 1.93 20.76 20.24
N TYR A 172 1.96 20.33 21.49
CA TYR A 172 1.94 18.90 21.79
C TYR A 172 0.57 18.29 21.53
N SER A 173 -0.50 19.06 21.71
CA SER A 173 -1.84 18.52 21.57
C SER A 173 -2.18 18.14 20.14
N VAL A 174 -1.43 18.63 19.16
CA VAL A 174 -1.69 18.32 17.76
C VAL A 174 -0.92 17.08 17.32
N THR A 175 0.40 17.07 17.52
CA THR A 175 1.22 15.95 17.10
C THR A 175 1.07 14.73 18.01
N GLY A 176 0.42 14.87 19.16
CA GLY A 176 0.27 13.76 20.07
C GLY A 176 -0.87 12.82 19.77
N VAL A 177 -1.68 13.10 18.75
CA VAL A 177 -2.83 12.27 18.42
C VAL A 177 -2.83 11.94 16.94
N ALA A 178 -1.93 12.55 16.17
CA ALA A 178 -1.91 12.34 14.74
C ALA A 178 -1.42 10.94 14.41
N PRO A 179 -2.15 10.17 13.60
CA PRO A 179 -1.72 8.79 13.29
C PRO A 179 -0.37 8.72 12.59
N ALA A 180 -0.02 9.70 11.76
CA ALA A 180 1.29 9.67 11.09
C ALA A 180 2.41 9.79 12.10
N VAL A 181 2.23 10.60 13.14
CA VAL A 181 3.24 10.76 14.15
C VAL A 181 3.48 9.45 14.90
N ALA A 182 2.51 8.54 14.90
CA ALA A 182 2.70 7.26 15.58
C ALA A 182 3.90 6.50 15.03
N SER A 183 4.19 6.64 13.74
CA SER A 183 5.39 6.06 13.15
C SER A 183 6.52 7.08 13.00
N GLY A 184 6.18 8.36 12.81
CA GLY A 184 7.20 9.38 12.74
C GLY A 184 8.04 9.45 14.01
N ARG A 185 7.40 9.29 15.16
CA ARG A 185 8.12 9.34 16.43
C ARG A 185 9.05 8.15 16.58
N ILE A 186 8.61 6.97 16.16
CA ILE A 186 9.48 5.80 16.21
C ILE A 186 10.70 6.03 15.33
N SER A 187 10.48 6.50 14.11
CA SER A 187 11.60 6.77 13.20
C SER A 187 12.54 7.82 13.77
N TYR A 188 11.98 8.88 14.37
CA TYR A 188 12.80 9.97 14.90
C TYR A 188 13.63 9.51 16.10
N THR A 189 13.02 8.74 17.00
CA THR A 189 13.73 8.33 18.21
C THR A 189 14.77 7.26 17.91
N MET A 190 14.43 6.28 17.07
CA MET A 190 15.38 5.22 16.77
C MET A 190 16.41 5.62 15.73
N GLY A 191 16.23 6.75 15.05
CA GLY A 191 17.19 7.20 14.06
C GLY A 191 17.11 6.51 12.72
N LEU A 192 16.03 5.79 12.44
CA LEU A 192 15.89 5.09 11.18
C LEU A 192 15.68 6.08 10.03
N GLU A 193 15.98 5.62 8.81
CA GLU A 193 15.86 6.46 7.63
C GLU A 193 15.08 5.77 6.51
N GLY A 194 14.29 4.75 6.83
CA GLY A 194 13.46 4.10 5.85
C GLY A 194 12.09 4.73 5.76
N PRO A 195 11.29 4.30 4.80
CA PRO A 195 9.94 4.87 4.65
C PRO A 195 9.09 4.63 5.89
N SER A 196 8.25 5.60 6.21
CA SER A 196 7.37 5.55 7.38
C SER A 196 5.94 5.80 6.92
N ILE A 197 5.14 4.73 6.90
CA ILE A 197 3.77 4.79 6.40
C ILE A 197 2.83 4.26 7.48
N SER A 198 1.71 4.95 7.68
CA SER A 198 0.69 4.54 8.65
C SER A 198 -0.61 4.30 7.89
N VAL A 199 -0.87 3.04 7.58
CA VAL A 199 -2.06 2.68 6.82
C VAL A 199 -3.23 2.48 7.77
N ASP A 200 -4.45 2.53 7.22
CA ASP A 200 -5.66 2.32 8.01
C ASP A 200 -6.73 1.78 7.07
N THR A 201 -6.93 0.45 7.10
CA THR A 201 -7.99 -0.21 6.34
C THR A 201 -8.74 -1.14 7.30
N ALA A 202 -9.70 -0.57 8.02
CA ALA A 202 -10.62 -1.30 8.91
C ALA A 202 -9.77 -2.12 9.90
N CYS A 203 -10.09 -3.39 10.13
CA CYS A 203 -9.37 -4.22 11.08
C CYS A 203 -8.32 -5.10 10.42
N SER A 204 -8.11 -4.98 9.11
CA SER A 204 -7.08 -5.72 8.40
C SER A 204 -5.89 -4.83 8.04
N SER A 205 -5.67 -3.75 8.79
CA SER A 205 -4.60 -2.82 8.46
C SER A 205 -3.23 -3.45 8.62
N SER A 206 -3.06 -4.31 9.63
CA SER A 206 -1.74 -4.86 9.91
C SER A 206 -1.26 -5.77 8.79
N LEU A 207 -2.15 -6.58 8.23
CA LEU A 207 -1.74 -7.45 7.12
C LEU A 207 -1.44 -6.65 5.86
N VAL A 208 -2.18 -5.56 5.62
CA VAL A 208 -1.86 -4.68 4.51
C VAL A 208 -0.48 -4.07 4.69
N ALA A 209 -0.17 -3.64 5.92
CA ALA A 209 1.16 -3.12 6.22
C ALA A 209 2.22 -4.18 5.99
N LEU A 210 1.94 -5.43 6.36
CA LEU A 210 2.88 -6.52 6.11
C LEU A 210 3.12 -6.71 4.63
N HIS A 211 2.05 -6.66 3.82
CA HIS A 211 2.20 -6.79 2.38
C HIS A 211 3.05 -5.66 1.81
N LEU A 212 2.80 -4.43 2.24
CA LEU A 212 3.58 -3.29 1.76
C LEU A 212 5.04 -3.43 2.17
N ALA A 213 5.29 -3.88 3.39
CA ALA A 213 6.67 -4.05 3.86
C ALA A 213 7.38 -5.13 3.06
N VAL A 214 6.68 -6.22 2.75
CA VAL A 214 7.28 -7.28 1.94
C VAL A 214 7.64 -6.75 0.56
N GLU A 215 6.73 -5.97 -0.04
CA GLU A 215 7.03 -5.39 -1.35
C GLU A 215 8.23 -4.46 -1.29
N SER A 216 8.30 -3.61 -0.25
CA SER A 216 9.42 -2.70 -0.12
C SER A 216 10.73 -3.45 0.08
N LEU A 217 10.72 -4.51 0.89
CA LEU A 217 11.93 -5.29 1.11
C LEU A 217 12.38 -5.97 -0.18
N ARG A 218 11.43 -6.52 -0.94
CA ARG A 218 11.79 -7.18 -2.20
C ARG A 218 12.37 -6.18 -3.20
N LYS A 219 11.80 -4.97 -3.25
CA LYS A 219 12.33 -3.95 -4.14
C LYS A 219 13.76 -3.57 -3.78
N GLY A 220 14.04 -3.43 -2.49
CA GLY A 220 15.34 -3.02 -2.03
C GLY A 220 15.43 -1.63 -1.45
N GLU A 221 14.30 -0.94 -1.28
CA GLU A 221 14.32 0.39 -0.68
C GLU A 221 14.79 0.33 0.77
N SER A 222 14.35 -0.69 1.51
CA SER A 222 14.67 -0.83 2.92
C SER A 222 15.33 -2.18 3.16
N SER A 223 16.23 -2.23 4.14
CA SER A 223 16.91 -3.47 4.50
C SER A 223 16.23 -4.19 5.65
N MET A 224 15.42 -3.50 6.44
CA MET A 224 14.67 -4.10 7.53
C MET A 224 13.33 -3.41 7.64
N ALA A 225 12.34 -4.12 8.18
CA ALA A 225 11.00 -3.58 8.31
C ALA A 225 10.47 -3.85 9.71
N VAL A 226 9.90 -2.83 10.34
CA VAL A 226 9.22 -2.96 11.62
C VAL A 226 7.72 -2.88 11.30
N VAL A 227 7.06 -4.04 11.28
CA VAL A 227 5.66 -4.10 10.89
C VAL A 227 4.82 -4.35 12.14
N GLY A 228 3.59 -3.88 12.12
CA GLY A 228 2.71 -4.24 13.22
C GLY A 228 1.47 -3.36 13.27
N GLY A 229 0.83 -3.40 14.43
CA GLY A 229 -0.38 -2.63 14.65
C GLY A 229 -0.59 -2.35 16.11
N ALA A 230 -1.46 -1.38 16.38
CA ALA A 230 -1.74 -0.97 17.75
C ALA A 230 -3.20 -0.53 17.87
N ALA A 231 -3.79 -0.81 19.03
CA ALA A 231 -5.18 -0.41 19.26
C ALA A 231 -5.40 -0.34 20.78
N VAL A 232 -5.59 0.86 21.30
CA VAL A 232 -5.90 1.08 22.71
C VAL A 232 -7.09 2.02 22.79
N MET A 233 -8.12 1.62 23.54
CA MET A 233 -9.32 2.40 23.67
C MET A 233 -9.24 3.30 24.90
N ALA A 234 -9.43 4.60 24.71
CA ALA A 234 -9.41 5.56 25.80
C ALA A 234 -10.79 6.02 26.21
N THR A 235 -11.80 5.83 25.35
CA THR A 235 -13.17 6.22 25.64
C THR A 235 -14.09 5.02 25.42
N PRO A 236 -15.18 4.92 26.18
CA PRO A 236 -16.11 3.80 26.01
C PRO A 236 -17.07 3.95 24.84
N GLY A 237 -16.82 4.88 23.93
CA GLY A 237 -17.77 5.12 22.85
C GLY A 237 -17.96 3.91 21.95
N VAL A 238 -16.87 3.23 21.62
CA VAL A 238 -16.92 2.12 20.67
C VAL A 238 -18.00 1.13 21.07
N PHE A 239 -17.90 0.60 22.29
CA PHE A 239 -18.92 -0.34 22.78
C PHE A 239 -20.31 0.24 22.60
N VAL A 240 -20.50 1.49 23.04
CA VAL A 240 -21.81 2.12 22.97
C VAL A 240 -22.32 2.08 21.53
N ASP A 241 -21.46 2.45 20.59
CA ASP A 241 -21.87 2.43 19.19
C ASP A 241 -22.38 1.05 18.79
N PHE A 242 -21.58 0.02 19.07
CA PHE A 242 -22.01 -1.32 18.70
C PHE A 242 -23.20 -1.79 19.53
N SER A 243 -23.37 -1.22 20.72
CA SER A 243 -24.55 -1.56 21.51
C SER A 243 -25.82 -1.08 20.83
N ARG A 244 -25.74 -0.10 19.94
CA ARG A 244 -26.91 0.29 19.16
C ARG A 244 -27.19 -0.71 18.04
N GLN A 245 -26.17 -1.41 17.56
CA GLN A 245 -26.34 -2.36 16.47
C GLN A 245 -26.59 -3.78 16.96
N ARG A 246 -26.53 -4.01 18.28
CA ARG A 246 -26.73 -5.35 18.86
C ARG A 246 -25.76 -6.36 18.26
N ALA A 247 -24.53 -5.92 17.98
CA ALA A 247 -23.51 -6.78 17.40
C ALA A 247 -22.53 -7.32 18.42
N LEU A 248 -22.76 -7.07 19.71
CA LEU A 248 -21.86 -7.52 20.76
C LEU A 248 -22.45 -8.70 21.52
N ALA A 249 -21.63 -9.70 21.80
CA ALA A 249 -22.08 -10.84 22.57
C ALA A 249 -22.40 -10.43 23.99
N ALA A 250 -23.49 -10.97 24.52
CA ALA A 250 -23.92 -10.60 25.87
C ALA A 250 -22.89 -11.00 26.92
N ASP A 251 -22.35 -12.21 26.83
CA ASP A 251 -21.37 -12.67 27.80
C ASP A 251 -19.99 -12.05 27.55
N GLY A 252 -19.69 -11.68 26.32
CA GLY A 252 -18.41 -11.10 25.97
C GLY A 252 -17.44 -12.05 25.31
N ARG A 253 -17.74 -13.34 25.27
CA ARG A 253 -16.86 -14.31 24.63
C ARG A 253 -17.15 -14.37 23.14
N SER A 254 -16.09 -14.33 22.34
CA SER A 254 -16.21 -14.42 20.89
C SER A 254 -16.06 -15.88 20.49
N LYS A 255 -17.19 -16.56 20.30
CA LYS A 255 -17.19 -17.99 19.96
C LYS A 255 -17.09 -18.13 18.45
N ALA A 256 -15.92 -18.53 17.97
CA ALA A 256 -15.68 -18.67 16.54
C ALA A 256 -16.11 -20.06 16.09
N PHE A 257 -16.96 -20.11 15.06
CA PHE A 257 -17.49 -21.36 14.51
C PHE A 257 -18.21 -22.19 15.57
N GLY A 258 -18.79 -21.52 16.56
CA GLY A 258 -19.48 -22.18 17.63
C GLY A 258 -21.00 -22.18 17.43
N ALA A 259 -21.69 -22.81 18.39
CA ALA A 259 -23.14 -22.87 18.32
C ALA A 259 -23.77 -21.52 18.59
N GLY A 260 -23.28 -20.80 19.59
CA GLY A 260 -23.88 -19.52 19.95
C GLY A 260 -23.65 -18.44 18.91
N ALA A 261 -22.39 -17.99 18.80
CA ALA A 261 -21.99 -16.98 17.81
C ALA A 261 -22.95 -15.79 17.80
N ASP A 262 -23.10 -15.16 18.96
CA ASP A 262 -24.00 -14.03 19.11
C ASP A 262 -23.33 -12.69 18.86
N GLY A 263 -22.03 -12.67 18.59
CA GLY A 263 -21.33 -11.42 18.36
C GLY A 263 -19.85 -11.59 18.64
N PHE A 264 -19.18 -10.44 18.80
CA PHE A 264 -17.76 -10.42 19.11
C PHE A 264 -17.50 -9.55 20.33
N GLY A 265 -16.40 -9.83 21.01
CA GLY A 265 -15.96 -9.06 22.16
C GLY A 265 -14.64 -8.36 21.85
N PHE A 266 -14.64 -7.05 22.03
CA PHE A 266 -13.48 -6.24 21.67
C PHE A 266 -12.39 -6.37 22.71
N SER A 267 -11.17 -6.05 22.29
CA SER A 267 -10.01 -6.07 23.19
C SER A 267 -8.96 -5.13 22.64
N GLU A 268 -8.06 -4.71 23.53
CA GLU A 268 -6.94 -3.86 23.16
C GLU A 268 -5.73 -4.71 22.83
N GLY A 269 -4.68 -4.06 22.33
CA GLY A 269 -3.45 -4.78 22.06
C GLY A 269 -2.48 -4.08 21.12
N VAL A 270 -1.19 -4.36 21.29
CA VAL A 270 -0.14 -3.86 20.43
C VAL A 270 0.72 -5.04 20.00
N THR A 271 1.04 -5.11 18.72
CA THR A 271 1.83 -6.24 18.21
C THR A 271 2.80 -5.73 17.16
N LEU A 272 4.03 -6.27 17.18
CA LEU A 272 5.05 -5.87 16.24
C LEU A 272 5.91 -7.08 15.87
N VAL A 273 6.38 -7.09 14.62
CA VAL A 273 7.32 -8.09 14.12
C VAL A 273 8.40 -7.39 13.32
N LEU A 274 9.53 -8.06 13.16
CA LEU A 274 10.67 -7.56 12.42
C LEU A 274 10.90 -8.45 11.20
N LEU A 275 11.04 -7.81 10.03
CA LEU A 275 11.15 -8.53 8.77
C LEU A 275 12.46 -8.17 8.07
N GLU A 276 13.10 -9.19 7.50
CA GLU A 276 14.33 -9.03 6.74
C GLU A 276 14.41 -10.15 5.72
N ARG A 277 15.14 -9.91 4.64
CA ARG A 277 15.32 -10.92 3.61
C ARG A 277 16.08 -12.12 4.16
N LEU A 278 15.71 -13.31 3.69
CA LEU A 278 16.31 -14.54 4.23
C LEU A 278 17.80 -14.61 3.94
N SER A 279 18.20 -14.24 2.73
CA SER A 279 19.63 -14.32 2.37
C SER A 279 20.45 -13.39 3.24
N GLU A 280 19.98 -12.15 3.42
CA GLU A 280 20.71 -11.20 4.28
C GLU A 280 20.68 -11.64 5.73
N ALA A 281 19.58 -12.24 6.18
CA ALA A 281 19.50 -12.75 7.55
C ALA A 281 20.52 -13.86 7.77
N ARG A 282 20.68 -14.75 6.79
CA ARG A 282 21.69 -15.80 6.90
C ARG A 282 23.09 -15.21 6.86
N ARG A 283 23.32 -14.20 6.01
CA ARG A 283 24.63 -13.59 5.91
C ARG A 283 25.03 -12.91 7.21
N ASN A 284 24.11 -12.17 7.82
CA ASN A 284 24.42 -11.42 9.03
C ASN A 284 24.37 -12.28 10.29
N GLY A 285 23.83 -13.49 10.22
CA GLY A 285 23.76 -14.36 11.36
C GLY A 285 22.58 -14.14 12.29
N HIS A 286 21.58 -13.37 11.87
CA HIS A 286 20.40 -13.17 12.70
C HIS A 286 19.60 -14.45 12.79
N GLU A 287 18.96 -14.65 13.94
CA GLU A 287 18.09 -15.80 14.14
C GLU A 287 16.86 -15.71 13.25
N VAL A 288 16.43 -16.84 12.74
CA VAL A 288 15.27 -16.92 11.84
C VAL A 288 14.22 -17.80 12.50
N LEU A 289 12.99 -17.29 12.57
CA LEU A 289 11.88 -18.00 13.20
C LEU A 289 10.91 -18.59 12.19
N ALA A 290 10.54 -17.82 11.16
CA ALA A 290 9.60 -18.30 10.15
C ALA A 290 9.88 -17.54 8.86
N VAL A 291 9.25 -18.00 7.77
CA VAL A 291 9.46 -17.42 6.45
C VAL A 291 8.11 -17.07 5.86
N VAL A 292 7.90 -15.79 5.59
CA VAL A 292 6.74 -15.32 4.83
C VAL A 292 7.05 -15.49 3.35
N ARG A 293 6.16 -16.15 2.62
CA ARG A 293 6.39 -16.47 1.21
C ARG A 293 5.59 -15.59 0.26
N GLY A 294 4.27 -15.54 0.41
CA GLY A 294 3.44 -14.80 -0.50
C GLY A 294 2.26 -14.16 0.19
N SER A 295 1.66 -13.19 -0.49
CA SER A 295 0.49 -12.49 0.03
C SER A 295 -0.29 -11.90 -1.14
N ALA A 296 -1.53 -11.54 -0.87
CA ALA A 296 -2.40 -10.98 -1.90
C ALA A 296 -3.48 -10.12 -1.25
N LEU A 297 -3.96 -9.14 -2.02
CA LEU A 297 -5.02 -8.24 -1.57
C LEU A 297 -6.03 -8.08 -2.69
N ASN A 298 -7.27 -7.75 -2.32
CA ASN A 298 -8.30 -7.46 -3.30
C ASN A 298 -9.39 -6.65 -2.61
N GLN A 299 -10.51 -6.45 -3.30
CA GLN A 299 -11.66 -5.74 -2.78
C GLN A 299 -12.90 -6.62 -2.89
N ASP A 300 -13.81 -6.45 -1.93
CA ASP A 300 -15.07 -7.17 -1.99
C ASP A 300 -15.89 -6.72 -3.20
N GLY A 301 -15.86 -5.43 -3.51
CA GLY A 301 -16.62 -4.92 -4.65
C GLY A 301 -18.10 -4.81 -4.35
N ALA A 302 -18.91 -4.99 -5.39
CA ALA A 302 -20.35 -4.92 -5.25
C ALA A 302 -20.84 -6.12 -4.44
N SER A 303 -21.24 -5.88 -3.20
CA SER A 303 -21.71 -6.95 -2.33
C SER A 303 -23.07 -6.61 -1.75
N ASN A 304 -23.56 -7.43 -0.82
CA ASN A 304 -24.86 -7.22 -0.19
C ASN A 304 -24.72 -6.19 0.94
N GLY A 305 -24.43 -4.97 0.55
CA GLY A 305 -24.20 -3.90 1.49
C GLY A 305 -22.71 -3.59 1.63
N LEU A 306 -22.44 -2.41 2.20
CA LEU A 306 -21.06 -1.96 2.36
C LEU A 306 -20.30 -2.85 3.33
N SER A 307 -20.94 -3.24 4.44
CA SER A 307 -20.24 -3.94 5.51
C SER A 307 -20.23 -5.45 5.35
N ALA A 308 -21.21 -6.02 4.64
CA ALA A 308 -21.29 -7.47 4.53
C ALA A 308 -20.13 -8.01 3.70
N PRO A 309 -19.62 -9.19 4.04
CA PRO A 309 -18.52 -9.78 3.27
C PRO A 309 -19.06 -10.52 2.04
N SER A 310 -18.13 -11.15 1.32
CA SER A 310 -18.48 -11.89 0.11
C SER A 310 -17.53 -13.07 -0.06
N GLY A 311 -18.09 -14.25 -0.28
CA GLY A 311 -17.32 -15.46 -0.43
C GLY A 311 -16.40 -15.50 -1.64
N PRO A 312 -16.92 -15.13 -2.83
CA PRO A 312 -16.06 -15.18 -4.03
C PRO A 312 -14.80 -14.34 -3.90
N ALA A 313 -14.88 -13.18 -3.24
CA ALA A 313 -13.67 -12.38 -3.04
C ALA A 313 -12.66 -13.13 -2.20
N GLN A 314 -13.11 -13.80 -1.14
CA GLN A 314 -12.19 -14.57 -0.30
C GLN A 314 -11.56 -15.72 -1.09
N ARG A 315 -12.36 -16.41 -1.91
CA ARG A 315 -11.81 -17.48 -2.73
C ARG A 315 -10.76 -16.95 -3.69
N ARG A 316 -11.03 -15.80 -4.32
CA ARG A 316 -10.06 -15.21 -5.23
C ARG A 316 -8.78 -14.82 -4.50
N VAL A 317 -8.92 -14.27 -3.29
CA VAL A 317 -7.74 -13.90 -2.51
C VAL A 317 -6.89 -15.13 -2.21
N ILE A 318 -7.55 -16.22 -1.78
CA ILE A 318 -6.81 -17.42 -1.44
C ILE A 318 -6.09 -17.98 -2.66
N ARG A 319 -6.79 -18.04 -3.80
CA ARG A 319 -6.17 -18.57 -5.01
C ARG A 319 -5.00 -17.69 -5.46
N GLN A 320 -5.15 -16.37 -5.41
CA GLN A 320 -4.07 -15.49 -5.82
C GLN A 320 -2.87 -15.61 -4.89
N ALA A 321 -3.11 -15.70 -3.58
CA ALA A 321 -2.02 -15.86 -2.64
C ALA A 321 -1.27 -17.17 -2.87
N LEU A 322 -2.02 -18.24 -3.12
CA LEU A 322 -1.36 -19.53 -3.39
C LEU A 322 -0.56 -19.48 -4.69
N GLU A 323 -1.10 -18.81 -5.72
CA GLU A 323 -0.44 -18.81 -7.01
C GLU A 323 0.79 -17.92 -7.01
N SER A 324 0.78 -16.82 -6.24
CA SER A 324 1.89 -15.88 -6.27
C SER A 324 3.19 -16.52 -5.82
N CYS A 325 3.13 -17.32 -4.74
CA CYS A 325 4.33 -17.96 -4.21
C CYS A 325 4.69 -19.26 -4.91
N GLY A 326 3.88 -19.70 -5.86
CA GLY A 326 4.16 -20.93 -6.58
C GLY A 326 3.72 -22.20 -5.90
N LEU A 327 2.96 -22.09 -4.80
CA LEU A 327 2.51 -23.26 -4.07
C LEU A 327 1.21 -23.78 -4.67
N GLU A 328 0.70 -24.87 -4.10
CA GLU A 328 -0.53 -25.51 -4.54
C GLU A 328 -1.38 -25.84 -3.33
N PRO A 329 -2.71 -25.72 -3.42
CA PRO A 329 -3.55 -26.09 -2.29
C PRO A 329 -3.43 -27.57 -1.97
N GLY A 330 -2.87 -27.88 -0.80
CA GLY A 330 -2.57 -29.25 -0.43
C GLY A 330 -1.24 -29.32 0.30
N ASP A 331 -0.45 -28.27 0.17
CA ASP A 331 0.81 -28.14 0.90
C ASP A 331 0.67 -27.30 2.17
N VAL A 332 -0.53 -26.86 2.49
CA VAL A 332 -0.80 -26.06 3.69
C VAL A 332 -1.42 -26.96 4.74
N ASP A 333 -0.84 -26.98 5.94
CA ASP A 333 -1.29 -27.87 7.00
C ASP A 333 -2.44 -27.28 7.80
N ALA A 334 -2.41 -25.97 8.08
CA ALA A 334 -3.45 -25.35 8.90
C ALA A 334 -3.66 -23.92 8.43
N VAL A 335 -4.85 -23.41 8.75
CA VAL A 335 -5.24 -22.04 8.38
C VAL A 335 -5.73 -21.34 9.63
N GLU A 336 -5.19 -20.16 9.89
CA GLU A 336 -5.61 -19.32 11.01
C GLU A 336 -6.68 -18.38 10.45
N ALA A 337 -7.93 -18.68 10.74
CA ALA A 337 -9.05 -17.97 10.14
C ALA A 337 -9.32 -16.65 10.87
N HIS A 338 -10.20 -15.84 10.27
CA HIS A 338 -10.62 -14.61 10.91
C HIS A 338 -11.40 -14.91 12.18
N GLY A 339 -12.54 -15.60 12.06
CA GLY A 339 -13.28 -16.07 13.21
C GLY A 339 -13.77 -15.00 14.15
N THR A 340 -14.39 -13.95 13.62
CA THR A 340 -14.89 -12.88 14.47
C THR A 340 -15.97 -13.36 15.43
N GLY A 341 -16.64 -14.46 15.11
CA GLY A 341 -17.66 -14.99 15.99
C GLY A 341 -19.06 -14.49 15.75
N THR A 342 -19.32 -13.88 14.58
CA THR A 342 -20.65 -13.39 14.27
C THR A 342 -21.56 -14.56 13.86
N ALA A 343 -22.84 -14.24 13.66
CA ALA A 343 -23.81 -15.28 13.34
C ALA A 343 -23.60 -15.84 11.95
N LEU A 344 -23.27 -14.98 10.97
CA LEU A 344 -23.20 -15.39 9.58
C LEU A 344 -21.83 -15.22 8.94
N GLY A 345 -20.90 -14.50 9.56
CA GLY A 345 -19.57 -14.38 9.00
C GLY A 345 -18.81 -15.69 9.01
N ASP A 346 -18.90 -16.43 10.12
CA ASP A 346 -18.23 -17.72 10.21
C ASP A 346 -18.71 -18.72 9.17
N PRO A 347 -20.02 -18.88 8.91
CA PRO A 347 -20.42 -19.76 7.80
C PRO A 347 -19.83 -19.36 6.46
N ILE A 348 -19.75 -18.06 6.17
CA ILE A 348 -19.19 -17.61 4.90
C ILE A 348 -17.72 -17.97 4.80
N GLU A 349 -16.96 -17.67 5.86
CA GLU A 349 -15.53 -17.97 5.84
C GLU A 349 -15.29 -19.47 5.74
N ALA A 350 -16.05 -20.27 6.49
CA ALA A 350 -15.87 -21.72 6.45
C ALA A 350 -16.24 -22.28 5.08
N ASN A 351 -17.29 -21.76 4.47
CA ASN A 351 -17.67 -22.23 3.13
C ASN A 351 -16.59 -21.89 2.11
N ALA A 352 -16.04 -20.67 2.20
CA ALA A 352 -14.95 -20.30 1.29
C ALA A 352 -13.74 -21.20 1.47
N LEU A 353 -13.38 -21.48 2.73
CA LEU A 353 -12.24 -22.34 2.99
C LEU A 353 -12.50 -23.76 2.48
N LEU A 354 -13.71 -24.27 2.65
CA LEU A 354 -14.05 -25.60 2.14
C LEU A 354 -13.96 -25.63 0.62
N ASP A 355 -14.44 -24.58 -0.04
CA ASP A 355 -14.41 -24.53 -1.50
C ASP A 355 -12.98 -24.48 -2.02
N THR A 356 -12.11 -23.70 -1.38
CA THR A 356 -10.77 -23.48 -1.93
C THR A 356 -9.75 -24.51 -1.46
N TYR A 357 -9.96 -25.15 -0.31
CA TYR A 357 -9.02 -26.13 0.23
C TYR A 357 -9.62 -27.51 0.35
N GLY A 358 -10.90 -27.62 0.70
CA GLY A 358 -11.49 -28.92 0.98
C GLY A 358 -11.58 -29.81 -0.25
N ARG A 359 -11.84 -29.21 -1.41
CA ARG A 359 -12.00 -30.01 -2.62
C ARG A 359 -10.67 -30.67 -3.01
N ASP A 360 -10.75 -31.91 -3.46
CA ASP A 360 -9.59 -32.70 -3.88
C ASP A 360 -8.52 -32.73 -2.79
N ARG A 361 -8.96 -32.97 -1.56
CA ARG A 361 -8.08 -33.03 -0.41
C ARG A 361 -7.98 -34.47 0.09
N ASP A 362 -6.78 -34.84 0.53
CA ASP A 362 -6.56 -36.18 1.07
C ASP A 362 -7.47 -36.42 2.26
N ALA A 363 -8.09 -37.60 2.30
CA ALA A 363 -9.00 -37.96 3.38
C ALA A 363 -8.27 -38.27 4.68
N ASP A 364 -6.95 -38.43 4.64
CA ASP A 364 -6.18 -38.75 5.84
C ASP A 364 -5.51 -37.54 6.47
N ARG A 365 -5.42 -36.43 5.76
CA ARG A 365 -4.76 -35.22 6.25
C ARG A 365 -5.69 -34.04 6.07
N PRO A 366 -6.72 -33.91 6.91
CA PRO A 366 -7.62 -32.77 6.79
C PRO A 366 -6.94 -31.47 7.19
N LEU A 367 -7.46 -30.37 6.65
CA LEU A 367 -6.92 -29.05 6.97
C LEU A 367 -7.43 -28.62 8.34
N TRP A 368 -6.49 -28.34 9.25
CA TRP A 368 -6.85 -27.92 10.60
C TRP A 368 -7.27 -26.45 10.58
N LEU A 369 -8.40 -26.15 11.23
CA LEU A 369 -8.95 -24.81 11.26
C LEU A 369 -9.07 -24.34 12.69
N GLY A 370 -8.70 -23.08 12.92
CA GLY A 370 -8.79 -22.48 14.25
C GLY A 370 -8.60 -20.99 14.16
N SER A 371 -8.84 -20.33 15.29
CA SER A 371 -8.69 -18.88 15.37
C SER A 371 -8.17 -18.50 16.75
N VAL A 372 -7.54 -17.34 16.82
CA VAL A 372 -6.97 -16.85 18.06
C VAL A 372 -7.92 -15.91 18.80
N LYS A 373 -8.96 -15.40 18.14
CA LYS A 373 -9.89 -14.49 18.81
C LYS A 373 -10.72 -15.21 19.87
N SER A 374 -10.78 -16.54 19.84
CA SER A 374 -11.52 -17.26 20.87
C SER A 374 -10.82 -17.23 22.22
N ASN A 375 -9.55 -16.84 22.25
CA ASN A 375 -8.79 -16.78 23.50
C ASN A 375 -8.62 -15.36 24.01
N ILE A 376 -8.28 -14.41 23.13
CA ILE A 376 -7.98 -13.04 23.55
C ILE A 376 -8.96 -12.03 23.00
N GLY A 377 -9.87 -12.42 22.12
CA GLY A 377 -10.83 -11.49 21.55
C GLY A 377 -10.31 -10.78 20.33
N HIS A 378 -11.19 -9.99 19.73
CA HIS A 378 -10.86 -9.24 18.52
C HIS A 378 -10.11 -7.98 18.91
N THR A 379 -8.81 -7.94 18.65
CA THR A 379 -7.98 -6.80 19.06
C THR A 379 -7.88 -5.75 17.96
N GLN A 380 -9.04 -5.34 17.44
CA GLN A 380 -9.19 -4.18 16.55
C GLN A 380 -8.19 -4.28 15.40
N ALA A 381 -7.38 -3.24 15.13
CA ALA A 381 -6.51 -3.24 13.97
C ALA A 381 -5.34 -4.22 14.12
N ALA A 382 -4.86 -4.41 15.34
CA ALA A 382 -3.72 -5.28 15.58
C ALA A 382 -4.10 -6.77 15.59
N ALA A 383 -5.31 -7.11 15.16
CA ALA A 383 -5.75 -8.50 15.20
C ALA A 383 -4.95 -9.37 14.24
N GLY A 384 -4.85 -8.95 12.98
CA GLY A 384 -4.25 -9.75 11.93
C GLY A 384 -2.88 -10.28 12.29
N VAL A 385 -1.90 -9.38 12.45
CA VAL A 385 -0.55 -9.80 12.78
C VAL A 385 -0.54 -10.58 14.08
N THR A 386 -1.48 -10.30 14.99
CA THR A 386 -1.57 -11.07 16.23
C THR A 386 -1.72 -12.56 15.94
N GLY A 387 -2.65 -12.88 15.04
CA GLY A 387 -2.79 -14.27 14.64
C GLY A 387 -1.50 -14.85 14.10
N LEU A 388 -0.77 -14.04 13.32
CA LEU A 388 0.53 -14.46 12.81
C LEU A 388 1.41 -14.96 13.95
N LEU A 389 1.46 -14.21 15.06
CA LEU A 389 2.28 -14.62 16.19
C LEU A 389 1.95 -16.06 16.59
N LYS A 390 0.66 -16.37 16.73
CA LYS A 390 0.27 -17.72 17.11
C LYS A 390 0.90 -18.74 16.19
N VAL A 391 0.79 -18.52 14.88
CA VAL A 391 1.35 -19.47 13.92
C VAL A 391 2.84 -19.64 14.16
N VAL A 392 3.55 -18.53 14.35
CA VAL A 392 4.99 -18.61 14.59
C VAL A 392 5.27 -19.44 15.82
N LEU A 393 4.49 -19.24 16.89
CA LEU A 393 4.69 -20.04 18.09
C LEU A 393 4.41 -21.51 17.78
N ALA A 394 3.37 -21.79 17.01
CA ALA A 394 3.08 -23.16 16.62
C ALA A 394 4.22 -23.77 15.81
N LEU A 395 5.01 -22.94 15.13
CA LEU A 395 6.14 -23.44 14.37
C LEU A 395 7.40 -23.61 15.21
N ARG A 396 7.39 -23.14 16.46
CA ARG A 396 8.57 -23.24 17.32
C ARG A 396 8.46 -24.36 18.34
N ASN A 397 7.37 -24.39 19.10
CA ASN A 397 7.19 -25.45 20.08
C ASN A 397 6.78 -26.77 19.44
N GLY A 398 5.99 -26.71 18.38
CA GLY A 398 5.65 -27.89 17.62
C GLY A 398 4.27 -28.47 17.84
N GLU A 399 3.28 -27.65 18.21
CA GLU A 399 1.92 -28.15 18.37
C GLU A 399 0.95 -27.01 18.12
N LEU A 400 -0.27 -27.38 17.72
CA LEU A 400 -1.30 -26.41 17.40
C LEU A 400 -2.22 -26.22 18.59
N PRO A 401 -2.38 -25.01 19.11
CA PRO A 401 -3.31 -24.80 20.22
C PRO A 401 -4.75 -25.04 19.79
N ALA A 402 -5.57 -25.48 20.74
CA ALA A 402 -6.97 -25.77 20.47
C ALA A 402 -7.79 -24.49 20.41
N THR A 403 -9.01 -24.61 19.91
CA THR A 403 -9.96 -23.51 19.82
C THR A 403 -11.10 -23.75 20.81
N LEU A 404 -11.42 -22.72 21.58
CA LEU A 404 -12.46 -22.83 22.59
C LEU A 404 -13.84 -22.70 21.97
N HIS A 405 -14.85 -23.13 22.72
CA HIS A 405 -16.25 -23.02 22.32
C HIS A 405 -16.50 -23.71 20.98
N VAL A 406 -16.05 -24.96 20.89
CA VAL A 406 -16.09 -25.72 19.64
C VAL A 406 -16.93 -26.99 19.76
N GLU A 407 -17.27 -27.42 20.98
CA GLU A 407 -17.90 -28.73 21.18
C GLU A 407 -19.18 -28.89 20.37
N GLU A 408 -19.84 -27.79 20.03
CA GLU A 408 -21.04 -27.82 19.18
C GLU A 408 -20.75 -26.98 17.93
N PRO A 409 -20.26 -27.59 16.87
CA PRO A 409 -19.97 -26.83 15.65
C PRO A 409 -21.23 -26.25 15.03
N THR A 410 -21.06 -25.17 14.29
CA THR A 410 -22.18 -24.48 13.69
C THR A 410 -22.88 -25.39 12.68
N PRO A 411 -24.19 -25.57 12.77
CA PRO A 411 -24.90 -26.43 11.79
C PRO A 411 -24.96 -25.82 10.40
N HIS A 412 -24.73 -24.52 10.26
CA HIS A 412 -24.81 -23.89 8.95
C HIS A 412 -23.73 -24.43 8.02
N VAL A 413 -22.54 -24.66 8.55
CA VAL A 413 -21.44 -25.21 7.74
C VAL A 413 -21.59 -26.72 7.65
N ASP A 414 -21.48 -27.25 6.44
CA ASP A 414 -21.58 -28.68 6.20
C ASP A 414 -20.18 -29.28 6.34
N TRP A 415 -19.93 -29.97 7.46
CA TRP A 415 -18.64 -30.58 7.72
C TRP A 415 -18.54 -32.00 7.18
N SER A 416 -19.56 -32.48 6.46
CA SER A 416 -19.56 -33.86 5.97
C SER A 416 -18.50 -34.09 4.89
N SER A 417 -18.01 -33.03 4.25
CA SER A 417 -17.00 -33.20 3.21
C SER A 417 -15.71 -33.79 3.78
N GLY A 418 -15.29 -33.32 4.95
CA GLY A 418 -14.08 -33.80 5.58
C GLY A 418 -12.82 -33.06 5.19
N GLY A 419 -12.90 -32.08 4.28
CA GLY A 419 -11.71 -31.36 3.89
C GLY A 419 -11.14 -30.51 5.00
N VAL A 420 -12.00 -29.93 5.84
CA VAL A 420 -11.60 -29.03 6.92
C VAL A 420 -12.11 -29.58 8.23
N ALA A 421 -11.23 -29.65 9.23
CA ALA A 421 -11.58 -30.11 10.56
C ALA A 421 -11.17 -29.08 11.59
N LEU A 422 -12.05 -28.85 12.56
CA LEU A 422 -11.77 -27.89 13.62
C LEU A 422 -10.76 -28.46 14.61
N LEU A 423 -10.08 -27.56 15.32
CA LEU A 423 -9.09 -27.93 16.32
C LEU A 423 -9.79 -28.09 17.67
N ALA A 424 -10.39 -29.27 17.86
CA ALA A 424 -11.03 -29.56 19.15
C ALA A 424 -10.01 -29.63 20.27
N GLY A 425 -8.85 -30.24 20.02
CA GLY A 425 -7.80 -30.33 21.00
C GLY A 425 -6.44 -30.09 20.37
N ASN A 426 -5.41 -30.09 21.21
CA ASN A 426 -4.06 -29.86 20.73
C ASN A 426 -3.62 -30.99 19.81
N GLN A 427 -2.94 -30.62 18.72
CA GLN A 427 -2.44 -31.58 17.75
C GLN A 427 -0.93 -31.41 17.59
N PRO A 428 -0.15 -32.48 17.75
CA PRO A 428 1.31 -32.35 17.56
C PRO A 428 1.64 -31.96 16.12
N TRP A 429 2.68 -31.15 15.99
CA TRP A 429 3.11 -30.63 14.69
C TRP A 429 4.62 -30.71 14.57
N ARG A 430 5.19 -31.84 14.96
CA ARG A 430 6.63 -31.99 14.98
C ARG A 430 7.22 -31.98 13.57
N ARG A 431 8.48 -31.56 13.48
CA ARG A 431 9.14 -31.48 12.18
C ARG A 431 9.34 -32.87 11.59
N GLY A 432 9.20 -32.95 10.27
CA GLY A 432 9.35 -34.22 9.59
C GLY A 432 9.76 -34.01 8.15
N GLU A 433 9.50 -35.04 7.34
CA GLU A 433 9.84 -34.96 5.92
C GLU A 433 8.96 -33.97 5.19
N ARG A 434 7.73 -33.78 5.66
CA ARG A 434 6.83 -32.80 5.06
C ARG A 434 7.11 -31.41 5.61
N THR A 435 7.29 -30.45 4.72
CA THR A 435 7.51 -29.07 5.15
C THR A 435 6.23 -28.50 5.73
N ARG A 436 6.34 -27.87 6.90
CA ARG A 436 5.18 -27.31 7.57
C ARG A 436 4.88 -25.91 7.05
N ARG A 437 3.64 -25.68 6.67
CA ARG A 437 3.20 -24.39 6.16
C ARG A 437 1.85 -24.04 6.77
N ALA A 438 1.53 -22.75 6.77
CA ALA A 438 0.27 -22.28 7.35
C ALA A 438 -0.13 -20.98 6.65
N ALA A 439 -1.38 -20.58 6.89
CA ALA A 439 -1.95 -19.40 6.27
C ALA A 439 -2.67 -18.55 7.31
N VAL A 440 -2.65 -17.25 7.08
CA VAL A 440 -3.32 -16.27 7.94
C VAL A 440 -4.22 -15.40 7.07
N SER A 441 -5.47 -15.22 7.50
CA SER A 441 -6.45 -14.46 6.74
C SER A 441 -6.97 -13.30 7.57
N ALA A 442 -7.31 -12.21 6.89
CA ALA A 442 -7.89 -11.05 7.56
C ALA A 442 -8.84 -10.33 6.61
N PHE A 443 -10.03 -10.01 7.11
CA PHE A 443 -11.03 -9.28 6.33
C PHE A 443 -11.56 -8.11 7.16
N GLY A 444 -11.73 -6.97 6.50
CA GLY A 444 -12.10 -5.75 7.18
C GLY A 444 -13.52 -5.27 6.86
N ILE A 445 -13.94 -4.28 7.64
CA ILE A 445 -15.25 -3.66 7.43
C ILE A 445 -15.33 -2.99 6.07
N SER A 446 -14.26 -2.28 5.69
CA SER A 446 -14.25 -1.58 4.41
C SER A 446 -14.38 -2.56 3.25
N GLY A 447 -13.69 -3.70 3.34
CA GLY A 447 -13.82 -4.73 2.33
C GLY A 447 -12.50 -5.32 1.87
N THR A 448 -11.39 -4.72 2.27
CA THR A 448 -10.09 -5.23 1.88
C THR A 448 -9.82 -6.57 2.55
N ASN A 449 -9.27 -7.50 1.78
CA ASN A 449 -8.98 -8.85 2.25
C ASN A 449 -7.50 -9.14 2.09
N ALA A 450 -6.96 -9.94 3.01
CA ALA A 450 -5.55 -10.28 3.00
C ALA A 450 -5.35 -11.74 3.37
N HIS A 451 -4.44 -12.41 2.66
CA HIS A 451 -4.07 -13.78 2.90
C HIS A 451 -2.56 -13.90 2.81
N VAL A 452 -1.94 -14.50 3.84
CA VAL A 452 -0.49 -14.59 3.93
C VAL A 452 -0.10 -16.04 4.17
N ILE A 453 0.94 -16.48 3.49
CA ILE A 453 1.45 -17.86 3.59
C ILE A 453 2.79 -17.82 4.32
N VAL A 454 2.92 -18.65 5.36
CA VAL A 454 4.13 -18.73 6.16
C VAL A 454 4.61 -20.18 6.20
N GLU A 455 5.91 -20.33 6.40
CA GLU A 455 6.59 -21.62 6.34
C GLU A 455 7.61 -21.70 7.45
N GLU A 456 7.93 -22.91 7.87
CA GLU A 456 8.94 -23.12 8.89
C GLU A 456 10.31 -22.69 8.39
N ALA A 457 11.15 -22.25 9.33
CA ALA A 457 12.48 -21.79 8.99
C ALA A 457 13.38 -22.97 8.61
N PRO A 458 14.46 -22.70 7.85
CA PRO A 458 15.42 -23.77 7.58
C PRO A 458 16.16 -24.23 8.82
N GLU A 459 17.06 -25.20 8.67
CA GLU A 459 17.65 -25.89 9.80
C GLU A 459 19.06 -25.40 10.09
N ARG A 460 19.33 -25.10 11.35
CA ARG A 460 20.68 -24.86 11.85
C ARG A 460 21.14 -26.11 12.59
N GLU A 461 22.43 -26.45 12.45
CA GLU A 461 22.88 -27.79 12.84
C GLU A 461 23.37 -27.87 14.28
N HIS A 462 24.49 -27.21 14.59
CA HIS A 462 25.05 -27.29 15.94
C HIS A 462 25.22 -25.93 16.60
N ARG A 463 26.01 -25.04 16.00
CA ARG A 463 26.46 -23.80 16.62
C ARG A 463 26.78 -23.99 18.11
N GLU A 464 27.69 -24.94 18.36
CA GLU A 464 28.05 -25.32 19.73
C GLU A 464 29.57 -25.39 19.84
N THR A 465 30.17 -24.38 20.44
CA THR A 465 31.60 -24.34 20.72
C THR A 465 31.85 -23.72 22.10
N THR A 466 31.05 -24.13 23.08
CA THR A 466 31.03 -23.47 24.39
C THR A 466 32.40 -23.46 25.07
N ALA A 467 32.90 -24.63 25.45
CA ALA A 467 34.19 -24.77 26.13
C ALA A 467 34.30 -23.82 27.33
N HIS A 468 33.39 -24.02 28.29
CA HIS A 468 33.30 -23.16 29.47
C HIS A 468 34.44 -23.52 30.42
N ASP A 469 35.56 -22.82 30.27
CA ASP A 469 36.73 -23.05 31.10
C ASP A 469 36.69 -22.10 32.31
N GLY A 470 37.80 -22.02 33.03
CA GLY A 470 37.88 -21.16 34.20
C GLY A 470 38.42 -19.79 33.88
N ARG A 471 38.39 -19.41 32.61
CA ARG A 471 38.89 -18.11 32.19
C ARG A 471 38.04 -16.99 32.79
N PRO A 472 38.64 -15.84 33.10
CA PRO A 472 37.86 -14.72 33.62
C PRO A 472 36.83 -14.24 32.60
N VAL A 473 35.69 -13.80 33.10
CA VAL A 473 34.59 -13.33 32.25
C VAL A 473 34.11 -11.99 32.77
N PRO A 474 34.03 -10.96 31.92
CA PRO A 474 33.46 -9.69 32.35
C PRO A 474 31.98 -9.57 32.02
N LEU A 475 31.23 -8.99 32.95
CA LEU A 475 29.81 -8.70 32.77
C LEU A 475 29.61 -7.21 32.90
N VAL A 476 29.08 -6.58 31.86
CA VAL A 476 28.88 -5.13 31.82
C VAL A 476 27.39 -4.86 31.71
N VAL A 477 26.87 -4.07 32.64
CA VAL A 477 25.47 -3.67 32.63
C VAL A 477 25.41 -2.14 32.51
N SER A 478 24.34 -1.66 31.90
CA SER A 478 24.22 -0.24 31.64
C SER A 478 22.75 0.15 31.61
N ALA A 479 22.47 1.39 32.00
CA ALA A 479 21.11 1.91 32.01
C ALA A 479 21.15 3.42 32.07
N ARG A 480 19.98 4.04 31.87
CA ARG A 480 19.85 5.49 31.87
C ARG A 480 19.48 6.05 33.23
N SER A 481 19.29 5.21 34.24
CA SER A 481 18.94 5.67 35.58
C SER A 481 19.49 4.70 36.60
N THR A 482 19.66 5.20 37.83
CA THR A 482 20.18 4.36 38.90
C THR A 482 19.21 3.23 39.22
N ALA A 483 17.92 3.54 39.32
CA ALA A 483 16.93 2.49 39.56
C ALA A 483 16.88 1.50 38.40
N ALA A 484 16.97 2.00 37.17
CA ALA A 484 17.01 1.11 36.02
C ALA A 484 18.25 0.22 36.04
N LEU A 485 19.40 0.79 36.41
CA LEU A 485 20.62 -0.02 36.52
C LEU A 485 20.47 -1.10 37.59
N ARG A 486 19.87 -0.75 38.73
N ARG A 486 19.88 -0.76 38.73
CA ARG A 486 19.66 -1.73 39.78
CA ARG A 486 19.67 -1.75 39.78
C ARG A 486 18.73 -2.84 39.31
C ARG A 486 18.73 -2.85 39.32
N ALA A 487 17.66 -2.48 38.60
CA ALA A 487 16.73 -3.49 38.09
C ALA A 487 17.42 -4.39 37.08
N GLN A 488 18.25 -3.82 36.21
CA GLN A 488 18.99 -4.61 35.24
C GLN A 488 19.93 -5.60 35.93
N ALA A 489 20.64 -5.11 36.96
CA ALA A 489 21.53 -6.00 37.70
C ALA A 489 20.77 -7.13 38.37
N ALA A 490 19.60 -6.81 38.95
CA ALA A 490 18.78 -7.84 39.58
C ALA A 490 18.31 -8.87 38.55
N GLN A 491 17.90 -8.40 37.36
CA GLN A 491 17.47 -9.31 36.32
C GLN A 491 18.59 -10.24 35.89
N ILE A 492 19.79 -9.69 35.70
CA ILE A 492 20.91 -10.52 35.27
C ILE A 492 21.29 -11.52 36.36
N ALA A 493 21.23 -11.10 37.62
CA ALA A 493 21.51 -12.03 38.71
C ALA A 493 20.49 -13.17 38.75
N GLU A 494 19.21 -12.85 38.57
CA GLU A 494 18.19 -13.89 38.54
C GLU A 494 18.41 -14.84 37.37
N LEU A 495 18.78 -14.29 36.22
CA LEU A 495 19.06 -15.14 35.05
C LEU A 495 20.23 -16.07 35.31
N LEU A 496 21.29 -15.55 35.95
CA LEU A 496 22.48 -16.38 36.19
C LEU A 496 22.24 -17.41 37.27
N GLU A 497 21.33 -17.14 38.21
CA GLU A 497 21.10 -18.09 39.30
C GLU A 497 20.57 -19.43 38.80
N ARG A 498 19.86 -19.43 37.68
CA ARG A 498 19.39 -20.69 37.12
C ARG A 498 20.56 -21.53 36.63
N PRO A 499 20.56 -22.85 36.89
CA PRO A 499 21.67 -23.72 36.51
C PRO A 499 21.57 -24.25 35.08
N ASP A 500 21.34 -23.36 34.12
CA ASP A 500 21.29 -23.75 32.72
C ASP A 500 21.88 -22.71 31.78
N ALA A 501 22.57 -21.70 32.30
CA ALA A 501 23.18 -20.66 31.49
C ALA A 501 24.66 -20.55 31.81
N ASP A 502 25.48 -20.42 30.78
CA ASP A 502 26.92 -20.32 30.95
C ASP A 502 27.34 -18.85 31.06
N LEU A 503 28.43 -18.62 31.78
CA LEU A 503 28.92 -17.26 31.97
C LEU A 503 29.36 -16.62 30.66
N ALA A 504 30.01 -17.40 29.79
CA ALA A 504 30.51 -16.84 28.54
C ALA A 504 29.38 -16.34 27.67
N GLY A 505 28.29 -17.09 27.57
CA GLY A 505 27.17 -16.66 26.76
C GLY A 505 26.53 -15.38 27.27
N VAL A 506 26.32 -15.29 28.59
CA VAL A 506 25.74 -14.09 29.18
C VAL A 506 26.67 -12.89 28.96
N GLY A 507 27.98 -13.09 29.16
CA GLY A 507 28.91 -12.01 28.95
C GLY A 507 28.93 -11.52 27.52
N LEU A 508 28.95 -12.44 26.56
CA LEU A 508 28.95 -12.03 25.16
C LEU A 508 27.66 -11.34 24.78
N GLY A 509 26.52 -11.83 25.27
CA GLY A 509 25.26 -11.19 24.99
C GLY A 509 25.17 -9.79 25.56
N LEU A 510 25.67 -9.60 26.78
CA LEU A 510 25.69 -8.27 27.37
C LEU A 510 26.63 -7.34 26.61
N ALA A 511 27.77 -7.87 26.16
CA ALA A 511 28.77 -7.02 25.52
C ALA A 511 28.37 -6.60 24.11
N THR A 512 27.79 -7.50 23.32
CA THR A 512 27.62 -7.26 21.90
C THR A 512 26.18 -7.06 21.45
N THR A 513 25.19 -7.35 22.31
CA THR A 513 23.80 -7.25 21.90
C THR A 513 23.00 -6.14 22.57
N ARG A 514 23.46 -5.61 23.69
CA ARG A 514 22.78 -4.53 24.39
C ARG A 514 23.46 -3.20 24.12
N ALA A 515 22.71 -2.13 24.37
CA ALA A 515 23.22 -0.79 24.15
C ALA A 515 24.16 -0.38 25.28
N ARG A 516 24.66 0.85 25.21
CA ARG A 516 25.60 1.37 26.20
C ARG A 516 25.13 2.76 26.63
N HIS A 517 24.40 2.82 27.74
CA HIS A 517 23.79 4.04 28.23
C HIS A 517 24.74 4.77 29.18
N GLU A 518 24.22 5.74 29.91
CA GLU A 518 25.07 6.60 30.74
C GLU A 518 25.60 5.85 31.96
N HIS A 519 24.72 5.40 32.83
CA HIS A 519 25.16 4.72 34.04
C HIS A 519 25.63 3.31 33.71
N ARG A 520 26.86 2.98 34.13
CA ARG A 520 27.48 1.71 33.77
C ARG A 520 28.04 1.03 35.01
N ALA A 521 28.08 -0.29 34.97
CA ALA A 521 28.69 -1.09 36.03
C ALA A 521 29.29 -2.33 35.41
N ALA A 522 30.32 -2.87 36.06
CA ALA A 522 31.02 -4.02 35.53
C ALA A 522 31.52 -4.91 36.66
N VAL A 523 31.43 -6.22 36.44
CA VAL A 523 31.88 -7.24 37.38
C VAL A 523 32.69 -8.27 36.62
N VAL A 524 33.92 -8.50 37.06
CA VAL A 524 34.79 -9.51 36.45
C VAL A 524 34.79 -10.73 37.35
N ALA A 525 34.27 -11.85 36.85
CA ALA A 525 34.12 -13.04 37.67
C ALA A 525 34.54 -14.26 36.89
N SER A 526 35.01 -15.28 37.62
CA SER A 526 35.39 -16.56 37.02
C SER A 526 34.44 -17.69 37.35
N THR A 527 33.60 -17.54 38.37
CA THR A 527 32.63 -18.56 38.76
C THR A 527 31.25 -17.93 38.82
N ARG A 528 30.23 -18.78 38.69
CA ARG A 528 28.85 -18.30 38.70
C ARG A 528 28.49 -17.66 40.04
N GLU A 529 28.94 -18.27 41.14
CA GLU A 529 28.63 -17.73 42.46
C GLU A 529 29.23 -16.34 42.65
N GLU A 530 30.47 -16.14 42.19
CA GLU A 530 31.10 -14.83 42.31
C GLU A 530 30.34 -13.77 41.53
N ALA A 531 29.94 -14.10 40.29
CA ALA A 531 29.18 -13.15 39.49
C ALA A 531 27.84 -12.83 40.13
N VAL A 532 27.16 -13.84 40.66
CA VAL A 532 25.86 -13.62 41.30
C VAL A 532 26.03 -12.73 42.52
N ARG A 533 27.07 -12.99 43.33
CA ARG A 533 27.30 -12.15 44.51
C ARG A 533 27.61 -10.72 44.12
N GLY A 534 28.43 -10.53 43.07
CA GLY A 534 28.73 -9.18 42.63
C GLY A 534 27.50 -8.44 42.13
N LEU A 535 26.67 -9.12 41.35
CA LEU A 535 25.46 -8.48 40.85
C LEU A 535 24.50 -8.15 41.99
N ARG A 536 24.38 -9.04 42.97
CA ARG A 536 23.55 -8.74 44.14
C ARG A 536 24.09 -7.54 44.90
N GLU A 537 25.42 -7.44 45.03
CA GLU A 537 26.02 -6.29 45.68
C GLU A 537 25.72 -5.00 44.92
N ILE A 538 25.77 -5.06 43.59
CA ILE A 538 25.44 -3.88 42.78
C ILE A 538 23.98 -3.48 43.00
N ALA A 539 23.08 -4.47 42.97
CA ALA A 539 21.66 -4.18 43.14
C ALA A 539 21.31 -3.73 44.55
N ALA A 540 22.15 -4.07 45.54
CA ALA A 540 21.86 -3.65 46.91
C ALA A 540 21.91 -2.14 47.06
N GLY A 541 22.89 -1.50 46.44
CA GLY A 541 23.01 -0.05 46.52
C GLY A 541 24.41 0.43 46.85
N ALA A 542 25.14 -0.36 47.65
CA ALA A 542 26.49 -0.02 48.06
C ALA A 542 27.47 -1.04 47.49
N ALA A 543 28.52 -0.55 46.84
CA ALA A 543 29.55 -1.40 46.26
C ALA A 543 30.80 -1.35 47.15
N THR A 544 31.26 -2.51 47.59
CA THR A 544 32.41 -2.62 48.47
C THR A 544 33.55 -3.40 47.86
N ALA A 545 33.26 -4.55 47.24
CA ALA A 545 34.30 -5.39 46.68
C ALA A 545 35.01 -4.68 45.53
N ASP A 546 36.32 -4.89 45.44
CA ASP A 546 37.09 -4.27 44.36
C ASP A 546 36.76 -4.85 42.99
N ALA A 547 36.21 -6.06 42.94
CA ALA A 547 35.84 -6.67 41.67
C ALA A 547 34.63 -6.00 41.02
N VAL A 548 33.96 -5.10 41.74
CA VAL A 548 32.78 -4.40 41.24
C VAL A 548 33.16 -2.96 40.97
N VAL A 549 32.90 -2.48 39.76
CA VAL A 549 33.17 -1.09 39.41
C VAL A 549 31.89 -0.46 38.88
N GLU A 550 31.69 0.81 39.22
CA GLU A 550 30.51 1.55 38.82
C GLU A 550 30.91 2.96 38.41
N GLY A 551 30.17 3.53 37.47
CA GLY A 551 30.48 4.86 37.00
C GLY A 551 29.34 5.46 36.22
N VAL A 552 29.46 6.78 36.00
CA VAL A 552 28.49 7.54 35.22
C VAL A 552 29.27 8.39 34.22
N THR A 553 28.88 8.28 32.95
CA THR A 553 29.54 9.03 31.88
C THR A 553 28.48 9.67 30.99
N GLU A 554 28.86 10.77 30.34
CA GLU A 554 27.95 11.52 29.48
C GLU A 554 28.41 11.57 28.03
N VAL A 555 29.51 10.90 27.68
CA VAL A 555 30.04 10.89 26.33
C VAL A 555 30.21 9.44 25.89
N ASP A 556 30.67 9.27 24.64
CA ASP A 556 30.87 7.95 24.07
C ASP A 556 32.29 7.72 23.55
N GLY A 557 33.13 8.75 23.51
CA GLY A 557 34.49 8.60 23.06
C GLY A 557 35.45 9.51 23.80
N ARG A 558 36.69 9.06 23.97
CA ARG A 558 37.70 9.82 24.67
C ARG A 558 39.01 9.78 23.90
N ASN A 559 39.79 10.84 24.01
CA ASN A 559 41.13 10.89 23.43
C ASN A 559 42.09 10.19 24.40
N VAL A 560 42.62 9.05 23.99
CA VAL A 560 43.42 8.21 24.86
C VAL A 560 44.89 8.59 24.75
N VAL A 561 45.54 8.79 25.89
CA VAL A 561 46.94 9.13 25.95
C VAL A 561 47.67 8.05 26.75
N PHE A 562 48.70 7.47 26.15
CA PHE A 562 49.52 6.47 26.81
C PHE A 562 50.74 7.14 27.41
N LEU A 563 50.99 6.89 28.70
CA LEU A 563 52.15 7.46 29.37
C LEU A 563 52.94 6.34 30.04
N PHE A 564 54.27 6.41 29.93
CA PHE A 564 55.16 5.38 30.44
C PHE A 564 56.09 5.99 31.49
N PRO A 565 56.04 5.55 32.74
CA PRO A 565 56.97 6.09 33.75
C PRO A 565 58.38 5.56 33.58
N GLY A 566 59.26 5.89 34.52
CA GLY A 566 60.64 5.43 34.46
C GLY A 566 60.87 4.20 35.31
N GLN A 567 61.53 4.38 36.44
CA GLN A 567 61.83 3.30 37.38
C GLN A 567 60.93 3.41 38.59
N GLY A 568 61.14 2.50 39.54
CA GLY A 568 60.36 2.44 40.75
C GLY A 568 59.17 1.50 40.70
N SER A 569 58.73 1.11 39.52
CA SER A 569 57.63 0.17 39.36
C SER A 569 58.16 -1.24 39.07
N GLN A 570 58.89 -1.78 40.04
CA GLN A 570 59.42 -3.13 39.95
C GLN A 570 58.79 -4.03 41.01
N TRP A 571 58.43 -5.24 40.59
CA TRP A 571 57.88 -6.24 41.50
C TRP A 571 58.13 -7.61 40.88
N ALA A 572 58.65 -8.54 41.68
CA ALA A 572 59.02 -9.84 41.17
C ALA A 572 57.78 -10.62 40.74
N GLY A 573 57.79 -11.09 39.48
CA GLY A 573 56.63 -11.84 38.96
C GLY A 573 55.74 -10.96 38.10
N MET A 574 56.27 -9.84 37.62
CA MET A 574 55.49 -8.91 36.75
C MET A 574 54.63 -9.74 35.79
N GLY A 575 53.30 -9.70 35.96
CA GLY A 575 52.39 -10.44 35.08
C GLY A 575 52.34 -11.92 35.44
N ALA A 576 53.50 -12.59 35.45
CA ALA A 576 53.56 -14.02 35.81
C ALA A 576 52.63 -14.84 34.92
N GLU A 577 51.69 -15.58 35.52
CA GLU A 577 50.75 -16.43 34.74
C GLU A 577 50.22 -15.65 33.54
N LEU A 578 50.17 -14.32 33.64
CA LEU A 578 49.68 -13.50 32.53
C LEU A 578 50.39 -13.84 31.23
N LEU A 579 51.65 -14.27 31.32
CA LEU A 579 52.37 -14.68 30.12
C LEU A 579 51.74 -15.91 29.49
N SER A 580 51.30 -16.86 30.31
CA SER A 580 50.66 -18.08 29.82
C SER A 580 49.16 -17.92 29.61
N SER A 581 48.57 -16.83 30.05
CA SER A 581 47.13 -16.61 29.91
C SER A 581 46.78 -15.62 28.81
N SER A 582 47.75 -15.20 28.00
CA SER A 582 47.49 -14.24 26.94
C SER A 582 48.46 -14.44 25.79
N PRO A 583 47.98 -14.89 24.63
CA PRO A 583 48.91 -15.13 23.50
C PRO A 583 49.64 -13.89 23.03
N VAL A 584 49.01 -12.71 23.07
CA VAL A 584 49.64 -11.50 22.57
C VAL A 584 50.83 -11.12 23.44
N PHE A 585 50.66 -11.18 24.77
CA PHE A 585 51.74 -10.84 25.67
C PHE A 585 52.93 -11.78 25.48
N ALA A 586 52.66 -13.08 25.39
CA ALA A 586 53.72 -14.05 25.19
C ALA A 586 54.42 -13.85 23.85
N GLY A 587 53.65 -13.56 22.80
CA GLY A 587 54.26 -13.33 21.50
C GLY A 587 55.16 -12.11 21.49
N LYS A 588 54.71 -11.02 22.10
CA LYS A 588 55.55 -9.82 22.15
C LYS A 588 56.79 -10.06 23.00
N ILE A 589 56.66 -10.79 24.11
CA ILE A 589 57.82 -11.09 24.94
C ILE A 589 58.82 -11.94 24.15
N ARG A 590 58.31 -12.93 23.40
CA ARG A 590 59.20 -13.76 22.60
C ARG A 590 59.90 -12.96 21.51
N ALA A 591 59.17 -12.03 20.88
CA ALA A 591 59.78 -11.16 19.88
C ALA A 591 60.89 -10.31 20.49
N CYS A 592 60.63 -9.75 21.66
CA CYS A 592 61.66 -8.95 22.34
C CYS A 592 62.87 -9.82 22.70
N ASP A 593 62.63 -11.03 23.16
CA ASP A 593 63.74 -11.94 23.48
C ASP A 593 64.55 -12.27 22.23
N GLU A 594 63.89 -12.52 21.11
CA GLU A 594 64.61 -12.78 19.87
C GLU A 594 65.42 -11.56 19.44
N SER A 595 64.85 -10.37 19.59
CA SER A 595 65.58 -9.16 19.22
C SER A 595 66.81 -8.95 20.11
N MET A 596 66.68 -9.23 21.40
CA MET A 596 67.78 -9.01 22.34
C MET A 596 68.77 -10.17 22.40
N ALA A 597 68.45 -11.31 21.80
CA ALA A 597 69.36 -12.46 21.86
C ALA A 597 70.74 -12.19 21.28
N PRO A 598 70.91 -11.52 20.11
CA PRO A 598 72.25 -11.41 19.53
C PRO A 598 73.25 -10.61 20.35
N MET A 599 72.86 -10.12 21.53
CA MET A 599 73.78 -9.36 22.35
C MET A 599 74.01 -9.98 23.73
N GLN A 600 72.98 -10.53 24.35
CA GLN A 600 73.10 -11.16 25.66
C GLN A 600 72.94 -12.68 25.54
N ASP A 601 72.93 -13.34 26.69
CA ASP A 601 72.71 -14.77 26.78
C ASP A 601 71.43 -15.11 27.54
N TRP A 602 71.14 -14.41 28.64
CA TRP A 602 69.93 -14.65 29.38
C TRP A 602 68.71 -14.13 28.63
N LYS A 603 67.54 -14.66 28.98
CA LYS A 603 66.29 -14.30 28.34
C LYS A 603 65.37 -13.62 29.34
N VAL A 604 64.62 -12.62 28.87
CA VAL A 604 63.69 -11.90 29.74
C VAL A 604 62.59 -12.81 30.23
N SER A 605 62.14 -13.75 29.41
CA SER A 605 61.08 -14.67 29.83
C SER A 605 61.52 -15.50 31.03
N ASP A 606 62.79 -15.90 31.07
CA ASP A 606 63.29 -16.65 32.22
C ASP A 606 63.24 -15.81 33.49
N VAL A 607 63.61 -14.53 33.40
CA VAL A 607 63.56 -13.65 34.57
C VAL A 607 62.12 -13.45 35.02
N LEU A 608 61.20 -13.23 34.07
CA LEU A 608 59.81 -13.03 34.43
C LEU A 608 59.20 -14.29 35.04
N ARG A 609 59.70 -15.46 34.66
CA ARG A 609 59.20 -16.73 35.18
C ARG A 609 59.96 -17.21 36.41
N GLN A 610 60.90 -16.42 36.92
CA GLN A 610 61.73 -16.79 38.06
C GLN A 610 62.45 -18.11 37.80
N ALA A 611 62.96 -18.27 36.59
CA ALA A 611 63.70 -19.47 36.24
C ALA A 611 65.01 -19.52 37.03
N PRO A 612 65.46 -20.70 37.47
CA PRO A 612 66.71 -20.78 38.22
C PRO A 612 67.90 -20.44 37.35
N GLY A 613 68.95 -19.95 38.00
CA GLY A 613 70.15 -19.53 37.28
C GLY A 613 69.95 -18.34 36.38
N ALA A 614 69.19 -17.34 36.84
CA ALA A 614 68.92 -16.13 36.08
C ALA A 614 69.19 -14.91 36.95
N PRO A 615 69.59 -13.80 36.34
CA PRO A 615 69.84 -12.58 37.11
C PRO A 615 68.58 -12.08 37.80
N GLY A 616 68.75 -11.51 38.99
CA GLY A 616 67.64 -10.99 39.75
C GLY A 616 67.28 -9.57 39.34
N LEU A 617 66.25 -9.06 40.01
CA LEU A 617 65.75 -7.70 39.75
C LEU A 617 66.46 -6.69 40.66
N ASP A 618 67.78 -6.66 40.54
CA ASP A 618 68.62 -5.76 41.33
C ASP A 618 69.64 -5.00 40.53
N ARG A 619 70.01 -5.46 39.33
CA ARG A 619 71.00 -4.79 38.50
C ARG A 619 70.29 -4.00 37.40
N VAL A 620 70.81 -2.79 37.13
CA VAL A 620 70.18 -1.90 36.17
C VAL A 620 70.19 -2.53 34.78
N ASP A 621 71.32 -3.12 34.39
CA ASP A 621 71.48 -3.64 33.04
C ASP A 621 70.49 -4.75 32.72
N VAL A 622 69.93 -5.41 33.73
CA VAL A 622 68.88 -6.40 33.51
C VAL A 622 67.50 -5.87 33.89
N VAL A 623 67.41 -4.88 34.77
CA VAL A 623 66.10 -4.33 35.12
C VAL A 623 65.53 -3.53 33.96
N GLN A 624 66.35 -2.69 33.33
CA GLN A 624 65.83 -1.83 32.26
C GLN A 624 65.26 -2.59 31.07
N PRO A 625 65.96 -3.57 30.49
CA PRO A 625 65.34 -4.31 29.37
C PRO A 625 64.07 -5.03 29.76
N VAL A 626 64.01 -5.56 30.98
CA VAL A 626 62.81 -6.25 31.44
C VAL A 626 61.64 -5.27 31.49
N LEU A 627 61.89 -4.08 32.05
CA LEU A 627 60.85 -3.06 32.11
C LEU A 627 60.40 -2.65 30.71
N PHE A 628 61.34 -2.48 29.79
CA PHE A 628 61.00 -2.10 28.43
C PHE A 628 60.14 -3.15 27.75
N ALA A 629 60.52 -4.43 27.89
CA ALA A 629 59.74 -5.51 27.27
C ALA A 629 58.35 -5.59 27.88
N VAL A 630 58.25 -5.50 29.20
CA VAL A 630 56.94 -5.54 29.85
C VAL A 630 56.09 -4.38 29.38
N MET A 631 56.69 -3.19 29.25
CA MET A 631 55.94 -2.01 28.85
C MET A 631 55.40 -2.15 27.44
N VAL A 632 56.25 -2.59 26.50
CA VAL A 632 55.78 -2.71 25.11
C VAL A 632 54.74 -3.82 25.00
N SER A 633 54.91 -4.90 25.76
CA SER A 633 53.91 -5.98 25.72
C SER A 633 52.57 -5.50 26.28
N LEU A 634 52.59 -4.73 27.36
CA LEU A 634 51.35 -4.18 27.90
C LEU A 634 50.70 -3.22 26.92
N ALA A 635 51.50 -2.41 26.23
CA ALA A 635 50.94 -1.51 25.24
C ALA A 635 50.28 -2.29 24.10
N GLU A 636 50.93 -3.36 23.64
CA GLU A 636 50.33 -4.18 22.59
C GLU A 636 49.04 -4.83 23.07
N LEU A 637 49.02 -5.32 24.31
CA LEU A 637 47.81 -5.93 24.86
C LEU A 637 46.68 -4.91 24.96
N TRP A 638 47.00 -3.68 25.38
CA TRP A 638 45.99 -2.63 25.42
C TRP A 638 45.45 -2.32 24.03
N ARG A 639 46.33 -2.24 23.04
CA ARG A 639 45.89 -1.92 21.69
C ARG A 639 45.09 -3.07 21.07
N SER A 640 45.33 -4.30 21.52
CA SER A 640 44.63 -5.44 20.95
C SER A 640 43.14 -5.45 21.29
N TYR A 641 42.72 -4.66 22.28
CA TYR A 641 41.33 -4.62 22.70
C TYR A 641 40.56 -3.45 22.09
N GLY A 642 41.17 -2.73 21.14
CA GLY A 642 40.50 -1.65 20.47
C GLY A 642 40.77 -0.26 21.02
N VAL A 643 41.77 -0.11 21.89
CA VAL A 643 42.13 1.18 22.44
C VAL A 643 43.38 1.66 21.69
N GLU A 644 43.22 2.71 20.88
CA GLU A 644 44.30 3.24 20.09
C GLU A 644 44.73 4.60 20.65
N PRO A 645 45.96 4.74 21.12
CA PRO A 645 46.37 6.01 21.72
C PRO A 645 46.47 7.12 20.68
N ALA A 646 46.23 8.34 21.14
CA ALA A 646 46.37 9.53 20.31
C ALA A 646 47.62 10.33 20.63
N ALA A 647 48.30 10.03 21.73
CA ALA A 647 49.53 10.70 22.10
C ALA A 647 50.27 9.84 23.11
N VAL A 648 51.60 9.85 23.02
CA VAL A 648 52.45 9.06 23.90
C VAL A 648 53.44 9.98 24.60
N VAL A 649 53.58 9.81 25.90
CA VAL A 649 54.51 10.60 26.71
C VAL A 649 55.32 9.63 27.57
N GLY A 650 56.64 9.77 27.52
CA GLY A 650 57.54 8.92 28.27
C GLY A 650 58.26 9.71 29.36
N HIS A 651 58.65 9.01 30.42
CA HIS A 651 59.40 9.60 31.52
C HIS A 651 60.76 8.92 31.59
N SER A 652 61.81 9.72 31.41
CA SER A 652 63.21 9.24 31.45
C SER A 652 63.36 8.18 30.35
N GLN A 653 64.09 7.09 30.63
CA GLN A 653 64.35 6.09 29.60
C GLN A 653 63.07 5.46 29.06
N GLY A 654 61.98 5.53 29.80
CA GLY A 654 60.71 5.04 29.29
C GLY A 654 60.28 5.69 28.00
N GLU A 655 60.78 6.90 27.73
CA GLU A 655 60.51 7.55 26.44
C GLU A 655 60.85 6.62 25.29
N ILE A 656 61.95 5.87 25.41
CA ILE A 656 62.35 4.94 24.35
C ILE A 656 61.22 3.98 24.04
N ALA A 657 60.62 3.39 25.09
CA ALA A 657 59.49 2.50 24.87
C ALA A 657 58.36 3.24 24.16
N ALA A 658 58.07 4.47 24.60
CA ALA A 658 57.05 5.26 23.92
C ALA A 658 57.36 5.39 22.45
N ALA A 659 58.64 5.59 22.11
CA ALA A 659 59.02 5.71 20.71
C ALA A 659 58.59 4.47 19.93
N HIS A 660 58.85 3.28 20.50
CA HIS A 660 58.45 2.06 19.81
C HIS A 660 56.93 1.96 19.70
N VAL A 661 56.20 2.48 20.68
CA VAL A 661 54.75 2.55 20.56
C VAL A 661 54.37 3.55 19.47
N ALA A 662 55.12 4.65 19.37
CA ALA A 662 54.83 5.65 18.35
C ALA A 662 55.17 5.16 16.95
N GLY A 663 55.98 4.11 16.83
CA GLY A 663 56.41 3.62 15.54
C GLY A 663 57.58 4.38 14.94
N ALA A 664 58.12 5.38 15.64
CA ALA A 664 59.26 6.11 15.13
C ALA A 664 60.48 5.22 15.01
N LEU A 665 60.72 4.36 15.99
CA LEU A 665 61.84 3.45 16.00
C LEU A 665 61.38 2.05 15.63
N THR A 666 62.33 1.13 15.55
CA THR A 666 62.07 -0.28 15.34
C THR A 666 62.41 -1.06 16.60
N LEU A 667 61.90 -2.29 16.68
CA LEU A 667 62.12 -3.10 17.87
C LEU A 667 63.61 -3.38 18.07
N GLU A 668 64.32 -3.73 17.00
CA GLU A 668 65.74 -4.03 17.12
C GLU A 668 66.53 -2.79 17.54
N ASP A 669 66.26 -1.64 16.89
CA ASP A 669 66.96 -0.42 17.23
C ASP A 669 66.67 0.04 18.65
N ALA A 670 65.41 -0.03 19.07
CA ALA A 670 65.05 0.37 20.43
C ALA A 670 65.71 -0.56 21.44
N ALA A 671 65.70 -1.86 21.18
CA ALA A 671 66.34 -2.80 22.10
C ALA A 671 67.84 -2.54 22.19
N LYS A 672 68.49 -2.28 21.05
CA LYS A 672 69.92 -2.00 21.08
C LYS A 672 70.22 -0.72 21.83
N LEU A 673 69.39 0.31 21.65
CA LEU A 673 69.59 1.57 22.34
C LEU A 673 69.42 1.40 23.86
N VAL A 674 68.39 0.66 24.26
CA VAL A 674 68.18 0.41 25.69
C VAL A 674 69.34 -0.38 26.26
N VAL A 675 69.82 -1.37 25.52
CA VAL A 675 70.93 -2.20 25.98
C VAL A 675 72.19 -1.34 26.16
N GLY A 676 72.48 -0.49 25.18
CA GLY A 676 73.65 0.37 25.30
C GLY A 676 73.54 1.35 26.45
N ARG A 677 72.36 1.94 26.64
CA ARG A 677 72.15 2.85 27.76
C ARG A 677 72.36 2.13 29.08
N SER A 678 71.82 0.91 29.22
CA SER A 678 71.99 0.16 30.46
C SER A 678 73.45 -0.22 30.68
N ARG A 679 74.16 -0.61 29.61
CA ARG A 679 75.56 -1.00 29.76
C ARG A 679 76.41 0.18 30.19
N LEU A 680 76.21 1.35 29.59
CA LEU A 680 76.93 2.53 30.03
C LEU A 680 76.51 2.95 31.43
N MET A 681 75.24 2.68 31.79
CA MET A 681 74.74 2.97 33.12
C MET A 681 75.44 2.13 34.17
N ARG A 682 75.74 0.87 33.84
CA ARG A 682 76.39 -0.02 34.81
C ARG A 682 77.79 0.47 35.16
N SER A 683 78.51 1.02 34.19
CA SER A 683 79.87 1.46 34.44
C SER A 683 79.93 2.56 35.48
N LEU A 684 79.03 3.53 35.40
CA LEU A 684 78.99 4.65 36.34
C LEU A 684 78.16 4.25 37.57
N SER A 685 78.72 3.33 38.34
CA SER A 685 78.09 2.80 39.53
C SER A 685 78.88 3.16 40.79
N GLY A 686 79.37 4.39 40.84
CA GLY A 686 80.15 4.84 41.99
C GLY A 686 79.52 5.98 42.74
N GLU A 687 78.74 6.81 42.05
CA GLU A 687 78.10 7.96 42.64
C GLU A 687 76.63 8.01 42.22
N GLY A 688 75.81 8.59 43.07
CA GLY A 688 74.39 8.69 42.77
C GLY A 688 73.59 9.17 43.96
N GLY A 689 72.33 8.76 44.01
CA GLY A 689 71.44 9.16 45.08
C GLY A 689 70.31 10.07 44.62
N MET A 690 69.14 9.48 44.40
CA MET A 690 67.94 10.23 44.05
C MET A 690 67.21 10.65 45.32
N ALA A 691 66.71 11.88 45.32
CA ALA A 691 65.99 12.43 46.46
C ALA A 691 64.69 13.05 45.98
N ALA A 692 63.68 13.01 46.85
CA ALA A 692 62.37 13.59 46.54
C ALA A 692 61.92 14.47 47.69
N VAL A 693 61.19 15.52 47.35
CA VAL A 693 60.68 16.46 48.35
C VAL A 693 59.34 15.96 48.90
N GLY A 696 58.09 22.88 43.91
CA GLY A 696 58.56 24.21 43.59
C GLY A 696 60.02 24.27 43.20
N GLU A 697 60.30 24.73 41.98
CA GLU A 697 61.68 24.82 41.51
C GLU A 697 62.48 25.80 42.35
N ALA A 698 61.88 26.94 42.70
CA ALA A 698 62.62 27.98 43.42
C ALA A 698 63.10 27.48 44.77
N ALA A 699 62.29 26.67 45.45
CA ALA A 699 62.70 26.12 46.74
C ALA A 699 63.95 25.27 46.60
N VAL A 700 64.06 24.49 45.52
CA VAL A 700 65.26 23.72 45.29
C VAL A 700 66.43 24.62 44.92
N ARG A 701 66.18 25.64 44.09
CA ARG A 701 67.26 26.51 43.63
C ARG A 701 67.88 27.28 44.78
N GLU A 702 67.06 27.77 45.71
CA GLU A 702 67.60 28.56 46.82
C GLU A 702 68.43 27.74 47.79
N ARG A 703 68.36 26.41 47.73
CA ARG A 703 69.15 25.54 48.58
C ARG A 703 70.09 24.65 47.78
N LEU A 704 70.39 25.03 46.53
CA LEU A 704 71.26 24.24 45.68
C LEU A 704 72.59 24.91 45.37
N ARG A 705 72.72 26.20 45.67
CA ARG A 705 73.97 26.91 45.36
C ARG A 705 75.20 26.34 46.06
N PRO A 706 75.17 26.03 47.37
CA PRO A 706 76.41 25.56 48.02
C PRO A 706 77.01 24.31 47.41
N TRP A 707 76.18 23.40 46.89
CA TRP A 707 76.66 22.12 46.37
C TRP A 707 76.52 22.10 44.85
N GLN A 708 77.57 21.66 44.17
CA GLN A 708 77.56 21.57 42.71
C GLN A 708 78.08 20.23 42.24
N VAL A 713 68.81 19.25 40.07
CA VAL A 713 67.45 19.11 39.59
C VAL A 713 67.39 18.09 38.46
N ALA A 714 66.62 17.02 38.67
CA ALA A 714 66.49 15.96 37.67
C ALA A 714 65.10 15.91 37.06
N ALA A 715 64.05 15.89 37.87
CA ALA A 715 62.69 15.79 37.35
C ALA A 715 61.77 16.72 38.13
N VAL A 716 60.73 17.19 37.45
CA VAL A 716 59.67 17.99 38.06
C VAL A 716 58.34 17.33 37.72
N ASN A 717 57.64 16.84 38.74
CA ASN A 717 56.38 16.15 38.52
C ASN A 717 55.15 17.00 38.78
N GLY A 718 55.27 18.02 39.64
CA GLY A 718 54.15 18.88 39.94
C GLY A 718 54.58 20.15 40.64
N PRO A 719 53.73 20.66 41.53
CA PRO A 719 54.06 21.89 42.25
C PRO A 719 54.99 21.66 43.42
N ARG A 720 54.92 20.48 44.02
CA ARG A 720 55.74 20.13 45.18
C ARG A 720 56.31 18.73 45.01
N SER A 721 56.88 18.46 43.82
CA SER A 721 57.47 17.15 43.54
C SER A 721 58.68 17.39 42.63
N VAL A 722 59.87 17.42 43.24
CA VAL A 722 61.12 17.67 42.53
C VAL A 722 62.10 16.56 42.90
N VAL A 723 62.75 15.99 41.88
CA VAL A 723 63.80 14.99 42.07
C VAL A 723 65.11 15.63 41.63
N VAL A 724 66.12 15.53 42.49
CA VAL A 724 67.40 16.19 42.27
C VAL A 724 68.41 15.17 41.79
N SER A 725 69.56 15.66 41.31
CA SER A 725 70.60 14.81 40.76
C SER A 725 71.23 13.96 41.86
N GLY A 726 72.17 13.11 41.46
CA GLY A 726 72.77 12.17 42.38
C GLY A 726 74.22 12.45 42.72
N GLU A 727 74.51 12.56 44.03
CA GLU A 727 75.87 12.73 44.54
C GLU A 727 75.89 12.35 46.01
N PRO A 728 76.76 11.42 46.42
CA PRO A 728 76.77 11.00 47.83
C PRO A 728 77.04 12.14 48.80
N GLY A 729 78.18 12.80 48.63
CA GLY A 729 78.55 13.86 49.56
C GLY A 729 77.64 15.08 49.48
N ALA A 730 77.25 15.46 48.26
CA ALA A 730 76.47 16.68 48.09
C ALA A 730 75.11 16.58 48.77
N LEU A 731 74.42 15.45 48.61
CA LEU A 731 73.12 15.26 49.23
C LEU A 731 73.20 14.65 50.62
N ARG A 732 74.38 14.20 51.06
CA ARG A 732 74.52 13.72 52.43
C ARG A 732 74.18 14.83 53.43
N ALA A 733 74.67 16.05 53.16
CA ALA A 733 74.30 17.18 53.99
C ALA A 733 72.87 17.61 53.72
N PHE A 734 72.43 17.54 52.46
CA PHE A 734 71.09 17.98 52.09
C PHE A 734 70.01 17.17 52.80
N SER A 735 70.30 15.89 53.10
CA SER A 735 69.30 15.03 53.73
C SER A 735 68.85 15.57 55.08
N GLU A 736 69.73 16.27 55.80
CA GLU A 736 69.40 16.83 57.10
C GLU A 736 69.38 18.36 57.12
N ASP A 737 69.82 19.01 56.05
CA ASP A 737 69.86 20.48 56.03
C ASP A 737 68.46 21.07 56.08
N CYS A 738 67.50 20.43 55.41
CA CYS A 738 66.13 20.94 55.40
C CYS A 738 65.53 20.90 56.80
N ALA A 739 65.39 19.69 57.36
CA ALA A 739 64.83 19.47 58.69
C ALA A 739 63.42 20.07 58.83
N ALA A 740 62.75 20.32 57.71
CA ALA A 740 61.40 20.90 57.71
C ALA A 740 60.54 20.15 56.71
N GLU A 741 60.57 18.82 56.78
CA GLU A 741 59.86 17.96 55.83
C GLU A 741 60.31 18.25 54.40
N GLY A 742 61.61 18.48 54.23
CA GLY A 742 62.18 18.74 52.92
C GLY A 742 62.57 17.48 52.18
N ILE A 743 63.44 16.68 52.80
CA ILE A 743 63.93 15.45 52.18
C ILE A 743 63.53 14.30 53.11
N ARG A 744 62.39 13.69 52.82
CA ARG A 744 61.92 12.53 53.59
C ARG A 744 61.80 11.29 52.72
N VAL A 745 61.13 11.38 51.58
CA VAL A 745 60.93 10.23 50.71
C VAL A 745 62.22 9.97 49.94
N ARG A 746 62.73 8.74 50.04
CA ARG A 746 63.95 8.33 49.38
C ARG A 746 63.70 7.03 48.61
N ASP A 747 64.55 6.77 47.63
CA ASP A 747 64.46 5.55 46.84
C ASP A 747 65.71 4.70 47.05
N ILE A 748 65.85 3.62 46.29
CA ILE A 748 67.04 2.78 46.39
C ILE A 748 68.13 3.38 45.52
N ASP A 749 67.90 3.38 44.20
CA ASP A 749 68.72 4.08 43.21
C ASP A 749 70.22 4.03 43.54
N VAL A 750 70.73 2.79 43.60
CA VAL A 750 72.12 2.59 44.01
C VAL A 750 73.04 3.14 42.93
N ASP A 751 73.65 4.30 43.21
CA ASP A 751 74.66 4.91 42.34
C ASP A 751 74.14 5.12 40.92
N TYR A 752 73.10 5.96 40.82
CA TYR A 752 72.59 6.33 39.50
C TYR A 752 73.18 7.65 39.00
N ALA A 753 72.96 8.73 39.75
CA ALA A 753 73.44 10.07 39.36
C ALA A 753 73.01 10.43 37.94
N SER A 754 71.75 10.14 37.62
CA SER A 754 71.19 10.49 36.32
C SER A 754 70.83 11.96 36.28
N HIS A 755 70.86 12.53 35.08
CA HIS A 755 70.58 13.95 34.86
C HIS A 755 71.48 14.81 35.74
N SER A 756 72.75 14.46 35.80
CA SER A 756 73.75 15.06 36.66
C SER A 756 74.95 15.44 35.82
N PRO A 757 75.79 16.38 36.29
CA PRO A 757 77.03 16.69 35.56
C PRO A 757 77.90 15.48 35.29
N GLN A 758 77.70 14.40 36.04
CA GLN A 758 78.40 13.15 35.77
C GLN A 758 77.97 12.52 34.44
N ILE A 759 76.82 12.92 33.90
CA ILE A 759 76.34 12.33 32.66
C ILE A 759 77.28 12.67 31.50
N GLU A 760 77.67 13.94 31.40
CA GLU A 760 78.55 14.38 30.32
C GLU A 760 80.00 13.95 30.51
N ARG A 761 80.29 13.20 31.58
CA ARG A 761 81.64 12.67 31.77
C ARG A 761 82.02 11.74 30.62
N VAL A 762 81.08 10.88 30.19
CA VAL A 762 81.36 9.95 29.10
C VAL A 762 80.98 10.60 27.78
N ARG A 763 79.68 10.81 27.57
CA ARG A 763 79.14 11.67 26.52
C ARG A 763 79.57 11.30 25.11
N GLU A 764 80.38 10.24 24.95
CA GLU A 764 80.85 9.93 23.61
C GLU A 764 80.66 8.47 23.22
N GLU A 765 80.86 7.53 24.16
CA GLU A 765 80.68 6.12 23.82
C GLU A 765 79.22 5.79 23.58
N LEU A 766 78.31 6.48 24.27
CA LEU A 766 76.89 6.32 23.96
C LEU A 766 76.59 6.72 22.53
N LEU A 767 77.15 7.85 22.09
CA LEU A 767 76.96 8.30 20.71
C LEU A 767 77.56 7.30 19.73
N GLU A 768 78.76 6.79 20.04
CA GLU A 768 79.41 5.85 19.14
C GLU A 768 78.62 4.55 19.02
N THR A 769 78.11 4.03 20.14
CA THR A 769 77.39 2.77 20.11
C THR A 769 76.02 2.93 19.47
N THR A 770 75.31 4.00 19.80
CA THR A 770 73.95 4.21 19.32
C THR A 770 73.88 5.05 18.05
N GLY A 771 75.02 5.34 17.42
CA GLY A 771 75.03 6.12 16.21
C GLY A 771 74.73 5.32 14.96
N ASP A 772 73.77 4.40 15.06
CA ASP A 772 73.40 3.56 13.92
C ASP A 772 71.89 3.43 13.75
N ILE A 773 71.09 4.20 14.50
CA ILE A 773 69.64 4.07 14.40
C ILE A 773 69.15 4.63 13.06
N ALA A 774 67.99 4.15 12.65
CA ALA A 774 67.33 4.59 11.43
C ALA A 774 65.89 4.98 11.74
N PRO A 775 65.68 6.13 12.38
CA PRO A 775 64.32 6.53 12.74
C PRO A 775 63.47 6.82 11.51
N ARG A 776 62.17 6.61 11.66
CA ARG A 776 61.19 6.81 10.62
C ARG A 776 60.04 7.64 11.15
N PRO A 777 59.30 8.32 10.27
CA PRO A 777 58.17 9.13 10.74
C PRO A 777 57.13 8.29 11.46
N ALA A 778 56.51 8.90 12.48
CA ALA A 778 55.53 8.23 13.32
C ALA A 778 54.11 8.62 12.92
N ARG A 779 53.16 7.76 13.26
CA ARG A 779 51.76 7.97 12.94
C ARG A 779 50.96 8.53 14.11
N VAL A 780 51.60 8.85 15.23
CA VAL A 780 50.91 9.33 16.41
C VAL A 780 51.79 10.37 17.10
N THR A 781 51.15 11.34 17.74
CA THR A 781 51.86 12.43 18.40
C THR A 781 52.83 11.89 19.44
N PHE A 782 54.02 12.50 19.49
CA PHE A 782 55.11 12.08 20.37
C PHE A 782 55.57 13.25 21.22
N HIS A 783 54.62 13.93 21.87
CA HIS A 783 54.96 15.04 22.75
C HIS A 783 55.91 14.57 23.84
N SER A 784 57.14 15.09 23.82
CA SER A 784 58.18 14.64 24.72
C SER A 784 58.14 15.48 26.00
N THR A 785 59.12 15.26 26.89
CA THR A 785 59.24 15.98 28.14
C THR A 785 60.47 16.87 28.23
N VAL A 786 61.54 16.53 27.52
CA VAL A 786 62.71 17.39 27.52
C VAL A 786 62.41 18.72 26.83
N GLU A 787 61.58 18.68 25.79
CA GLU A 787 61.11 19.88 25.11
C GLU A 787 59.59 19.82 25.02
N SER A 788 58.94 20.92 25.41
CA SER A 788 57.48 20.99 25.37
C SER A 788 57.03 21.19 23.93
N ARG A 789 57.20 20.14 23.13
CA ARG A 789 56.89 20.19 21.71
C ARG A 789 56.63 18.77 21.22
N SER A 790 55.97 18.68 20.07
CA SER A 790 55.70 17.41 19.41
C SER A 790 56.56 17.33 18.15
N MET A 791 57.39 16.30 18.08
CA MET A 791 58.30 16.10 16.96
C MET A 791 57.89 14.85 16.17
N ASP A 792 58.70 14.52 15.19
CA ASP A 792 58.52 13.31 14.38
C ASP A 792 59.73 12.39 14.58
N GLY A 793 59.72 11.27 13.86
CA GLY A 793 60.81 10.33 13.97
C GLY A 793 62.12 10.88 13.45
N THR A 794 62.06 11.68 12.39
CA THR A 794 63.27 12.19 11.75
C THR A 794 64.13 13.03 12.69
N GLU A 795 63.52 13.62 13.72
CA GLU A 795 64.26 14.44 14.68
C GLU A 795 64.77 13.63 15.87
N LEU A 796 64.56 12.32 15.88
CA LEU A 796 64.98 11.47 16.99
C LEU A 796 66.27 10.76 16.59
N ASP A 797 67.39 11.35 16.96
CA ASP A 797 68.72 10.79 16.70
C ASP A 797 69.41 10.51 18.03
N ALA A 798 70.63 9.97 17.94
CA ALA A 798 71.39 9.66 19.14
C ALA A 798 71.67 10.91 19.97
N ARG A 799 71.81 12.07 19.30
CA ARG A 799 71.97 13.32 20.04
C ARG A 799 70.74 13.61 20.87
N TYR A 800 69.55 13.34 20.34
CA TYR A 800 68.33 13.55 21.10
C TYR A 800 68.30 12.65 22.34
N TRP A 801 68.72 11.39 22.21
CA TRP A 801 68.73 10.50 23.35
C TRP A 801 69.77 10.93 24.38
N TYR A 802 70.92 11.43 23.93
CA TYR A 802 71.90 11.97 24.87
C TYR A 802 71.33 13.17 25.61
N ARG A 803 70.62 14.05 24.90
CA ARG A 803 69.99 15.19 25.55
C ARG A 803 68.95 14.73 26.57
N ASN A 804 68.17 13.71 26.21
CA ASN A 804 67.17 13.17 27.14
C ASN A 804 67.86 12.62 28.39
N LEU A 805 68.99 11.94 28.22
CA LEU A 805 69.75 11.46 29.38
C LEU A 805 70.29 12.63 30.20
N ARG A 806 70.61 13.75 29.56
CA ARG A 806 71.21 14.88 30.25
C ARG A 806 70.16 15.89 30.72
N GLU A 807 69.34 16.41 29.79
CA GLU A 807 68.46 17.51 30.11
C GLU A 807 67.37 17.08 31.09
N THR A 808 66.69 18.08 31.64
CA THR A 808 65.62 17.83 32.61
C THR A 808 64.43 17.15 31.93
N VAL A 809 63.70 16.37 32.71
CA VAL A 809 62.62 15.54 32.19
C VAL A 809 61.28 15.98 32.79
N ARG A 810 61.14 17.29 33.01
CA ARG A 810 59.94 17.88 33.60
C ARG A 810 58.67 17.26 33.04
N PHE A 811 57.82 16.77 33.95
CA PHE A 811 56.64 15.99 33.60
C PHE A 811 55.33 16.77 33.73
N ALA A 812 55.26 17.71 34.67
CA ALA A 812 54.00 18.43 34.90
C ALA A 812 53.61 19.26 33.69
N ASP A 813 54.59 19.92 33.05
CA ASP A 813 54.28 20.80 31.92
C ASP A 813 53.66 20.02 30.77
N ALA A 814 54.21 18.84 30.45
CA ALA A 814 53.66 18.05 29.36
C ALA A 814 52.24 17.60 29.64
N VAL A 815 51.97 17.16 30.88
CA VAL A 815 50.64 16.73 31.25
C VAL A 815 49.66 17.90 31.16
N THR A 816 50.06 19.06 31.65
CA THR A 816 49.20 20.24 31.58
C THR A 816 48.92 20.64 30.14
N ARG A 817 49.95 20.59 29.29
CA ARG A 817 49.77 20.94 27.88
C ARG A 817 48.81 19.98 27.20
N LEU A 818 48.95 18.67 27.48
CA LEU A 818 48.04 17.70 26.89
C LEU A 818 46.61 17.89 27.40
N ALA A 819 46.45 18.18 28.69
CA ALA A 819 45.12 18.40 29.23
C ALA A 819 44.47 19.62 28.61
N GLU A 820 45.22 20.71 28.44
CA GLU A 820 44.66 21.91 27.83
C GLU A 820 44.40 21.73 26.34
N SER A 821 45.18 20.87 25.68
CA SER A 821 45.00 20.67 24.24
C SER A 821 43.66 20.02 23.93
N GLY A 822 43.19 19.11 24.79
CA GLY A 822 41.90 18.49 24.58
C GLY A 822 41.83 17.02 24.98
N TYR A 823 42.97 16.42 25.28
CA TYR A 823 42.98 15.04 25.73
C TYR A 823 42.38 14.93 27.13
N ASP A 824 41.57 13.88 27.34
CA ASP A 824 40.85 13.75 28.60
C ASP A 824 40.84 12.32 29.13
N ALA A 825 41.79 11.48 28.70
CA ALA A 825 41.83 10.09 29.18
C ALA A 825 43.30 9.65 29.18
N PHE A 826 43.89 9.60 30.37
CA PHE A 826 45.29 9.20 30.54
C PHE A 826 45.34 7.78 31.08
N ILE A 827 46.02 6.90 30.35
CA ILE A 827 46.14 5.49 30.71
C ILE A 827 47.58 5.25 31.14
N GLU A 828 47.73 4.68 32.34
CA GLU A 828 49.05 4.39 32.90
C GLU A 828 49.45 2.97 32.49
N VAL A 829 50.62 2.84 31.86
CA VAL A 829 51.10 1.56 31.35
C VAL A 829 52.39 1.23 32.08
N SER A 830 52.29 0.34 33.07
CA SER A 830 53.44 -0.10 33.84
C SER A 830 53.00 -1.27 34.71
N PRO A 831 53.94 -2.13 35.14
CA PRO A 831 53.58 -3.22 36.06
C PRO A 831 53.17 -2.74 37.44
N HIS A 832 53.21 -1.44 37.72
CA HIS A 832 52.74 -0.89 38.99
C HIS A 832 52.55 0.61 38.84
N PRO A 833 51.39 1.15 39.25
CA PRO A 833 51.15 2.59 39.12
C PRO A 833 52.04 3.38 40.07
N VAL A 834 52.83 4.29 39.52
CA VAL A 834 53.71 5.13 40.34
C VAL A 834 53.51 6.62 40.09
N VAL A 835 52.95 7.05 38.96
CA VAL A 835 52.76 8.46 38.67
C VAL A 835 51.29 8.80 38.49
N VAL A 836 50.38 7.89 38.86
CA VAL A 836 48.96 8.17 38.71
C VAL A 836 48.53 9.32 39.60
N GLN A 837 49.02 9.35 40.83
CA GLN A 837 48.66 10.43 41.76
C GLN A 837 49.13 11.78 41.24
N ALA A 838 50.38 11.85 40.76
CA ALA A 838 50.90 13.10 40.23
C ALA A 838 50.12 13.55 39.00
N VAL A 839 49.77 12.61 38.12
CA VAL A 839 48.99 12.96 36.94
C VAL A 839 47.63 13.49 37.33
N GLU A 840 46.98 12.85 38.30
CA GLU A 840 45.67 13.34 38.76
C GLU A 840 45.77 14.73 39.35
N GLU A 841 46.80 14.97 40.17
CA GLU A 841 46.98 16.29 40.76
C GLU A 841 47.22 17.34 39.69
N ALA A 842 48.06 17.03 38.71
CA ALA A 842 48.36 17.99 37.64
C ALA A 842 47.11 18.28 36.82
N VAL A 843 46.32 17.26 36.51
CA VAL A 843 45.10 17.46 35.73
C VAL A 843 44.12 18.31 36.52
N GLU A 844 43.95 18.04 37.80
CA GLU A 844 43.03 18.82 38.62
C GLU A 844 43.47 20.27 38.72
N GLU A 845 44.78 20.51 38.92
CA GLU A 845 45.27 21.87 39.02
C GLU A 845 45.11 22.62 37.71
N ALA A 846 45.38 21.96 36.58
CA ALA A 846 45.21 22.58 35.28
C ALA A 846 43.73 22.80 34.99
N ASP A 847 43.45 23.73 34.07
CA ASP A 847 42.06 24.03 33.73
C ASP A 847 41.43 22.88 32.96
N GLY A 848 41.95 22.60 31.76
CA GLY A 848 41.55 21.46 30.95
C GLY A 848 40.06 21.16 30.94
N ALA A 849 39.72 19.92 31.31
CA ALA A 849 38.34 19.50 31.47
C ALA A 849 38.19 18.84 32.83
N GLU A 850 37.00 18.99 33.41
CA GLU A 850 36.71 18.46 34.74
C GLU A 850 36.10 17.07 34.71
N ASP A 851 36.37 16.29 33.65
CA ASP A 851 35.86 14.94 33.53
C ASP A 851 36.93 13.96 33.09
N ALA A 852 38.20 14.33 33.20
CA ALA A 852 39.28 13.45 32.81
C ALA A 852 39.37 12.26 33.76
N VAL A 853 39.73 11.10 33.21
CA VAL A 853 39.84 9.87 33.97
C VAL A 853 41.27 9.36 33.84
N VAL A 854 41.87 9.00 34.97
CA VAL A 854 43.22 8.45 35.02
C VAL A 854 43.11 7.03 35.57
N VAL A 855 43.58 6.06 34.79
CA VAL A 855 43.52 4.65 35.16
C VAL A 855 44.91 4.05 35.05
N GLY A 856 45.19 3.07 35.91
CA GLY A 856 46.49 2.43 35.98
C GLY A 856 46.54 1.14 35.20
N SER A 857 47.29 0.18 35.73
CA SER A 857 47.51 -1.12 35.11
C SER A 857 47.71 -2.14 36.22
N LEU A 858 48.30 -3.28 35.88
CA LEU A 858 48.58 -4.33 36.86
C LEU A 858 49.17 -3.75 38.13
N HIS A 859 48.63 -4.19 39.27
CA HIS A 859 49.13 -3.74 40.56
C HIS A 859 50.30 -4.60 41.00
N ARG A 860 51.05 -4.09 41.98
CA ARG A 860 52.20 -4.82 42.49
C ARG A 860 51.79 -6.06 43.27
N ASP A 861 50.51 -6.17 43.66
CA ASP A 861 50.00 -7.35 44.32
C ASP A 861 49.10 -8.20 43.43
N GLY A 862 48.71 -7.68 42.26
CA GLY A 862 47.86 -8.43 41.35
C GLY A 862 48.64 -9.01 40.19
N GLY A 863 48.55 -8.37 39.03
CA GLY A 863 49.25 -8.81 37.85
C GLY A 863 48.58 -9.92 37.06
N ASP A 864 47.45 -10.43 37.54
CA ASP A 864 46.73 -11.46 36.82
C ASP A 864 45.85 -10.83 35.75
N LEU A 865 45.40 -11.68 34.80
CA LEU A 865 44.50 -11.20 33.76
C LEU A 865 43.21 -10.63 34.36
N SER A 866 42.80 -11.12 35.52
CA SER A 866 41.64 -10.56 36.20
C SER A 866 41.89 -9.10 36.59
N ALA A 867 43.09 -8.79 37.07
CA ALA A 867 43.41 -7.41 37.40
C ALA A 867 43.40 -6.52 36.16
N PHE A 868 43.93 -7.03 35.04
CA PHE A 868 43.89 -6.27 33.80
C PHE A 868 42.46 -6.01 33.35
N LEU A 869 41.60 -7.02 33.44
CA LEU A 869 40.20 -6.82 33.07
C LEU A 869 39.52 -5.85 34.02
N ARG A 870 39.88 -5.87 35.30
CA ARG A 870 39.32 -4.89 36.24
C ARG A 870 39.74 -3.47 35.88
N SER A 871 41.00 -3.29 35.52
CA SER A 871 41.46 -1.98 35.08
C SER A 871 40.75 -1.54 33.81
N MET A 872 40.55 -2.47 32.87
CA MET A 872 39.82 -2.15 31.65
C MET A 872 38.39 -1.75 31.96
N ALA A 873 37.74 -2.43 32.90
CA ALA A 873 36.39 -2.07 33.29
C ALA A 873 36.37 -0.69 33.94
N THR A 874 37.37 -0.38 34.75
CA THR A 874 37.45 0.94 35.36
C THR A 874 37.60 2.02 34.29
N ALA A 875 38.40 1.76 33.26
CA ALA A 875 38.51 2.70 32.15
C ALA A 875 37.22 2.80 31.35
N HIS A 876 36.50 1.68 31.22
CA HIS A 876 35.30 1.65 30.37
C HIS A 876 34.13 2.37 31.02
N VAL A 877 33.99 2.25 32.33
CA VAL A 877 32.85 2.84 33.04
C VAL A 877 32.97 4.36 33.06
N SER A 878 34.05 4.89 32.49
CA SER A 878 34.25 6.33 32.43
C SER A 878 34.12 6.90 31.02
N GLY A 879 34.05 6.06 29.99
CA GLY A 879 33.82 6.56 28.65
C GLY A 879 34.65 5.89 27.56
N VAL A 880 35.76 5.26 27.94
CA VAL A 880 36.64 4.65 26.95
C VAL A 880 35.97 3.44 26.34
N ASP A 881 36.00 3.36 25.01
CA ASP A 881 35.41 2.24 24.30
C ASP A 881 36.36 1.05 24.28
N ILE A 882 35.83 -0.13 24.61
CA ILE A 882 36.63 -1.35 24.67
C ILE A 882 35.85 -2.47 24.00
N ARG A 883 36.53 -3.25 23.16
CA ARG A 883 35.92 -4.40 22.49
C ARG A 883 36.00 -5.59 23.43
N TRP A 884 34.90 -5.88 24.13
CA TRP A 884 34.91 -6.93 25.14
C TRP A 884 34.90 -8.33 24.53
N ASP A 885 34.36 -8.47 23.32
CA ASP A 885 34.22 -9.80 22.73
C ASP A 885 35.57 -10.49 22.55
N VAL A 886 36.65 -9.72 22.42
CA VAL A 886 37.98 -10.31 22.29
C VAL A 886 38.31 -11.14 23.53
N ALA A 887 37.87 -10.68 24.70
CA ALA A 887 38.09 -11.43 25.93
C ALA A 887 37.28 -12.71 26.00
N LEU A 888 36.31 -12.91 25.10
CA LEU A 888 35.46 -14.09 25.10
C LEU A 888 35.45 -14.73 23.72
N PRO A 889 36.55 -15.40 23.35
CA PRO A 889 36.59 -16.06 22.05
C PRO A 889 35.77 -17.33 22.02
N GLY A 890 35.15 -17.60 20.88
CA GLY A 890 34.40 -18.81 20.67
C GLY A 890 33.23 -19.01 21.61
N ALA A 891 32.42 -17.97 21.78
CA ALA A 891 31.27 -18.01 22.67
C ALA A 891 29.98 -17.86 21.87
N ALA A 892 28.90 -18.44 22.39
CA ALA A 892 27.59 -18.37 21.75
C ALA A 892 26.72 -17.39 22.51
N PRO A 893 26.22 -16.34 21.87
CA PRO A 893 25.39 -15.37 22.59
C PRO A 893 24.13 -16.01 23.15
N PHE A 894 23.71 -15.53 24.31
CA PHE A 894 22.56 -16.06 25.03
C PHE A 894 21.35 -15.14 24.83
N ALA A 895 20.26 -15.45 25.51
CA ALA A 895 19.05 -14.65 25.49
C ALA A 895 18.88 -13.96 26.84
N LEU A 896 18.63 -12.66 26.83
CA LEU A 896 18.58 -11.87 28.04
C LEU A 896 17.27 -11.09 28.10
N PRO A 897 16.82 -10.74 29.31
CA PRO A 897 15.61 -9.92 29.45
C PRO A 897 15.82 -8.52 28.89
N THR A 898 14.71 -7.89 28.53
CA THR A 898 14.73 -6.58 27.91
C THR A 898 14.96 -5.49 28.96
N TYR A 899 14.89 -4.24 28.54
CA TYR A 899 15.18 -3.12 29.43
C TYR A 899 14.08 -2.99 30.49
N PRO A 900 14.45 -2.81 31.76
CA PRO A 900 13.47 -2.62 32.85
C PRO A 900 13.01 -1.17 32.99
N PHE A 901 12.01 -0.80 32.20
CA PHE A 901 11.52 0.57 32.20
C PHE A 901 10.95 0.95 33.57
N GLN A 902 11.19 2.19 33.96
CA GLN A 902 10.60 2.75 35.18
C GLN A 902 9.41 3.62 34.76
N ARG A 903 8.21 3.20 35.14
CA ARG A 903 6.99 3.76 34.59
C ARG A 903 6.32 4.72 35.57
N LYS A 904 5.67 5.74 35.01
CA LYS A 904 4.89 6.71 35.75
C LYS A 904 3.54 6.90 35.06
N ARG A 905 2.56 7.38 35.82
CA ARG A 905 1.21 7.53 35.29
C ARG A 905 1.08 8.87 34.58
N TYR A 906 0.68 8.83 33.31
CA TYR A 906 0.46 10.01 32.49
C TYR A 906 -0.88 9.85 31.78
N TRP A 907 -1.96 10.29 32.42
CA TRP A 907 -3.29 10.25 31.84
C TRP A 907 -3.92 11.63 31.92
N LEU A 908 -4.48 12.08 30.81
CA LEU A 908 -5.10 13.40 30.75
C LEU A 908 -6.42 13.39 31.51
N GLN A 909 -6.38 13.78 32.79
CA GLN A 909 -7.59 13.75 33.60
C GLN A 909 -8.53 14.88 33.19
N PRO A 910 -9.80 14.57 32.90
CA PRO A 910 -10.81 15.58 32.51
C PRO A 910 -11.03 16.63 33.58
N SER B 5 25.84 -28.42 -37.29
CA SER B 5 25.84 -27.14 -36.60
C SER B 5 24.44 -26.57 -36.47
N GLU B 6 23.47 -27.25 -37.09
CA GLU B 6 22.09 -26.80 -37.00
C GLU B 6 21.57 -26.83 -35.57
N LYS B 7 21.87 -27.91 -34.84
CA LYS B 7 21.46 -28.00 -33.45
C LYS B 7 22.08 -26.89 -32.61
N VAL B 8 23.38 -26.62 -32.82
CA VAL B 8 24.05 -25.56 -32.08
C VAL B 8 23.42 -24.21 -32.38
N ALA B 9 23.14 -23.94 -33.66
CA ALA B 9 22.53 -22.67 -34.04
C ALA B 9 21.15 -22.52 -33.42
N GLU B 10 20.33 -23.58 -33.46
CA GLU B 10 19.00 -23.50 -32.89
C GLU B 10 19.05 -23.29 -31.37
N TYR B 11 19.95 -24.01 -30.69
CA TYR B 11 20.08 -23.86 -29.25
C TYR B 11 20.53 -22.45 -28.89
N LEU B 12 21.50 -21.90 -29.65
CA LEU B 12 21.94 -20.54 -29.39
C LEU B 12 20.83 -19.54 -29.63
N ARG B 13 20.05 -19.73 -30.69
N ARG B 13 20.05 -19.73 -30.69
CA ARG B 13 18.94 -18.82 -30.96
CA ARG B 13 18.94 -18.82 -30.97
C ARG B 13 17.90 -18.86 -29.85
C ARG B 13 17.90 -18.86 -29.85
N ARG B 14 17.56 -20.06 -29.38
CA ARG B 14 16.61 -20.18 -28.28
C ARG B 14 17.13 -19.53 -27.01
N ALA B 15 18.42 -19.75 -26.71
CA ALA B 15 19.01 -19.16 -25.51
C ALA B 15 19.00 -17.64 -25.57
N THR B 16 19.32 -17.09 -26.74
CA THR B 16 19.36 -15.63 -26.86
C THR B 16 17.96 -15.03 -26.85
N LEU B 17 16.98 -15.72 -27.43
CA LEU B 17 15.60 -15.26 -27.33
C LEU B 17 15.15 -15.24 -25.88
N ASP B 18 15.48 -16.29 -25.13
CA ASP B 18 15.14 -16.34 -23.71
C ASP B 18 15.86 -15.23 -22.94
N LEU B 19 17.12 -14.95 -23.28
CA LEU B 19 17.85 -13.88 -22.62
C LEU B 19 17.20 -12.53 -22.88
N ARG B 20 16.80 -12.25 -24.11
CA ARG B 20 16.13 -10.99 -24.42
C ARG B 20 14.82 -10.89 -23.67
N ALA B 21 14.05 -11.98 -23.62
CA ALA B 21 12.79 -11.97 -22.90
C ALA B 21 13.02 -11.72 -21.42
N ALA B 22 14.05 -12.33 -20.84
CA ALA B 22 14.34 -12.14 -19.42
C ALA B 22 14.74 -10.70 -19.13
N ARG B 23 15.57 -10.10 -19.99
CA ARG B 23 15.96 -8.72 -19.79
C ARG B 23 14.75 -7.78 -19.90
N GLN B 24 13.88 -8.04 -20.88
CA GLN B 24 12.67 -7.25 -21.02
C GLN B 24 11.79 -7.37 -19.79
N ARG B 25 11.64 -8.59 -19.26
CA ARG B 25 10.84 -8.80 -18.06
C ARG B 25 11.45 -8.07 -16.86
N ILE B 26 12.77 -8.11 -16.73
CA ILE B 26 13.43 -7.41 -15.63
C ILE B 26 13.18 -5.91 -15.73
N ARG B 27 13.34 -5.36 -16.93
N ARG B 27 13.33 -5.36 -16.94
CA ARG B 27 13.12 -3.92 -17.12
CA ARG B 27 13.12 -3.92 -17.12
C ARG B 27 11.67 -3.55 -16.83
C ARG B 27 11.67 -3.55 -16.83
N GLU B 28 10.72 -4.37 -17.29
CA GLU B 28 9.30 -4.08 -17.03
C GLU B 28 8.98 -4.15 -15.55
N LEU B 29 9.56 -5.12 -14.83
CA LEU B 29 9.30 -5.24 -13.41
C LEU B 29 10.02 -4.18 -12.60
N GLU B 30 11.08 -3.58 -13.13
CA GLU B 30 11.84 -2.59 -12.38
C GLU B 30 11.37 -1.15 -12.65
N SER B 31 11.41 -0.72 -13.92
CA SER B 31 11.23 0.69 -14.26
C SER B 31 10.27 0.86 -15.41
N ASP B 32 9.11 0.22 -15.34
CA ASP B 32 8.09 0.39 -16.36
C ASP B 32 7.44 1.76 -16.21
N PRO B 33 7.42 2.59 -17.25
CA PRO B 33 6.78 3.90 -17.14
C PRO B 33 5.27 3.79 -16.95
N ILE B 34 4.70 4.76 -16.25
CA ILE B 34 3.27 4.81 -15.99
C ILE B 34 2.67 6.00 -16.74
N ALA B 35 1.45 5.85 -17.23
CA ALA B 35 0.79 6.88 -18.02
C ALA B 35 -0.37 7.48 -17.24
N ILE B 36 -0.48 8.80 -17.25
CA ILE B 36 -1.60 9.51 -16.65
C ILE B 36 -2.62 9.77 -17.74
N VAL B 37 -3.84 9.28 -17.55
CA VAL B 37 -4.85 9.35 -18.58
C VAL B 37 -5.92 10.41 -18.30
N SER B 38 -6.21 10.71 -17.03
CA SER B 38 -7.23 11.70 -16.73
C SER B 38 -7.05 12.20 -15.30
N MET B 39 -7.68 13.34 -15.02
CA MET B 39 -7.56 13.99 -13.72
C MET B 39 -8.89 14.66 -13.37
N ALA B 40 -9.06 14.91 -12.08
CA ALA B 40 -10.23 15.62 -11.57
C ALA B 40 -9.81 16.42 -10.35
N CYS B 41 -10.39 17.60 -10.20
CA CYS B 41 -10.00 18.50 -9.13
C CYS B 41 -11.22 19.23 -8.58
N ARG B 42 -11.08 19.67 -7.32
CA ARG B 42 -12.09 20.49 -6.68
C ARG B 42 -11.34 21.37 -5.67
N LEU B 43 -11.22 22.64 -5.98
CA LEU B 43 -10.31 23.56 -5.32
C LEU B 43 -11.05 24.83 -4.91
N PRO B 44 -10.51 25.59 -3.96
CA PRO B 44 -11.19 26.81 -3.52
C PRO B 44 -11.32 27.83 -4.65
N GLY B 45 -12.37 28.64 -4.56
CA GLY B 45 -12.61 29.67 -5.55
C GLY B 45 -13.47 29.26 -6.71
N GLY B 46 -14.22 28.17 -6.60
CA GLY B 46 -15.05 27.71 -7.68
C GLY B 46 -14.35 26.92 -8.75
N VAL B 47 -13.07 26.62 -8.57
CA VAL B 47 -12.30 25.84 -9.54
C VAL B 47 -12.72 24.39 -9.40
N ASN B 48 -13.56 23.91 -10.32
N ASN B 48 -13.55 23.92 -10.33
CA ASN B 48 -14.04 22.54 -10.28
CA ASN B 48 -14.07 22.57 -10.31
C ASN B 48 -13.60 21.70 -11.47
C ASN B 48 -13.54 21.69 -11.44
N THR B 49 -12.86 22.28 -12.42
CA THR B 49 -12.32 21.54 -13.55
C THR B 49 -10.86 21.91 -13.74
N PRO B 50 -10.06 21.00 -14.31
CA PRO B 50 -8.64 21.33 -14.56
C PRO B 50 -8.45 22.54 -15.46
N GLN B 51 -9.36 22.77 -16.40
CA GLN B 51 -9.23 23.94 -17.28
C GLN B 51 -9.32 25.23 -16.48
N ARG B 52 -10.24 25.29 -15.50
CA ARG B 52 -10.33 26.48 -14.66
C ARG B 52 -9.05 26.68 -13.86
N LEU B 53 -8.47 25.59 -13.35
CA LEU B 53 -7.21 25.70 -12.61
C LEU B 53 -6.10 26.23 -13.50
N TRP B 54 -6.01 25.72 -14.73
CA TRP B 54 -4.98 26.22 -15.64
C TRP B 54 -5.20 27.68 -15.98
N GLU B 55 -6.45 28.09 -16.20
CA GLU B 55 -6.73 29.48 -16.49
C GLU B 55 -6.33 30.38 -15.32
N LEU B 56 -6.64 29.95 -14.10
CA LEU B 56 -6.26 30.73 -12.92
C LEU B 56 -4.74 30.82 -12.80
N LEU B 57 -4.04 29.71 -13.01
CA LEU B 57 -2.59 29.70 -12.88
C LEU B 57 -1.94 30.59 -13.93
N ARG B 58 -2.40 30.53 -15.18
N ARG B 58 -2.40 30.52 -15.18
CA ARG B 58 -1.77 31.29 -16.25
CA ARG B 58 -1.79 31.30 -16.25
C ARG B 58 -2.14 32.77 -16.19
C ARG B 58 -2.11 32.78 -16.12
N GLU B 59 -3.35 33.11 -15.76
CA GLU B 59 -3.73 34.52 -15.63
C GLU B 59 -2.97 35.19 -14.49
N GLY B 60 -2.80 34.48 -13.37
CA GLY B 60 -2.13 35.04 -12.22
C GLY B 60 -3.12 35.60 -11.23
N GLY B 61 -3.36 34.88 -10.15
CA GLY B 61 -4.34 35.30 -9.17
C GLY B 61 -4.37 34.35 -8.00
N GLU B 62 -5.13 34.74 -6.99
CA GLU B 62 -5.25 34.00 -5.75
C GLU B 62 -6.71 33.57 -5.54
N THR B 63 -6.95 32.88 -4.42
CA THR B 63 -8.30 32.46 -4.08
C THR B 63 -8.63 32.74 -2.62
N LEU B 64 -7.96 33.69 -2.00
CA LEU B 64 -8.19 34.00 -0.60
C LEU B 64 -9.59 34.58 -0.40
N SER B 65 -10.23 34.21 0.70
CA SER B 65 -11.56 34.68 1.01
C SER B 65 -11.79 34.57 2.50
N GLY B 66 -12.94 35.10 2.96
CA GLY B 66 -13.26 35.07 4.36
C GLY B 66 -13.73 33.70 4.81
N PHE B 67 -13.94 33.59 6.12
CA PHE B 67 -14.35 32.34 6.71
C PHE B 67 -15.78 31.97 6.27
N PRO B 68 -16.06 30.69 6.09
CA PRO B 68 -17.40 30.29 5.67
C PRO B 68 -18.44 30.58 6.74
N THR B 69 -19.67 30.83 6.30
CA THR B 69 -20.77 31.15 7.19
C THR B 69 -21.80 30.05 7.35
N ASP B 70 -22.02 29.25 6.30
CA ASP B 70 -23.04 28.21 6.36
C ASP B 70 -22.60 26.98 7.15
N ARG B 71 -21.30 26.82 7.41
CA ARG B 71 -20.83 25.66 8.14
C ARG B 71 -21.29 25.65 9.60
N GLY B 72 -21.69 26.80 10.13
CA GLY B 72 -22.15 26.88 11.49
C GLY B 72 -21.11 27.32 12.51
N TRP B 73 -19.95 27.80 12.07
CA TRP B 73 -18.93 28.26 12.99
C TRP B 73 -19.38 29.54 13.69
N ASP B 74 -18.92 29.71 14.93
CA ASP B 74 -19.21 30.92 15.70
C ASP B 74 -18.16 31.96 15.35
N LEU B 75 -18.43 32.74 14.31
CA LEU B 75 -17.45 33.70 13.82
C LEU B 75 -17.19 34.84 14.80
N ALA B 76 -18.15 35.13 15.69
CA ALA B 76 -17.97 36.25 16.61
C ALA B 76 -16.90 35.94 17.65
N ARG B 77 -16.94 34.75 18.25
CA ARG B 77 -16.01 34.37 19.29
C ARG B 77 -14.75 33.70 18.76
N LEU B 78 -14.65 33.50 17.43
CA LEU B 78 -13.51 32.81 16.85
C LEU B 78 -12.36 33.75 16.55
N HIS B 79 -12.64 34.93 16.00
CA HIS B 79 -11.61 35.85 15.56
C HIS B 79 -11.28 36.85 16.66
N HIS B 80 -9.99 36.96 17.00
CA HIS B 80 -9.52 37.93 17.97
C HIS B 80 -8.13 38.36 17.54
N PRO B 81 -7.86 39.67 17.46
CA PRO B 81 -6.53 40.13 17.01
C PRO B 81 -5.39 39.66 17.90
N ASP B 82 -5.63 39.52 19.20
CA ASP B 82 -4.56 39.13 20.11
C ASP B 82 -4.24 37.64 19.94
N PRO B 83 -3.00 37.28 19.60
CA PRO B 83 -2.67 35.86 19.46
C PRO B 83 -2.31 35.22 20.80
N ASP B 84 -3.14 35.45 21.82
CA ASP B 84 -2.91 34.88 23.14
C ASP B 84 -4.17 34.36 23.82
N ASN B 85 -5.35 34.85 23.46
CA ASN B 85 -6.57 34.39 24.12
C ASN B 85 -6.86 32.96 23.73
N PRO B 86 -7.34 32.13 24.67
CA PRO B 86 -7.64 30.74 24.35
C PRO B 86 -8.78 30.62 23.35
N GLY B 87 -8.67 29.61 22.48
CA GLY B 87 -9.72 29.31 21.52
C GLY B 87 -9.98 30.41 20.52
N THR B 88 -8.95 31.16 20.14
CA THR B 88 -9.08 32.24 19.16
C THR B 88 -7.94 32.17 18.17
N SER B 89 -8.19 32.67 16.97
CA SER B 89 -7.19 32.71 15.91
C SER B 89 -7.06 34.14 15.41
N TYR B 90 -5.83 34.56 15.11
CA TYR B 90 -5.56 35.92 14.67
C TYR B 90 -5.60 36.06 13.15
N VAL B 91 -6.19 35.10 12.45
CA VAL B 91 -6.34 35.16 11.00
C VAL B 91 -7.80 34.95 10.66
N ASP B 92 -8.22 35.52 9.52
CA ASP B 92 -9.59 35.38 9.07
C ASP B 92 -9.69 35.15 7.57
N LYS B 93 -8.58 34.81 6.91
CA LYS B 93 -8.57 34.59 5.47
C LYS B 93 -8.00 33.21 5.18
N GLY B 94 -8.56 32.55 4.17
CA GLY B 94 -8.10 31.23 3.79
C GLY B 94 -8.90 30.73 2.61
N GLY B 95 -8.38 29.65 2.01
CA GLY B 95 -9.05 29.05 0.88
C GLY B 95 -10.11 28.06 1.29
N PHE B 96 -11.36 28.32 0.90
CA PHE B 96 -12.48 27.46 1.27
C PHE B 96 -13.31 27.14 0.04
N LEU B 97 -13.85 25.93 0.01
CA LEU B 97 -14.68 25.51 -1.11
C LEU B 97 -15.99 26.30 -1.14
N ASP B 98 -16.47 26.56 -2.35
CA ASP B 98 -17.69 27.35 -2.51
C ASP B 98 -18.90 26.65 -1.90
N ASP B 99 -19.01 25.33 -2.12
CA ASP B 99 -20.15 24.58 -1.63
C ASP B 99 -19.67 23.18 -1.24
N ALA B 100 -19.36 22.99 0.03
CA ALA B 100 -18.95 21.70 0.55
C ALA B 100 -20.09 20.89 1.13
N ALA B 101 -21.28 21.48 1.25
CA ALA B 101 -22.44 20.80 1.80
C ALA B 101 -23.33 20.19 0.73
N GLY B 102 -22.97 20.32 -0.54
CA GLY B 102 -23.80 19.78 -1.60
C GLY B 102 -23.52 18.30 -1.85
N PHE B 103 -24.58 17.56 -2.15
CA PHE B 103 -24.45 16.13 -2.44
C PHE B 103 -25.71 15.66 -3.14
N ASP B 104 -25.53 14.69 -4.04
CA ASP B 104 -26.63 14.06 -4.78
C ASP B 104 -26.82 12.65 -4.21
N ALA B 105 -27.64 12.55 -3.16
CA ALA B 105 -27.82 11.27 -2.48
C ALA B 105 -28.47 10.24 -3.39
N GLU B 106 -29.46 10.66 -4.19
CA GLU B 106 -30.20 9.70 -5.00
C GLU B 106 -29.34 9.07 -6.08
N PHE B 107 -28.34 9.80 -6.60
CA PHE B 107 -27.52 9.26 -7.67
C PHE B 107 -26.72 8.05 -7.23
N PHE B 108 -26.18 8.09 -6.01
CA PHE B 108 -25.34 7.01 -5.50
C PHE B 108 -26.12 6.01 -4.67
N GLY B 109 -27.44 6.13 -4.61
CA GLY B 109 -28.25 5.19 -3.84
C GLY B 109 -27.97 5.24 -2.35
N VAL B 110 -27.91 6.45 -1.80
CA VAL B 110 -27.65 6.66 -0.38
C VAL B 110 -28.87 7.33 0.24
N SER B 111 -29.34 6.77 1.35
CA SER B 111 -30.48 7.35 2.05
C SER B 111 -30.11 8.72 2.62
N PRO B 112 -31.07 9.62 2.75
CA PRO B 112 -30.75 10.98 3.24
C PRO B 112 -30.14 10.98 4.64
N ARG B 113 -30.52 10.05 5.51
CA ARG B 113 -29.93 10.00 6.84
C ARG B 113 -28.44 9.66 6.76
N GLU B 114 -28.09 8.69 5.94
CA GLU B 114 -26.68 8.33 5.78
C GLU B 114 -25.89 9.48 5.16
N ALA B 115 -26.49 10.18 4.20
CA ALA B 115 -25.82 11.34 3.60
C ALA B 115 -25.60 12.43 4.64
N ALA B 116 -26.58 12.66 5.51
CA ALA B 116 -26.41 13.65 6.57
C ALA B 116 -25.31 13.24 7.53
N ALA B 117 -25.23 11.94 7.85
CA ALA B 117 -24.21 11.44 8.77
C ALA B 117 -22.86 11.19 8.11
N MET B 118 -22.74 11.41 6.81
CA MET B 118 -21.51 11.13 6.08
C MET B 118 -20.59 12.35 6.09
N ASP B 119 -19.29 12.08 6.19
CA ASP B 119 -18.30 13.15 6.11
C ASP B 119 -18.29 13.75 4.72
N PRO B 120 -18.19 15.08 4.60
CA PRO B 120 -18.15 15.70 3.27
C PRO B 120 -16.99 15.24 2.40
N GLN B 121 -15.89 14.79 3.02
CA GLN B 121 -14.77 14.30 2.24
C GLN B 121 -15.18 13.10 1.39
N GLN B 122 -15.95 12.17 1.96
CA GLN B 122 -16.37 10.99 1.21
C GLN B 122 -17.28 11.37 0.06
N ARG B 123 -18.21 12.31 0.29
CA ARG B 123 -19.12 12.73 -0.78
C ARG B 123 -18.36 13.38 -1.92
N LEU B 124 -17.46 14.31 -1.59
CA LEU B 124 -16.67 14.96 -2.63
C LEU B 124 -15.77 13.97 -3.34
N LEU B 125 -15.25 12.97 -2.61
CA LEU B 125 -14.44 11.94 -3.25
C LEU B 125 -15.26 11.13 -4.24
N LEU B 126 -16.49 10.78 -3.88
CA LEU B 126 -17.35 10.05 -4.81
C LEU B 126 -17.62 10.87 -6.07
N GLU B 127 -17.98 12.13 -5.90
CA GLU B 127 -18.27 12.97 -7.06
C GLU B 127 -17.04 13.13 -7.95
N THR B 128 -15.89 13.42 -7.35
CA THR B 128 -14.67 13.61 -8.13
C THR B 128 -14.22 12.31 -8.78
N SER B 129 -14.43 11.16 -8.14
CA SER B 129 -14.08 9.89 -8.76
C SER B 129 -14.95 9.62 -9.99
N TRP B 130 -16.24 9.89 -9.89
CA TRP B 130 -17.10 9.72 -11.06
C TRP B 130 -16.67 10.65 -12.19
N GLU B 131 -16.39 11.91 -11.87
CA GLU B 131 -15.95 12.85 -12.90
C GLU B 131 -14.62 12.43 -13.50
N LEU B 132 -13.71 11.91 -12.67
CA LEU B 132 -12.42 11.45 -13.16
C LEU B 132 -12.57 10.28 -14.12
N VAL B 133 -13.42 9.31 -13.78
CA VAL B 133 -13.64 8.17 -14.65
C VAL B 133 -14.27 8.63 -15.97
N GLU B 134 -15.24 9.54 -15.89
CA GLU B 134 -15.90 10.00 -17.11
C GLU B 134 -14.96 10.82 -18.00
N ASN B 135 -14.02 11.55 -17.39
CA ASN B 135 -13.12 12.40 -18.16
C ASN B 135 -12.10 11.61 -18.97
N ALA B 136 -11.94 10.33 -18.72
CA ALA B 136 -10.97 9.51 -19.43
C ALA B 136 -11.53 8.88 -20.69
N GLY B 137 -12.78 9.20 -21.06
CA GLY B 137 -13.41 8.55 -22.18
C GLY B 137 -13.67 7.08 -21.95
N ILE B 138 -14.01 6.71 -20.71
CA ILE B 138 -14.26 5.32 -20.35
C ILE B 138 -15.65 5.24 -19.72
N ASP B 139 -16.43 4.26 -20.15
CA ASP B 139 -17.74 4.03 -19.57
C ASP B 139 -17.57 3.62 -18.11
N PRO B 140 -18.14 4.36 -17.15
CA PRO B 140 -17.97 3.97 -15.74
C PRO B 140 -18.50 2.59 -15.42
N HIS B 141 -19.54 2.13 -16.12
CA HIS B 141 -20.07 0.80 -15.88
C HIS B 141 -19.15 -0.29 -16.42
N SER B 142 -18.25 0.05 -17.34
CA SER B 142 -17.33 -0.95 -17.88
C SER B 142 -16.29 -1.37 -16.86
N LEU B 143 -15.90 -0.46 -15.97
CA LEU B 143 -14.90 -0.77 -14.94
C LEU B 143 -15.43 -1.74 -13.89
N ARG B 144 -16.74 -2.00 -13.86
CA ARG B 144 -17.29 -2.90 -12.88
C ARG B 144 -16.72 -4.30 -13.04
N GLY B 145 -16.28 -4.89 -11.94
CA GLY B 145 -15.71 -6.22 -11.95
C GLY B 145 -14.25 -6.31 -12.35
N THR B 146 -13.61 -5.18 -12.65
CA THR B 146 -12.21 -5.18 -13.03
C THR B 146 -11.31 -5.10 -11.79
N ALA B 147 -10.00 -5.02 -12.03
CA ALA B 147 -9.02 -5.01 -10.95
C ALA B 147 -8.51 -3.61 -10.64
N THR B 148 -9.37 -2.60 -10.74
CA THR B 148 -8.96 -1.23 -10.47
C THR B 148 -8.80 -1.01 -8.97
N GLY B 149 -7.67 -0.43 -8.57
CA GLY B 149 -7.43 -0.13 -7.17
C GLY B 149 -7.49 1.35 -6.88
N VAL B 150 -7.67 1.72 -5.61
CA VAL B 150 -7.75 3.12 -5.21
C VAL B 150 -6.77 3.38 -4.08
N PHE B 151 -6.12 4.54 -4.12
CA PHE B 151 -5.18 4.96 -3.09
C PHE B 151 -5.47 6.43 -2.78
N LEU B 152 -5.71 6.73 -1.51
CA LEU B 152 -6.16 8.04 -1.09
C LEU B 152 -5.35 8.56 0.08
N GLY B 153 -5.14 9.87 0.09
CA GLY B 153 -4.59 10.55 1.25
C GLY B 153 -5.67 11.34 1.95
N VAL B 154 -6.10 10.86 3.12
CA VAL B 154 -7.21 11.46 3.84
C VAL B 154 -7.00 11.27 5.33
N ALA B 155 -7.45 12.25 6.11
CA ALA B 155 -7.38 12.20 7.56
C ALA B 155 -8.62 12.81 8.16
N LYS B 156 -8.95 12.39 9.37
CA LYS B 156 -10.13 12.89 10.06
C LYS B 156 -9.96 14.35 10.43
N PHE B 157 -11.05 15.11 10.37
CA PHE B 157 -11.04 16.53 10.71
C PHE B 157 -12.07 16.90 11.77
N GLY B 158 -12.78 15.92 12.33
CA GLY B 158 -13.72 16.20 13.40
C GLY B 158 -15.09 16.65 12.93
N TYR B 159 -15.74 15.85 12.10
CA TYR B 159 -17.07 16.16 11.60
C TYR B 159 -18.11 15.38 12.40
N GLY B 160 -19.12 16.08 12.90
CA GLY B 160 -20.19 15.45 13.63
C GLY B 160 -19.89 15.11 15.06
N GLU B 161 -18.71 15.47 15.58
N GLU B 161 -18.71 15.46 15.57
CA GLU B 161 -18.40 15.16 16.96
CA GLU B 161 -18.38 15.18 16.97
C GLU B 161 -19.11 16.09 17.95
C GLU B 161 -19.16 16.08 17.92
N ASP B 162 -19.42 17.32 17.51
CA ASP B 162 -20.12 18.25 18.41
C ASP B 162 -21.53 17.77 18.72
N THR B 163 -22.25 17.29 17.72
CA THR B 163 -23.62 16.84 17.93
C THR B 163 -23.63 15.49 18.65
N ALA B 164 -24.74 15.23 19.34
CA ALA B 164 -24.91 13.97 20.04
C ALA B 164 -25.43 12.89 19.10
N ALA B 165 -25.36 11.65 19.57
CA ALA B 165 -25.84 10.52 18.78
C ALA B 165 -27.37 10.45 18.80
N ALA B 166 -27.90 9.55 17.98
CA ALA B 166 -29.33 9.35 17.88
C ALA B 166 -29.59 7.88 17.58
N GLU B 167 -30.77 7.57 17.06
CA GLU B 167 -31.10 6.21 16.68
C GLU B 167 -30.27 5.83 15.46
N ASP B 168 -29.22 5.04 15.68
CA ASP B 168 -28.25 4.68 14.66
C ASP B 168 -28.10 3.17 14.57
N VAL B 169 -29.23 2.48 14.47
CA VAL B 169 -29.21 1.02 14.41
C VAL B 169 -28.38 0.55 13.23
N GLU B 170 -28.47 1.24 12.09
CA GLU B 170 -27.64 0.92 10.94
C GLU B 170 -26.18 1.27 11.15
N GLY B 171 -25.84 2.01 12.21
CA GLY B 171 -24.46 2.39 12.47
C GLY B 171 -23.90 3.30 11.40
N TYR B 172 -24.68 4.31 11.00
CA TYR B 172 -24.28 5.18 9.91
C TYR B 172 -23.09 6.05 10.29
N SER B 173 -23.06 6.55 11.53
CA SER B 173 -22.01 7.49 11.92
C SER B 173 -20.62 6.86 11.90
N VAL B 174 -20.51 5.63 12.40
CA VAL B 174 -19.21 4.98 12.52
C VAL B 174 -18.57 4.81 11.14
N THR B 175 -19.36 4.33 10.18
CA THR B 175 -18.85 4.20 8.82
C THR B 175 -18.80 5.52 8.07
N GLY B 176 -19.46 6.55 8.58
CA GLY B 176 -19.48 7.84 7.91
C GLY B 176 -18.32 8.73 8.31
N VAL B 177 -17.69 8.44 9.44
CA VAL B 177 -16.55 9.23 9.90
C VAL B 177 -15.21 8.51 9.75
N ALA B 178 -15.22 7.21 9.46
CA ALA B 178 -13.97 6.47 9.38
C ALA B 178 -13.20 6.83 8.10
N PRO B 179 -11.87 6.82 8.15
CA PRO B 179 -11.08 7.16 6.96
C PRO B 179 -10.99 6.01 5.97
N ALA B 180 -10.97 4.77 6.46
CA ALA B 180 -10.88 3.62 5.56
C ALA B 180 -12.12 3.51 4.68
N VAL B 181 -13.29 3.83 5.25
CA VAL B 181 -14.52 3.79 4.47
C VAL B 181 -14.49 4.80 3.33
N ALA B 182 -13.68 5.85 3.45
CA ALA B 182 -13.60 6.84 2.38
C ALA B 182 -13.11 6.21 1.09
N SER B 183 -12.14 5.31 1.17
CA SER B 183 -11.69 4.57 0.00
C SER B 183 -12.51 3.32 -0.25
N GLY B 184 -13.10 2.73 0.78
CA GLY B 184 -13.93 1.55 0.57
C GLY B 184 -15.20 1.86 -0.20
N ARG B 185 -15.80 3.02 0.04
CA ARG B 185 -17.09 3.35 -0.56
C ARG B 185 -16.97 3.54 -2.06
N ILE B 186 -15.85 4.10 -2.53
CA ILE B 186 -15.65 4.26 -3.98
C ILE B 186 -15.66 2.90 -4.66
N SER B 187 -14.94 1.93 -4.10
CA SER B 187 -14.91 0.59 -4.67
C SER B 187 -16.29 -0.07 -4.58
N TYR B 188 -16.98 0.13 -3.46
CA TYR B 188 -18.29 -0.49 -3.30
C TYR B 188 -19.30 0.06 -4.32
N THR B 189 -19.31 1.37 -4.52
CA THR B 189 -20.27 1.97 -5.45
C THR B 189 -19.92 1.66 -6.89
N MET B 190 -18.64 1.80 -7.26
CA MET B 190 -18.23 1.57 -8.63
C MET B 190 -18.02 0.09 -8.96
N GLY B 191 -18.04 -0.78 -7.96
CA GLY B 191 -17.85 -2.20 -8.23
C GLY B 191 -16.43 -2.62 -8.51
N LEU B 192 -15.45 -1.80 -8.14
CA LEU B 192 -14.06 -2.15 -8.37
C LEU B 192 -13.65 -3.33 -7.49
N GLU B 193 -12.64 -4.06 -7.93
CA GLU B 193 -12.17 -5.25 -7.24
C GLU B 193 -10.66 -5.26 -7.12
N GLY B 194 -10.08 -4.10 -6.81
CA GLY B 194 -8.66 -3.99 -6.58
C GLY B 194 -8.38 -3.52 -5.17
N PRO B 195 -7.12 -3.63 -4.73
CA PRO B 195 -6.78 -3.25 -3.36
C PRO B 195 -7.10 -1.79 -3.09
N SER B 196 -7.62 -1.53 -1.88
CA SER B 196 -7.99 -0.19 -1.47
C SER B 196 -7.29 0.14 -0.16
N ILE B 197 -6.44 1.17 -0.18
CA ILE B 197 -5.65 1.57 0.97
C ILE B 197 -5.84 3.05 1.20
N SER B 198 -5.91 3.47 2.46
CA SER B 198 -6.03 4.87 2.85
C SER B 198 -4.84 5.21 3.74
N VAL B 199 -3.73 5.61 3.10
CA VAL B 199 -2.55 5.98 3.86
C VAL B 199 -2.71 7.37 4.45
N ASP B 200 -1.87 7.69 5.43
CA ASP B 200 -1.91 9.00 6.08
C ASP B 200 -0.51 9.24 6.62
N THR B 201 0.24 10.09 5.91
CA THR B 201 1.59 10.48 6.35
C THR B 201 1.72 11.99 6.16
N ALA B 202 1.31 12.75 7.17
CA ALA B 202 1.41 14.20 7.18
C ALA B 202 0.78 14.83 5.94
N CYS B 203 1.46 15.82 5.36
CA CYS B 203 0.96 16.53 4.20
C CYS B 203 1.44 15.95 2.88
N SER B 204 2.30 14.93 2.91
CA SER B 204 2.77 14.27 1.70
C SER B 204 2.00 12.99 1.40
N SER B 205 0.97 12.68 2.19
CA SER B 205 0.32 11.38 2.13
C SER B 205 -0.06 11.00 0.71
N SER B 206 -0.74 11.92 0.01
CA SER B 206 -1.19 11.64 -1.35
C SER B 206 -0.04 11.17 -2.23
N LEU B 207 1.08 11.91 -2.20
CA LEU B 207 2.21 11.51 -3.04
C LEU B 207 2.71 10.12 -2.66
N VAL B 208 2.76 9.83 -1.36
CA VAL B 208 3.15 8.50 -0.91
C VAL B 208 2.23 7.47 -1.55
N ALA B 209 0.93 7.73 -1.53
CA ALA B 209 -0.02 6.81 -2.15
C ALA B 209 0.37 6.54 -3.59
N LEU B 210 0.70 7.60 -4.34
CA LEU B 210 1.10 7.43 -5.73
C LEU B 210 2.21 6.39 -5.85
N HIS B 211 3.24 6.51 -5.00
CA HIS B 211 4.34 5.56 -5.02
C HIS B 211 3.82 4.14 -4.93
N LEU B 212 2.98 3.87 -3.92
CA LEU B 212 2.45 2.52 -3.76
C LEU B 212 1.71 2.07 -5.01
N ALA B 213 0.92 2.97 -5.59
CA ALA B 213 0.15 2.61 -6.79
C ALA B 213 1.08 2.15 -7.89
N VAL B 214 2.23 2.81 -8.06
CA VAL B 214 3.17 2.41 -9.10
C VAL B 214 3.60 0.97 -8.85
N GLU B 215 3.97 0.66 -7.59
CA GLU B 215 4.38 -0.70 -7.27
C GLU B 215 3.24 -1.70 -7.47
N SER B 216 1.99 -1.25 -7.39
CA SER B 216 0.89 -2.13 -7.69
C SER B 216 0.71 -2.32 -9.20
N LEU B 217 0.98 -1.27 -9.98
CA LEU B 217 0.77 -1.37 -11.42
C LEU B 217 1.85 -2.19 -12.10
N ARG B 218 3.11 -2.01 -11.69
CA ARG B 218 4.21 -2.70 -12.36
C ARG B 218 4.15 -4.20 -12.13
N LYS B 219 3.79 -4.64 -10.92
CA LYS B 219 3.71 -6.06 -10.62
C LYS B 219 2.59 -6.73 -11.40
N GLY B 220 1.40 -6.14 -11.37
CA GLY B 220 0.26 -6.73 -12.06
C GLY B 220 -0.92 -6.97 -11.15
N GLU B 221 -0.82 -6.51 -9.89
CA GLU B 221 -1.93 -6.65 -8.97
C GLU B 221 -3.15 -5.87 -9.44
N SER B 222 -2.93 -4.65 -9.94
CA SER B 222 -4.00 -3.81 -10.42
C SER B 222 -3.70 -3.39 -11.85
N SER B 223 -4.73 -3.41 -12.70
CA SER B 223 -4.57 -2.94 -14.07
C SER B 223 -4.72 -1.42 -14.17
N MET B 224 -5.42 -0.80 -13.23
CA MET B 224 -5.70 0.62 -13.26
C MET B 224 -5.76 1.13 -11.83
N ALA B 225 -5.36 2.38 -11.62
CA ALA B 225 -5.29 2.94 -10.28
C ALA B 225 -5.93 4.32 -10.23
N VAL B 226 -6.57 4.62 -9.09
CA VAL B 226 -7.16 5.93 -8.83
C VAL B 226 -6.44 6.50 -7.64
N VAL B 227 -5.56 7.49 -7.87
CA VAL B 227 -4.68 8.01 -6.84
C VAL B 227 -5.05 9.44 -6.54
N GLY B 228 -5.24 9.76 -5.27
CA GLY B 228 -5.61 11.12 -4.97
C GLY B 228 -5.54 11.46 -3.50
N GLY B 229 -6.04 12.64 -3.18
CA GLY B 229 -6.07 13.12 -1.81
C GLY B 229 -7.28 14.01 -1.59
N ALA B 230 -7.66 14.14 -0.32
CA ALA B 230 -8.80 14.95 0.06
C ALA B 230 -8.55 15.63 1.39
N ALA B 231 -8.99 16.88 1.50
CA ALA B 231 -8.87 17.63 2.75
C ALA B 231 -9.96 18.70 2.78
N VAL B 232 -10.96 18.50 3.63
CA VAL B 232 -12.05 19.45 3.80
C VAL B 232 -12.23 19.70 5.30
N MET B 233 -12.18 20.97 5.70
CA MET B 233 -12.33 21.33 7.10
C MET B 233 -13.80 21.32 7.50
N ALA B 234 -14.10 20.67 8.62
CA ALA B 234 -15.44 20.67 9.16
C ALA B 234 -15.60 21.57 10.37
N THR B 235 -14.54 21.74 11.16
CA THR B 235 -14.53 22.61 12.32
C THR B 235 -13.30 23.51 12.28
N PRO B 236 -13.38 24.73 12.82
CA PRO B 236 -12.24 25.65 12.80
C PRO B 236 -11.22 25.37 13.90
N GLY B 237 -10.81 24.10 14.01
CA GLY B 237 -9.86 23.70 15.02
C GLY B 237 -8.43 23.92 14.61
N VAL B 238 -8.11 23.58 13.35
CA VAL B 238 -6.73 23.68 12.87
C VAL B 238 -6.22 25.11 12.98
N PHE B 239 -7.05 26.08 12.61
CA PHE B 239 -6.65 27.48 12.71
C PHE B 239 -6.31 27.86 14.14
N VAL B 240 -7.13 27.43 15.11
CA VAL B 240 -6.89 27.77 16.50
C VAL B 240 -5.58 27.16 16.99
N ASP B 241 -5.38 25.87 16.72
CA ASP B 241 -4.18 25.20 17.19
C ASP B 241 -2.93 25.81 16.58
N PHE B 242 -2.96 26.12 15.28
CA PHE B 242 -1.78 26.70 14.65
C PHE B 242 -1.59 28.18 14.99
N SER B 243 -2.66 28.87 15.42
CA SER B 243 -2.49 30.23 15.92
C SER B 243 -1.92 30.24 17.33
N ARG B 244 -2.16 29.18 18.10
CA ARG B 244 -1.61 29.11 19.45
C ARG B 244 -0.09 29.13 19.43
N GLN B 245 0.53 28.66 18.35
CA GLN B 245 1.99 28.62 18.23
C GLN B 245 2.52 29.64 17.22
N ARG B 246 1.69 30.58 16.78
CA ARG B 246 2.10 31.63 15.84
C ARG B 246 2.70 31.04 14.57
N ALA B 247 2.08 29.98 14.07
CA ALA B 247 2.56 29.29 12.88
C ALA B 247 1.87 29.73 11.60
N LEU B 248 0.89 30.62 11.68
CA LEU B 248 0.14 31.04 10.50
C LEU B 248 0.59 32.42 10.03
N ALA B 249 0.46 32.65 8.73
CA ALA B 249 0.79 33.95 8.17
C ALA B 249 -0.28 34.97 8.56
N ALA B 250 0.17 36.20 8.85
CA ALA B 250 -0.74 37.23 9.33
C ALA B 250 -1.80 37.57 8.29
N ASP B 251 -1.38 37.74 7.03
CA ASP B 251 -2.29 38.13 5.97
C ASP B 251 -2.95 36.95 5.26
N GLY B 252 -2.59 35.73 5.63
CA GLY B 252 -3.18 34.55 5.01
C GLY B 252 -2.52 34.10 3.73
N ARG B 253 -1.53 34.83 3.23
CA ARG B 253 -0.85 34.44 2.01
C ARG B 253 0.24 33.40 2.33
N SER B 254 0.78 32.83 1.26
CA SER B 254 1.73 31.71 1.35
C SER B 254 2.95 31.98 0.47
N LYS B 255 3.55 33.16 0.63
CA LYS B 255 4.73 33.54 -0.14
C LYS B 255 5.76 32.42 -0.14
N ALA B 256 6.05 31.91 -1.34
CA ALA B 256 6.86 30.70 -1.45
C ALA B 256 8.31 30.96 -1.06
N PHE B 257 9.00 31.85 -1.78
CA PHE B 257 10.40 32.13 -1.53
C PHE B 257 10.68 33.62 -1.37
N GLY B 258 9.65 34.42 -1.13
CA GLY B 258 9.85 35.84 -0.94
C GLY B 258 10.53 36.15 0.38
N ALA B 259 11.05 37.37 0.47
CA ALA B 259 11.73 37.80 1.69
C ALA B 259 10.77 38.09 2.84
N GLY B 260 9.47 38.17 2.56
CA GLY B 260 8.50 38.46 3.59
C GLY B 260 7.75 37.24 4.10
N ALA B 261 8.31 36.06 3.86
CA ALA B 261 7.64 34.82 4.27
C ALA B 261 7.57 34.74 5.79
N ASP B 262 6.38 34.48 6.30
CA ASP B 262 6.17 34.39 7.75
C ASP B 262 5.31 33.22 8.18
N GLY B 263 4.64 32.52 7.27
CA GLY B 263 3.80 31.41 7.67
C GLY B 263 3.14 30.80 6.45
N PHE B 264 2.26 29.84 6.71
CA PHE B 264 1.50 29.17 5.65
C PHE B 264 0.01 29.42 5.84
N GLY B 265 -0.70 29.47 4.72
CA GLY B 265 -2.14 29.61 4.71
C GLY B 265 -2.79 28.30 4.27
N PHE B 266 -3.73 27.84 5.08
CA PHE B 266 -4.37 26.54 4.85
C PHE B 266 -5.56 26.69 3.92
N SER B 267 -5.84 25.62 3.18
CA SER B 267 -6.93 25.60 2.23
C SER B 267 -7.44 24.18 2.06
N GLU B 268 -8.67 24.07 1.59
CA GLU B 268 -9.28 22.77 1.32
C GLU B 268 -8.98 22.33 -0.11
N GLY B 269 -9.39 21.11 -0.44
CA GLY B 269 -9.19 20.61 -1.78
C GLY B 269 -9.27 19.11 -1.92
N VAL B 270 -9.79 18.64 -3.06
CA VAL B 270 -9.88 17.23 -3.38
C VAL B 270 -9.35 17.02 -4.79
N THR B 271 -8.33 16.18 -4.93
CA THR B 271 -7.72 15.94 -6.23
C THR B 271 -7.59 14.44 -6.49
N LEU B 272 -7.72 14.05 -7.75
CA LEU B 272 -7.62 12.66 -8.15
C LEU B 272 -7.00 12.58 -9.54
N VAL B 273 -6.23 11.52 -9.77
CA VAL B 273 -5.65 11.22 -11.07
C VAL B 273 -5.83 9.73 -11.34
N LEU B 274 -5.80 9.38 -12.63
CA LEU B 274 -5.99 8.01 -13.07
C LEU B 274 -4.69 7.50 -13.69
N LEU B 275 -4.21 6.36 -13.21
CA LEU B 275 -2.93 5.81 -13.63
C LEU B 275 -3.11 4.45 -14.28
N GLU B 276 -2.31 4.18 -15.30
CA GLU B 276 -2.35 2.92 -16.03
C GLU B 276 -1.03 2.78 -16.78
N ARG B 277 -0.62 1.52 -17.00
CA ARG B 277 0.64 1.26 -17.68
C ARG B 277 0.61 1.80 -19.10
N LEU B 278 1.78 2.25 -19.56
CA LEU B 278 1.86 2.85 -20.89
C LEU B 278 1.52 1.85 -21.98
N SER B 279 1.97 0.60 -21.83
CA SER B 279 1.63 -0.43 -22.82
C SER B 279 0.14 -0.68 -22.87
N GLU B 280 -0.52 -0.73 -21.71
CA GLU B 280 -1.96 -0.92 -21.68
C GLU B 280 -2.68 0.27 -22.31
N ALA B 281 -2.18 1.49 -22.05
CA ALA B 281 -2.78 2.67 -22.67
C ALA B 281 -2.64 2.63 -24.18
N ARG B 282 -1.48 2.21 -24.68
CA ARG B 282 -1.30 2.08 -26.12
C ARG B 282 -2.24 1.04 -26.70
N ARG B 283 -2.38 -0.10 -26.02
CA ARG B 283 -3.21 -1.18 -26.57
C ARG B 283 -4.68 -0.81 -26.56
N ASN B 284 -5.18 -0.26 -25.44
CA ASN B 284 -6.61 0.04 -25.33
C ASN B 284 -7.00 1.28 -26.12
N GLY B 285 -6.07 2.21 -26.32
CA GLY B 285 -6.37 3.44 -27.03
C GLY B 285 -6.66 4.64 -26.17
N HIS B 286 -6.45 4.55 -24.85
CA HIS B 286 -6.68 5.69 -23.98
C HIS B 286 -5.69 6.80 -24.27
N GLU B 287 -6.16 8.04 -24.17
CA GLU B 287 -5.27 9.19 -24.34
C GLU B 287 -4.29 9.28 -23.18
N VAL B 288 -3.05 9.65 -23.49
CA VAL B 288 -1.99 9.76 -22.51
C VAL B 288 -1.61 11.23 -22.35
N LEU B 289 -1.62 11.71 -21.12
CA LEU B 289 -1.30 13.10 -20.83
C LEU B 289 0.15 13.30 -20.41
N ALA B 290 0.67 12.46 -19.53
CA ALA B 290 2.06 12.55 -19.08
C ALA B 290 2.50 11.17 -18.63
N VAL B 291 3.80 11.04 -18.36
CA VAL B 291 4.39 9.77 -17.99
C VAL B 291 5.14 9.93 -16.68
N VAL B 292 4.72 9.19 -15.66
CA VAL B 292 5.48 9.09 -14.42
C VAL B 292 6.58 8.06 -14.61
N ARG B 293 7.82 8.44 -14.27
CA ARG B 293 8.97 7.60 -14.52
C ARG B 293 9.50 6.92 -13.25
N GLY B 294 9.81 7.70 -12.21
CA GLY B 294 10.36 7.13 -11.00
C GLY B 294 10.00 7.94 -9.78
N SER B 295 10.21 7.32 -8.61
CA SER B 295 9.90 7.97 -7.34
C SER B 295 10.76 7.33 -6.26
N ALA B 296 10.83 8.01 -5.11
CA ALA B 296 11.61 7.53 -3.99
C ALA B 296 11.01 8.04 -2.69
N LEU B 297 11.32 7.36 -1.60
CA LEU B 297 10.87 7.72 -0.27
C LEU B 297 12.00 7.50 0.72
N ASN B 298 11.99 8.29 1.79
CA ASN B 298 12.96 8.13 2.87
C ASN B 298 12.44 8.87 4.10
N GLN B 299 13.23 8.89 5.16
CA GLN B 299 12.85 9.49 6.42
C GLN B 299 13.89 10.51 6.83
N ASP B 300 13.43 11.58 7.50
CA ASP B 300 14.36 12.60 7.99
C ASP B 300 15.33 12.03 9.00
N GLY B 301 14.95 10.99 9.72
CA GLY B 301 15.83 10.40 10.70
C GLY B 301 15.93 11.23 11.96
N ALA B 302 17.06 11.08 12.65
CA ALA B 302 17.31 11.78 13.91
C ALA B 302 17.79 13.20 13.59
N SER B 303 16.83 14.06 13.29
CA SER B 303 17.10 15.45 13.01
C SER B 303 17.17 16.23 14.33
N ASN B 304 17.21 17.57 14.23
CA ASN B 304 17.25 18.41 15.43
C ASN B 304 15.86 18.66 16.01
N GLY B 305 14.81 18.17 15.36
CA GLY B 305 13.46 18.32 15.89
C GLY B 305 12.52 17.37 15.20
N LEU B 306 11.40 17.11 15.87
CA LEU B 306 10.40 16.20 15.31
C LEU B 306 9.80 16.76 14.03
N SER B 307 9.51 18.05 13.99
CA SER B 307 8.90 18.68 12.83
C SER B 307 9.89 19.46 11.97
N ALA B 308 11.11 19.68 12.46
CA ALA B 308 12.08 20.45 11.68
C ALA B 308 12.58 19.62 10.49
N PRO B 309 12.65 20.21 9.30
CA PRO B 309 13.14 19.47 8.14
C PRO B 309 14.67 19.34 8.16
N SER B 310 15.17 18.44 7.33
CA SER B 310 16.59 18.17 7.21
C SER B 310 17.00 18.15 5.75
N GLY B 311 18.04 18.92 5.41
CA GLY B 311 18.55 18.99 4.06
C GLY B 311 19.13 17.71 3.51
N PRO B 312 19.99 17.03 4.28
CA PRO B 312 20.59 15.78 3.76
C PRO B 312 19.57 14.73 3.35
N ALA B 313 18.46 14.60 4.09
CA ALA B 313 17.43 13.65 3.69
C ALA B 313 16.84 14.01 2.34
N GLN B 314 16.59 15.31 2.11
CA GLN B 314 16.03 15.73 0.84
C GLN B 314 17.02 15.48 -0.30
N ARG B 315 18.29 15.78 -0.09
CA ARG B 315 19.28 15.51 -1.12
C ARG B 315 19.36 14.02 -1.42
N ARG B 316 19.32 13.19 -0.37
CA ARG B 316 19.38 11.75 -0.56
C ARG B 316 18.18 11.24 -1.35
N VAL B 317 16.98 11.74 -1.02
CA VAL B 317 15.79 11.25 -1.71
C VAL B 317 15.78 11.71 -3.17
N ILE B 318 16.25 12.93 -3.43
CA ILE B 318 16.30 13.40 -4.81
C ILE B 318 17.28 12.55 -5.62
N ARG B 319 18.47 12.31 -5.08
CA ARG B 319 19.46 11.51 -5.81
C ARG B 319 18.97 10.08 -5.99
N GLN B 320 18.32 9.51 -4.98
CA GLN B 320 17.80 8.16 -5.10
C GLN B 320 16.72 8.05 -6.15
N ALA B 321 15.81 9.04 -6.20
CA ALA B 321 14.78 9.04 -7.23
C ALA B 321 15.39 9.15 -8.62
N LEU B 322 16.38 10.03 -8.78
CA LEU B 322 17.03 10.16 -10.08
C LEU B 322 17.73 8.87 -10.49
N GLU B 323 18.40 8.22 -9.54
CA GLU B 323 19.09 6.97 -9.86
C GLU B 323 18.11 5.86 -10.21
N SER B 324 17.01 5.75 -9.46
CA SER B 324 16.02 4.72 -9.74
C SER B 324 15.36 4.93 -11.10
N CYS B 325 15.07 6.19 -11.44
CA CYS B 325 14.52 6.47 -12.76
C CYS B 325 15.52 6.12 -13.86
N GLY B 326 16.79 6.41 -13.64
CA GLY B 326 17.82 6.14 -14.62
C GLY B 326 18.28 7.33 -15.42
N LEU B 327 18.11 8.54 -14.92
CA LEU B 327 18.45 9.76 -15.63
C LEU B 327 19.56 10.51 -14.90
N GLU B 328 19.94 11.65 -15.45
CA GLU B 328 20.93 12.54 -14.88
C GLU B 328 20.29 13.82 -14.38
N PRO B 329 20.90 14.50 -13.41
CA PRO B 329 20.32 15.75 -12.90
C PRO B 329 20.19 16.83 -13.96
N GLY B 330 20.94 16.75 -15.06
CA GLY B 330 20.88 17.75 -16.10
C GLY B 330 19.72 17.63 -17.06
N ASP B 331 18.87 16.62 -16.90
CA ASP B 331 17.74 16.44 -17.80
C ASP B 331 16.47 17.09 -17.31
N VAL B 332 16.32 17.30 -16.00
CA VAL B 332 15.12 17.91 -15.46
C VAL B 332 15.14 19.41 -15.75
N ASP B 333 14.04 19.93 -16.29
CA ASP B 333 13.97 21.33 -16.67
C ASP B 333 13.37 22.21 -15.59
N ALA B 334 12.41 21.70 -14.82
CA ALA B 334 11.76 22.50 -13.79
C ALA B 334 11.41 21.60 -12.61
N VAL B 335 11.27 22.22 -11.44
CA VAL B 335 10.97 21.50 -10.21
C VAL B 335 9.79 22.20 -9.53
N GLU B 336 8.79 21.41 -9.14
CA GLU B 336 7.66 21.91 -8.36
C GLU B 336 7.99 21.72 -6.89
N ALA B 337 8.63 22.73 -6.31
CA ALA B 337 9.12 22.62 -4.94
C ALA B 337 7.95 22.59 -3.95
N HIS B 338 8.26 22.16 -2.73
CA HIS B 338 7.24 22.13 -1.68
C HIS B 338 6.73 23.52 -1.38
N GLY B 339 7.63 24.46 -1.10
CA GLY B 339 7.28 25.87 -1.01
C GLY B 339 6.21 26.21 0.02
N THR B 340 6.29 25.61 1.22
CA THR B 340 5.39 26.03 2.29
C THR B 340 5.67 27.47 2.71
N GLY B 341 6.94 27.85 2.79
CA GLY B 341 7.33 29.22 3.04
C GLY B 341 6.92 29.78 4.39
N THR B 342 7.15 29.03 5.47
CA THR B 342 6.73 29.50 6.79
C THR B 342 7.83 30.23 7.55
N ALA B 343 8.88 29.53 7.97
CA ALA B 343 9.99 30.17 8.67
C ALA B 343 11.33 29.90 8.00
N LEU B 344 11.70 28.63 7.82
CA LEU B 344 13.04 28.27 7.39
C LEU B 344 13.04 27.11 6.40
N GLY B 345 11.88 26.63 5.97
CA GLY B 345 11.85 25.56 4.99
C GLY B 345 12.43 25.99 3.65
N ASP B 346 12.20 27.25 3.28
CA ASP B 346 12.70 27.74 1.99
C ASP B 346 14.22 27.73 1.90
N PRO B 347 14.98 28.24 2.88
CA PRO B 347 16.45 28.13 2.75
C PRO B 347 16.93 26.70 2.61
N ILE B 348 16.36 25.78 3.38
CA ILE B 348 16.82 24.39 3.34
C ILE B 348 16.49 23.77 1.99
N GLU B 349 15.26 23.95 1.52
CA GLU B 349 14.87 23.36 0.24
C GLU B 349 15.66 23.96 -0.91
N ALA B 350 15.85 25.28 -0.91
CA ALA B 350 16.61 25.92 -1.97
C ALA B 350 18.06 25.46 -1.95
N ASN B 351 18.65 25.33 -0.76
CA ASN B 351 20.03 24.86 -0.67
C ASN B 351 20.15 23.42 -1.17
N ALA B 352 19.19 22.57 -0.83
CA ALA B 352 19.22 21.18 -1.30
C ALA B 352 19.12 21.13 -2.82
N LEU B 353 18.19 21.90 -3.39
CA LEU B 353 18.03 21.91 -4.85
C LEU B 353 19.28 22.46 -5.53
N LEU B 354 19.89 23.49 -4.94
CA LEU B 354 21.09 24.08 -5.51
C LEU B 354 22.26 23.11 -5.45
N ASP B 355 22.38 22.36 -4.35
CA ASP B 355 23.48 21.42 -4.20
C ASP B 355 23.29 20.14 -5.01
N THR B 356 22.04 19.82 -5.39
CA THR B 356 21.80 18.61 -6.17
C THR B 356 21.63 18.91 -7.66
N TYR B 357 20.68 19.76 -8.02
CA TYR B 357 20.42 20.06 -9.42
C TYR B 357 21.35 21.14 -9.96
N GLY B 358 21.65 22.17 -9.15
CA GLY B 358 22.44 23.28 -9.61
C GLY B 358 23.93 23.03 -9.70
N ARG B 359 24.41 21.90 -9.20
CA ARG B 359 25.83 21.58 -9.23
C ARG B 359 26.21 21.13 -10.64
N ASP B 360 27.14 21.86 -11.26
CA ASP B 360 27.64 21.54 -12.60
C ASP B 360 26.50 21.49 -13.62
N ARG B 361 25.82 22.63 -13.76
CA ARG B 361 24.73 22.77 -14.71
C ARG B 361 25.08 23.82 -15.75
N ASP B 362 24.59 23.61 -16.97
CA ASP B 362 24.84 24.55 -18.06
C ASP B 362 24.29 25.92 -17.71
N ALA B 363 25.12 26.96 -17.94
CA ALA B 363 24.70 28.33 -17.64
C ALA B 363 23.61 28.80 -18.59
N ASP B 364 23.48 28.19 -19.77
CA ASP B 364 22.47 28.62 -20.73
C ASP B 364 21.06 28.18 -20.33
N ARG B 365 20.95 27.08 -19.58
CA ARG B 365 19.66 26.50 -19.22
C ARG B 365 19.60 26.32 -17.70
N PRO B 366 19.33 27.39 -16.96
CA PRO B 366 19.17 27.26 -15.51
C PRO B 366 17.90 26.49 -15.16
N LEU B 367 17.94 25.81 -14.02
CA LEU B 367 16.76 25.11 -13.54
C LEU B 367 15.69 26.10 -13.10
N TRP B 368 14.44 25.80 -13.43
CA TRP B 368 13.31 26.66 -13.10
C TRP B 368 12.65 26.17 -11.83
N LEU B 369 12.48 27.06 -10.86
CA LEU B 369 11.81 26.76 -9.60
C LEU B 369 10.34 27.17 -9.72
N GLY B 370 9.63 27.14 -8.60
CA GLY B 370 8.25 27.56 -8.56
C GLY B 370 7.44 26.65 -7.65
N SER B 371 6.32 27.18 -7.17
CA SER B 371 5.43 26.43 -6.29
C SER B 371 3.99 26.81 -6.59
N VAL B 372 3.08 25.86 -6.34
CA VAL B 372 1.66 26.10 -6.58
C VAL B 372 0.96 26.66 -5.35
N LYS B 373 1.54 26.51 -4.16
CA LYS B 373 0.90 27.02 -2.95
C LYS B 373 0.87 28.54 -2.91
N SER B 374 1.66 29.21 -3.75
CA SER B 374 1.61 30.66 -3.81
C SER B 374 0.32 31.17 -4.42
N ASN B 375 -0.47 30.31 -5.06
CA ASN B 375 -1.73 30.69 -5.69
C ASN B 375 -2.96 30.22 -4.94
N ILE B 376 -2.95 29.01 -4.41
CA ILE B 376 -4.11 28.46 -3.72
C ILE B 376 -3.84 28.12 -2.26
N GLY B 377 -2.60 28.20 -1.79
CA GLY B 377 -2.30 27.90 -0.41
C GLY B 377 -2.10 26.43 -0.15
N HIS B 378 -1.75 26.13 1.10
CA HIS B 378 -1.52 24.75 1.51
C HIS B 378 -2.82 23.96 1.48
N THR B 379 -2.73 22.73 0.95
CA THR B 379 -3.89 21.88 0.79
C THR B 379 -3.81 20.62 1.66
N GLN B 380 -2.87 20.58 2.60
CA GLN B 380 -2.70 19.46 3.52
C GLN B 380 -2.48 18.13 2.78
N ALA B 381 -3.45 17.23 2.88
CA ALA B 381 -3.27 15.89 2.32
C ALA B 381 -3.13 15.94 0.80
N ALA B 382 -3.96 16.74 0.13
CA ALA B 382 -3.93 16.82 -1.32
C ALA B 382 -2.95 17.89 -1.80
N ALA B 383 -1.69 17.71 -1.40
CA ALA B 383 -0.64 18.66 -1.73
C ALA B 383 0.19 18.24 -2.94
N GLY B 384 0.74 17.02 -2.93
CA GLY B 384 1.56 16.58 -4.03
C GLY B 384 0.78 16.43 -5.32
N VAL B 385 -0.46 15.94 -5.23
CA VAL B 385 -1.27 15.75 -6.42
C VAL B 385 -1.59 17.08 -7.10
N THR B 386 -1.77 18.15 -6.32
CA THR B 386 -2.00 19.46 -6.92
C THR B 386 -0.79 19.93 -7.71
N GLY B 387 0.42 19.73 -7.17
CA GLY B 387 1.61 20.05 -7.92
C GLY B 387 1.74 19.19 -9.17
N LEU B 388 1.35 17.92 -9.08
CA LEU B 388 1.35 17.06 -10.25
C LEU B 388 0.39 17.58 -11.31
N LEU B 389 -0.79 18.03 -10.90
CA LEU B 389 -1.75 18.61 -11.84
C LEU B 389 -1.17 19.84 -12.50
N LYS B 390 -0.53 20.71 -11.73
CA LYS B 390 0.08 21.90 -12.31
C LYS B 390 1.15 21.53 -13.33
N VAL B 391 2.00 20.55 -13.00
CA VAL B 391 3.07 20.14 -13.91
C VAL B 391 2.48 19.57 -15.20
N VAL B 392 1.46 18.71 -15.08
CA VAL B 392 0.88 18.10 -16.27
C VAL B 392 0.18 19.15 -17.13
N LEU B 393 -0.51 20.10 -16.50
CA LEU B 393 -1.13 21.18 -17.26
C LEU B 393 -0.09 22.02 -17.99
N ALA B 394 1.03 22.31 -17.33
CA ALA B 394 2.10 23.06 -17.98
C ALA B 394 2.66 22.28 -19.17
N LEU B 395 2.85 20.98 -19.01
CA LEU B 395 3.34 20.17 -20.12
C LEU B 395 2.36 20.16 -21.28
N ARG B 396 1.07 20.04 -20.98
CA ARG B 396 0.07 19.95 -22.03
C ARG B 396 -0.08 21.27 -22.78
N ASN B 397 -0.07 22.39 -22.05
CA ASN B 397 -0.23 23.70 -22.67
C ASN B 397 1.08 24.32 -23.13
N GLY B 398 2.22 23.70 -22.81
CA GLY B 398 3.50 24.20 -23.27
C GLY B 398 3.87 25.57 -22.72
N GLU B 399 3.66 25.79 -21.43
CA GLU B 399 4.00 27.06 -20.82
C GLU B 399 4.10 26.87 -19.31
N LEU B 400 5.17 27.40 -18.71
CA LEU B 400 5.37 27.29 -17.28
C LEU B 400 4.76 28.49 -16.57
N PRO B 401 3.75 28.29 -15.73
CA PRO B 401 3.16 29.44 -15.03
C PRO B 401 4.13 30.01 -14.00
N ALA B 402 3.95 31.30 -13.71
CA ALA B 402 4.83 32.02 -12.80
C ALA B 402 4.31 31.93 -11.37
N THR B 403 5.24 31.78 -10.43
CA THR B 403 4.91 31.81 -9.01
C THR B 403 4.81 33.26 -8.54
N LEU B 404 3.99 33.46 -7.52
CA LEU B 404 3.65 34.80 -7.05
C LEU B 404 4.50 35.20 -5.85
N HIS B 405 4.49 36.50 -5.56
CA HIS B 405 5.21 37.08 -4.42
C HIS B 405 6.71 36.80 -4.51
N VAL B 406 7.29 37.08 -5.69
CA VAL B 406 8.71 36.88 -5.91
C VAL B 406 9.34 38.21 -6.29
N GLU B 407 8.77 39.31 -5.80
CA GLU B 407 9.34 40.62 -6.08
C GLU B 407 10.72 40.76 -5.46
N GLU B 408 10.90 40.26 -4.24
CA GLU B 408 12.19 40.30 -3.56
C GLU B 408 12.58 38.89 -3.15
N PRO B 409 13.52 38.24 -3.84
CA PRO B 409 13.90 36.87 -3.48
C PRO B 409 14.53 36.80 -2.10
N THR B 410 14.44 35.61 -1.50
CA THR B 410 14.98 35.40 -0.18
C THR B 410 16.50 35.60 -0.19
N PRO B 411 17.04 36.42 0.70
CA PRO B 411 18.50 36.63 0.73
C PRO B 411 19.28 35.62 1.56
N HIS B 412 18.61 34.59 2.10
CA HIS B 412 19.30 33.58 2.89
C HIS B 412 20.00 32.53 2.05
N VAL B 413 19.76 32.49 0.74
CA VAL B 413 20.40 31.55 -0.16
C VAL B 413 21.11 32.34 -1.26
N ASP B 414 21.93 31.63 -2.02
CA ASP B 414 22.72 32.22 -3.09
C ASP B 414 22.00 32.00 -4.42
N TRP B 415 21.49 33.08 -5.01
CA TRP B 415 20.81 33.00 -6.29
C TRP B 415 21.74 33.33 -7.46
N SER B 416 22.62 34.31 -7.28
CA SER B 416 23.50 34.76 -8.36
C SER B 416 24.61 33.78 -8.66
N SER B 417 24.84 32.78 -7.80
CA SER B 417 25.91 31.82 -8.07
C SER B 417 25.65 31.04 -9.35
N GLY B 418 24.40 30.64 -9.58
CA GLY B 418 24.05 29.88 -10.76
C GLY B 418 23.32 28.60 -10.41
N GLY B 419 22.65 27.99 -11.39
CA GLY B 419 21.87 26.80 -11.13
C GLY B 419 20.38 27.06 -11.16
N VAL B 420 19.75 27.09 -9.99
CA VAL B 420 18.31 27.30 -9.92
C VAL B 420 17.97 28.75 -10.19
N ALA B 421 16.85 28.98 -10.87
CA ALA B 421 16.36 30.31 -11.15
C ALA B 421 14.88 30.37 -10.81
N LEU B 422 14.49 31.42 -10.08
CA LEU B 422 13.10 31.54 -9.66
C LEU B 422 12.21 31.92 -10.83
N LEU B 423 11.00 31.37 -10.84
CA LEU B 423 10.08 31.50 -11.97
C LEU B 423 9.24 32.77 -11.82
N ALA B 424 9.86 33.90 -12.14
CA ALA B 424 9.18 35.18 -12.15
C ALA B 424 8.81 35.51 -13.60
N GLY B 425 7.53 35.45 -13.90
CA GLY B 425 7.06 35.64 -15.27
C GLY B 425 6.93 34.33 -16.02
N ASN B 426 5.95 34.29 -16.92
CA ASN B 426 5.70 33.08 -17.69
C ASN B 426 6.84 32.79 -18.64
N GLN B 427 7.21 31.51 -18.74
CA GLN B 427 8.29 31.07 -19.60
C GLN B 427 7.78 30.02 -20.59
N PRO B 428 8.03 30.18 -21.88
CA PRO B 428 7.56 29.18 -22.85
C PRO B 428 8.23 27.84 -22.63
N TRP B 429 7.48 26.78 -22.91
CA TRP B 429 7.94 25.41 -22.74
C TRP B 429 7.50 24.56 -23.93
N ARG B 430 7.65 25.11 -25.13
CA ARG B 430 7.15 24.45 -26.32
C ARG B 430 7.93 23.16 -26.61
N ARG B 431 7.26 22.22 -27.27
CA ARG B 431 7.87 20.95 -27.63
C ARG B 431 8.97 21.16 -28.66
N GLY B 432 9.99 20.33 -28.58
CA GLY B 432 11.12 20.40 -29.49
C GLY B 432 11.91 19.12 -29.47
N GLU B 433 13.20 19.23 -29.81
CA GLU B 433 14.07 18.06 -29.83
C GLU B 433 14.46 17.60 -28.43
N ARG B 434 14.32 18.45 -27.44
CA ARG B 434 14.65 18.10 -26.06
C ARG B 434 13.41 17.53 -25.37
N THR B 435 13.60 16.42 -24.65
CA THR B 435 12.52 15.77 -23.94
C THR B 435 12.22 16.56 -22.68
N ARG B 436 11.04 17.18 -22.62
CA ARG B 436 10.67 17.98 -21.46
C ARG B 436 10.29 17.08 -20.30
N ARG B 437 10.82 17.38 -19.12
CA ARG B 437 10.51 16.62 -17.92
C ARG B 437 10.67 17.51 -16.70
N ALA B 438 9.94 17.18 -15.65
CA ALA B 438 9.92 17.97 -14.42
C ALA B 438 9.87 17.03 -13.22
N ALA B 439 9.96 17.61 -12.03
CA ALA B 439 9.95 16.86 -10.79
C ALA B 439 9.03 17.53 -9.78
N VAL B 440 8.49 16.72 -8.87
CA VAL B 440 7.58 17.18 -7.84
C VAL B 440 8.09 16.66 -6.49
N SER B 441 8.15 17.55 -5.50
CA SER B 441 8.65 17.21 -4.18
C SER B 441 7.57 17.42 -3.13
N ALA B 442 7.61 16.62 -2.08
CA ALA B 442 6.68 16.78 -0.96
C ALA B 442 7.34 16.27 0.31
N PHE B 443 7.49 17.16 1.29
CA PHE B 443 8.09 16.82 2.57
C PHE B 443 7.06 17.05 3.67
N GLY B 444 6.81 16.01 4.47
CA GLY B 444 5.77 16.05 5.48
C GLY B 444 6.28 16.43 6.86
N ILE B 445 5.34 16.76 7.74
CA ILE B 445 5.67 17.10 9.12
C ILE B 445 6.21 15.88 9.86
N SER B 446 5.61 14.70 9.60
CA SER B 446 6.06 13.49 10.28
C SER B 446 7.50 13.15 9.94
N GLY B 447 7.97 13.52 8.75
CA GLY B 447 9.36 13.32 8.40
C GLY B 447 9.58 12.43 7.20
N THR B 448 8.54 12.23 6.39
CA THR B 448 8.63 11.40 5.19
C THR B 448 8.70 12.31 3.96
N ASN B 449 9.65 12.02 3.07
CA ASN B 449 9.88 12.83 1.88
C ASN B 449 9.60 12.02 0.63
N ALA B 450 9.11 12.70 -0.40
CA ALA B 450 8.78 12.08 -1.67
C ALA B 450 9.23 12.96 -2.82
N HIS B 451 9.79 12.33 -3.85
CA HIS B 451 10.24 13.02 -5.05
C HIS B 451 9.85 12.18 -6.27
N VAL B 452 9.13 12.79 -7.20
CA VAL B 452 8.55 12.08 -8.34
C VAL B 452 8.99 12.77 -9.63
N ILE B 453 9.29 11.98 -10.65
CA ILE B 453 9.74 12.48 -11.95
C ILE B 453 8.65 12.25 -12.98
N VAL B 454 8.29 13.31 -13.71
CA VAL B 454 7.27 13.25 -14.73
C VAL B 454 7.87 13.75 -16.04
N GLU B 455 7.38 13.21 -17.16
CA GLU B 455 7.88 13.58 -18.47
C GLU B 455 6.71 13.66 -19.46
N GLU B 456 6.97 14.29 -20.59
CA GLU B 456 5.93 14.50 -21.60
C GLU B 456 5.55 13.19 -22.26
N ALA B 457 4.33 13.16 -22.79
CA ALA B 457 3.81 11.98 -23.47
C ALA B 457 4.40 11.87 -24.88
N PRO B 458 4.55 10.65 -25.40
CA PRO B 458 5.03 10.49 -26.77
C PRO B 458 4.03 11.03 -27.78
N GLU B 459 4.55 11.48 -28.91
CA GLU B 459 3.73 12.10 -29.95
C GLU B 459 2.85 11.04 -30.60
N ARG B 460 1.54 11.14 -30.39
CA ARG B 460 0.60 10.18 -30.97
C ARG B 460 -0.68 10.82 -31.49
N GLU B 461 -0.78 12.15 -31.52
CA GLU B 461 -2.02 12.84 -31.87
C GLU B 461 -2.08 13.24 -33.33
N HIS B 462 -1.45 12.47 -34.21
CA HIS B 462 -1.43 12.76 -35.64
C HIS B 462 -2.06 11.66 -36.47
N ARG B 463 -2.98 10.87 -35.90
CA ARG B 463 -3.64 9.78 -36.60
C ARG B 463 -5.15 9.92 -36.41
N GLU B 464 -5.81 10.54 -37.39
CA GLU B 464 -7.25 10.74 -37.35
C GLU B 464 -7.75 10.97 -38.77
N THR B 465 -9.05 10.84 -38.95
CA THR B 465 -9.69 11.04 -40.25
C THR B 465 -10.75 12.12 -40.25
N THR B 466 -11.58 12.20 -39.20
CA THR B 466 -12.64 13.19 -39.07
C THR B 466 -13.53 13.23 -40.32
N ALA B 467 -13.91 12.04 -40.79
CA ALA B 467 -14.73 11.92 -41.99
C ALA B 467 -16.19 12.22 -41.67
N HIS B 468 -16.83 12.98 -42.56
CA HIS B 468 -18.24 13.32 -42.41
C HIS B 468 -18.76 13.73 -43.78
N ASP B 469 -19.98 13.27 -44.09
CA ASP B 469 -20.57 13.55 -45.41
C ASP B 469 -21.95 14.19 -45.27
N GLY B 470 -22.70 13.82 -44.24
CA GLY B 470 -24.04 14.33 -44.07
C GLY B 470 -25.05 13.24 -43.76
N ARG B 471 -24.54 12.04 -43.47
CA ARG B 471 -25.41 10.93 -43.11
C ARG B 471 -26.09 11.20 -41.78
N PRO B 472 -27.28 10.63 -41.55
CA PRO B 472 -27.99 10.87 -40.29
C PRO B 472 -27.17 10.43 -39.09
N VAL B 473 -27.27 11.20 -38.01
CA VAL B 473 -26.50 10.94 -36.80
C VAL B 473 -27.45 10.87 -35.61
N PRO B 474 -27.39 9.81 -34.79
CA PRO B 474 -28.19 9.76 -33.57
C PRO B 474 -27.43 10.26 -32.35
N LEU B 475 -28.16 10.99 -31.50
CA LEU B 475 -27.62 11.48 -30.24
C LEU B 475 -28.50 10.93 -29.12
N VAL B 476 -27.88 10.22 -28.18
CA VAL B 476 -28.59 9.56 -27.08
C VAL B 476 -28.08 10.15 -25.77
N VAL B 477 -29.00 10.58 -24.93
CA VAL B 477 -28.67 11.11 -23.61
C VAL B 477 -29.45 10.34 -22.57
N SER B 478 -28.91 10.28 -21.36
CA SER B 478 -29.55 9.52 -20.29
C SER B 478 -29.13 10.09 -18.94
N ALA B 479 -29.96 9.84 -17.94
CA ALA B 479 -29.72 10.29 -16.58
C ALA B 479 -30.63 9.52 -15.64
N ARG B 480 -30.38 9.70 -14.34
CA ARG B 480 -31.15 9.01 -13.31
C ARG B 480 -32.35 9.80 -12.81
N SER B 481 -32.58 10.99 -13.35
CA SER B 481 -33.73 11.79 -12.94
C SER B 481 -34.09 12.74 -14.08
N THR B 482 -35.33 13.23 -14.04
CA THR B 482 -35.81 14.12 -15.09
C THR B 482 -35.01 15.42 -15.14
N ALA B 483 -34.72 16.00 -13.96
CA ALA B 483 -33.95 17.23 -13.93
C ALA B 483 -32.54 17.01 -14.45
N ALA B 484 -31.92 15.89 -14.08
CA ALA B 484 -30.59 15.58 -14.59
C ALA B 484 -30.60 15.38 -16.09
N LEU B 485 -31.64 14.72 -16.61
CA LEU B 485 -31.76 14.55 -18.05
C LEU B 485 -31.91 15.90 -18.75
N ARG B 486 -32.70 16.79 -18.18
N ARG B 486 -32.71 16.79 -18.19
CA ARG B 486 -32.87 18.12 -18.76
CA ARG B 486 -32.86 18.12 -18.78
C ARG B 486 -31.55 18.89 -18.76
C ARG B 486 -31.55 18.89 -18.77
N ALA B 487 -30.80 18.82 -17.66
CA ALA B 487 -29.52 19.50 -17.59
C ALA B 487 -28.54 18.92 -18.60
N GLN B 488 -28.52 17.59 -18.75
CA GLN B 488 -27.64 16.98 -19.74
C GLN B 488 -28.00 17.41 -21.16
N ALA B 489 -29.29 17.46 -21.47
CA ALA B 489 -29.72 17.92 -22.79
C ALA B 489 -29.30 19.37 -23.02
N ALA B 490 -29.46 20.22 -22.01
CA ALA B 490 -29.05 21.61 -22.13
C ALA B 490 -27.54 21.72 -22.36
N GLN B 491 -26.76 20.93 -21.64
CA GLN B 491 -25.31 20.96 -21.81
C GLN B 491 -24.92 20.54 -23.22
N ILE B 492 -25.52 19.47 -23.73
CA ILE B 492 -25.18 19.00 -25.06
C ILE B 492 -25.60 20.02 -26.12
N ALA B 493 -26.76 20.65 -25.93
CA ALA B 493 -27.18 21.69 -26.87
C ALA B 493 -26.22 22.87 -26.87
N GLU B 494 -25.77 23.30 -25.69
CA GLU B 494 -24.82 24.39 -25.61
C GLU B 494 -23.50 24.01 -26.28
N LEU B 495 -23.05 22.76 -26.08
CA LEU B 495 -21.83 22.33 -26.73
C LEU B 495 -21.97 22.32 -28.24
N LEU B 496 -23.12 21.87 -28.75
CA LEU B 496 -23.31 21.81 -30.20
C LEU B 496 -23.49 23.18 -30.81
N GLU B 497 -23.95 24.17 -30.02
CA GLU B 497 -24.07 25.52 -30.54
C GLU B 497 -22.71 26.12 -30.88
N ARG B 498 -21.64 25.62 -30.28
CA ARG B 498 -20.31 26.10 -30.61
C ARG B 498 -19.96 25.75 -32.05
N PRO B 499 -19.41 26.68 -32.83
CA PRO B 499 -19.18 26.41 -34.26
C PRO B 499 -18.17 25.31 -34.52
N ASP B 500 -17.03 25.35 -33.83
CA ASP B 500 -15.95 24.37 -34.04
C ASP B 500 -16.27 23.10 -33.28
N ALA B 501 -17.22 22.33 -33.82
CA ALA B 501 -17.60 21.06 -33.25
C ALA B 501 -18.03 20.12 -34.37
N ASP B 502 -17.91 18.82 -34.11
CA ASP B 502 -18.25 17.79 -35.09
C ASP B 502 -19.45 16.99 -34.58
N LEU B 503 -20.50 16.91 -35.41
CA LEU B 503 -21.69 16.15 -35.01
C LEU B 503 -21.38 14.67 -34.85
N ALA B 504 -20.62 14.10 -35.78
CA ALA B 504 -20.30 12.67 -35.70
C ALA B 504 -19.47 12.37 -34.47
N GLY B 505 -18.49 13.21 -34.16
CA GLY B 505 -17.67 12.99 -32.98
C GLY B 505 -18.48 13.06 -31.70
N VAL B 506 -19.38 14.04 -31.59
CA VAL B 506 -20.22 14.15 -30.41
C VAL B 506 -21.13 12.94 -30.29
N GLY B 507 -21.71 12.49 -31.40
CA GLY B 507 -22.56 11.31 -31.37
C GLY B 507 -21.80 10.07 -30.93
N LEU B 508 -20.60 9.86 -31.47
CA LEU B 508 -19.80 8.71 -31.08
C LEU B 508 -19.40 8.78 -29.61
N GLY B 509 -19.02 9.97 -29.14
CA GLY B 509 -18.67 10.10 -27.73
C GLY B 509 -19.83 9.83 -26.81
N LEU B 510 -21.03 10.30 -27.17
CA LEU B 510 -22.22 10.00 -26.38
C LEU B 510 -22.54 8.52 -26.41
N ALA B 511 -22.36 7.86 -27.57
CA ALA B 511 -22.74 6.46 -27.69
C ALA B 511 -21.79 5.54 -26.94
N THR B 512 -20.48 5.83 -26.98
CA THR B 512 -19.50 4.90 -26.45
C THR B 512 -18.90 5.31 -25.11
N THR B 513 -18.63 6.60 -24.90
CA THR B 513 -17.92 7.06 -23.72
C THR B 513 -18.85 7.61 -22.64
N ARG B 514 -20.03 7.02 -22.49
CA ARG B 514 -20.97 7.46 -21.47
C ARG B 514 -21.86 6.29 -21.07
N ALA B 515 -22.29 6.30 -19.81
CA ALA B 515 -23.11 5.23 -19.28
C ALA B 515 -24.57 5.42 -19.65
N ARG B 516 -25.35 4.35 -19.50
CA ARG B 516 -26.78 4.35 -19.76
C ARG B 516 -27.53 4.27 -18.43
N HIS B 517 -28.54 5.13 -18.27
CA HIS B 517 -29.26 5.19 -17.01
C HIS B 517 -30.76 5.00 -17.23
N GLU B 518 -31.56 5.25 -16.20
CA GLU B 518 -32.98 4.93 -16.24
C GLU B 518 -33.71 5.80 -17.27
N HIS B 519 -33.67 7.11 -17.08
CA HIS B 519 -34.35 8.02 -18.01
C HIS B 519 -33.48 8.24 -19.24
N ARG B 520 -34.07 8.04 -20.42
CA ARG B 520 -33.32 8.13 -21.67
C ARG B 520 -34.09 8.98 -22.68
N ALA B 521 -33.32 9.58 -23.60
CA ALA B 521 -33.88 10.36 -24.69
C ALA B 521 -32.94 10.24 -25.89
N ALA B 522 -33.50 10.40 -27.08
CA ALA B 522 -32.74 10.24 -28.30
C ALA B 522 -33.29 11.18 -29.37
N VAL B 523 -32.36 11.75 -30.16
CA VAL B 523 -32.69 12.64 -31.26
C VAL B 523 -31.84 12.24 -32.47
N VAL B 524 -32.49 11.99 -33.60
CA VAL B 524 -31.79 11.65 -34.84
C VAL B 524 -31.83 12.87 -35.75
N ALA B 525 -30.66 13.31 -36.20
CA ALA B 525 -30.58 14.49 -37.05
C ALA B 525 -29.35 14.41 -37.93
N SER B 526 -29.46 14.97 -39.13
CA SER B 526 -28.36 15.04 -40.08
C SER B 526 -27.79 16.45 -40.20
N THR B 527 -28.31 17.41 -39.46
CA THR B 527 -27.85 18.79 -39.50
C THR B 527 -27.66 19.30 -38.08
N ARG B 528 -26.71 20.22 -37.92
CA ARG B 528 -26.43 20.77 -36.59
C ARG B 528 -27.63 21.52 -36.05
N GLU B 529 -28.31 22.30 -36.89
CA GLU B 529 -29.48 23.06 -36.44
C GLU B 529 -30.59 22.14 -35.96
N GLU B 530 -30.82 21.04 -36.69
CA GLU B 530 -31.87 20.09 -36.29
C GLU B 530 -31.56 19.48 -34.93
N ALA B 531 -30.30 19.07 -34.72
CA ALA B 531 -29.93 18.48 -33.44
C ALA B 531 -30.05 19.50 -32.31
N VAL B 532 -29.64 20.74 -32.56
CA VAL B 532 -29.75 21.78 -31.53
C VAL B 532 -31.21 22.02 -31.18
N ARG B 533 -32.08 22.10 -32.19
CA ARG B 533 -33.49 22.31 -31.94
C ARG B 533 -34.10 21.16 -31.17
N GLY B 534 -33.73 19.92 -31.51
CA GLY B 534 -34.24 18.77 -30.78
C GLY B 534 -33.79 18.76 -29.33
N LEU B 535 -32.52 19.07 -29.09
CA LEU B 535 -32.02 19.12 -27.72
C LEU B 535 -32.69 20.23 -26.92
N ARG B 536 -32.92 21.39 -27.56
CA ARG B 536 -33.64 22.47 -26.88
C ARG B 536 -35.06 22.06 -26.55
N GLU B 537 -35.73 21.34 -27.46
CA GLU B 537 -37.06 20.84 -27.18
C GLU B 537 -37.07 19.87 -26.01
N ILE B 538 -36.07 19.00 -25.95
CA ILE B 538 -35.96 18.06 -24.82
C ILE B 538 -35.77 18.82 -23.52
N ALA B 539 -34.87 19.81 -23.53
CA ALA B 539 -34.55 20.54 -22.30
C ALA B 539 -35.66 21.49 -21.88
N ALA B 540 -36.54 21.89 -22.80
CA ALA B 540 -37.61 22.81 -22.44
C ALA B 540 -38.72 22.13 -21.67
N GLY B 541 -39.00 20.86 -21.97
CA GLY B 541 -40.08 20.15 -21.32
C GLY B 541 -40.69 19.09 -22.22
N ALA B 542 -42.00 19.13 -22.40
CA ALA B 542 -42.68 18.18 -23.27
C ALA B 542 -42.39 18.52 -24.73
N ALA B 543 -41.75 17.59 -25.43
CA ALA B 543 -41.40 17.75 -26.84
C ALA B 543 -42.25 16.79 -27.66
N THR B 544 -43.03 17.33 -28.59
CA THR B 544 -43.92 16.55 -29.43
C THR B 544 -43.35 16.32 -30.83
N ALA B 545 -42.12 16.71 -31.08
CA ALA B 545 -41.52 16.52 -32.40
C ALA B 545 -41.33 15.04 -32.69
N ASP B 546 -41.47 14.68 -33.97
CA ASP B 546 -41.32 13.28 -34.37
C ASP B 546 -39.90 12.78 -34.13
N ALA B 547 -38.90 13.61 -34.43
CA ALA B 547 -37.51 13.20 -34.26
C ALA B 547 -37.19 12.94 -32.80
N VAL B 548 -37.71 13.77 -31.89
CA VAL B 548 -37.43 13.61 -30.47
C VAL B 548 -38.18 12.41 -29.93
N VAL B 549 -37.45 11.51 -29.25
CA VAL B 549 -38.06 10.38 -28.57
C VAL B 549 -37.49 10.30 -27.17
N GLU B 550 -38.28 9.80 -26.23
CA GLU B 550 -37.86 9.74 -24.83
C GLU B 550 -38.59 8.59 -24.14
N GLY B 551 -38.06 8.20 -22.99
CA GLY B 551 -38.68 7.13 -22.23
C GLY B 551 -37.96 6.88 -20.92
N VAL B 552 -38.52 5.96 -20.14
CA VAL B 552 -37.95 5.53 -18.87
C VAL B 552 -37.87 4.02 -18.88
N THR B 553 -36.71 3.48 -18.53
CA THR B 553 -36.48 2.05 -18.53
C THR B 553 -36.01 1.59 -17.16
N GLU B 554 -36.14 0.29 -16.92
CA GLU B 554 -35.72 -0.31 -15.66
C GLU B 554 -34.92 -1.60 -15.83
N VAL B 555 -34.88 -2.18 -17.02
CA VAL B 555 -34.20 -3.44 -17.27
C VAL B 555 -33.06 -3.21 -18.24
N ASP B 556 -31.91 -3.84 -17.97
CA ASP B 556 -30.74 -3.64 -18.83
C ASP B 556 -30.98 -4.18 -20.23
N GLY B 557 -31.51 -5.40 -20.33
CA GLY B 557 -31.76 -6.02 -21.62
C GLY B 557 -33.17 -6.58 -21.69
N ARG B 558 -33.49 -7.14 -22.85
CA ARG B 558 -34.81 -7.70 -23.10
C ARG B 558 -34.65 -8.97 -23.92
N ASN B 559 -35.79 -9.50 -24.38
CA ASN B 559 -35.88 -10.78 -25.08
C ASN B 559 -36.58 -10.61 -26.42
N VAL B 560 -36.09 -9.65 -27.21
CA VAL B 560 -36.70 -9.23 -28.47
C VAL B 560 -37.15 -10.42 -29.32
N VAL B 561 -38.39 -10.36 -29.79
CA VAL B 561 -39.00 -11.39 -30.62
C VAL B 561 -39.41 -10.77 -31.94
N PHE B 562 -38.99 -11.39 -33.04
CA PHE B 562 -39.30 -10.90 -34.38
C PHE B 562 -40.66 -11.41 -34.82
N LEU B 563 -41.45 -10.52 -35.43
CA LEU B 563 -42.76 -10.86 -35.97
C LEU B 563 -42.80 -10.50 -37.44
N PHE B 564 -43.34 -11.42 -38.24
CA PHE B 564 -43.47 -11.21 -39.69
C PHE B 564 -44.94 -11.23 -40.08
N PRO B 565 -45.58 -10.07 -40.25
CA PRO B 565 -47.02 -10.07 -40.54
C PRO B 565 -47.39 -10.76 -41.84
N GLY B 566 -46.55 -10.70 -42.85
CA GLY B 566 -46.86 -11.30 -44.14
C GLY B 566 -47.33 -10.26 -45.14
N GLN B 567 -48.44 -10.52 -45.80
CA GLN B 567 -48.96 -9.63 -46.82
C GLN B 567 -49.81 -8.53 -46.16
N GLY B 568 -50.39 -7.67 -47.00
CA GLY B 568 -51.19 -6.56 -46.52
C GLY B 568 -50.41 -5.30 -46.21
N SER B 569 -49.08 -5.31 -46.36
CA SER B 569 -48.25 -4.14 -46.10
C SER B 569 -47.58 -3.64 -47.37
N GLN B 570 -48.22 -3.85 -48.51
CA GLN B 570 -47.67 -3.40 -49.78
C GLN B 570 -47.65 -1.88 -49.84
N TRP B 571 -46.58 -1.34 -50.44
CA TRP B 571 -46.41 0.10 -50.57
C TRP B 571 -45.34 0.35 -51.63
N ALA B 572 -45.64 1.27 -52.55
CA ALA B 572 -44.68 1.58 -53.65
C ALA B 572 -43.29 1.83 -53.07
N GLY B 573 -42.31 1.04 -53.48
CA GLY B 573 -40.92 1.22 -53.00
C GLY B 573 -40.76 0.72 -51.58
N MET B 574 -39.60 0.15 -51.26
CA MET B 574 -39.33 -0.32 -49.88
C MET B 574 -37.90 0.10 -49.49
N GLY B 575 -37.73 1.37 -49.10
CA GLY B 575 -36.39 1.88 -48.77
C GLY B 575 -35.53 1.98 -50.02
N ALA B 576 -35.98 2.78 -50.99
CA ALA B 576 -35.17 3.00 -52.22
C ALA B 576 -33.83 3.61 -51.83
N GLU B 577 -33.85 4.83 -51.29
CA GLU B 577 -32.59 5.46 -50.81
C GLU B 577 -31.91 4.47 -49.85
N LEU B 578 -32.70 3.74 -49.06
CA LEU B 578 -32.12 2.73 -48.13
C LEU B 578 -31.27 1.76 -48.97
N LEU B 579 -31.81 1.26 -50.09
CA LEU B 579 -30.99 0.42 -50.95
C LEU B 579 -29.68 1.08 -51.29
N SER B 580 -29.71 2.39 -51.60
CA SER B 580 -28.50 3.09 -52.00
C SER B 580 -27.62 3.42 -50.80
N SER B 581 -28.22 3.74 -49.65
CA SER B 581 -27.43 4.19 -48.51
C SER B 581 -26.84 3.02 -47.74
N SER B 582 -27.69 2.16 -47.19
CA SER B 582 -27.21 1.06 -46.37
C SER B 582 -26.58 -0.01 -47.26
N PRO B 583 -25.34 -0.43 -46.98
CA PRO B 583 -24.72 -1.45 -47.82
C PRO B 583 -25.21 -2.86 -47.51
N VAL B 584 -25.58 -3.12 -46.27
CA VAL B 584 -26.05 -4.45 -45.89
C VAL B 584 -27.37 -4.77 -46.57
N PHE B 585 -28.27 -3.79 -46.64
CA PHE B 585 -29.56 -3.99 -47.30
C PHE B 585 -29.37 -4.37 -48.76
N ALA B 586 -28.56 -3.59 -49.49
CA ALA B 586 -28.31 -3.88 -50.89
C ALA B 586 -27.59 -5.21 -51.07
N GLY B 587 -26.64 -5.51 -50.17
CA GLY B 587 -25.94 -6.78 -50.26
C GLY B 587 -26.86 -7.96 -50.11
N LYS B 588 -27.77 -7.91 -49.12
CA LYS B 588 -28.71 -9.01 -48.94
C LYS B 588 -29.70 -9.09 -50.09
N ILE B 589 -30.13 -7.95 -50.62
CA ILE B 589 -31.04 -7.97 -51.78
C ILE B 589 -30.36 -8.64 -52.96
N ARG B 590 -29.10 -8.28 -53.22
CA ARG B 590 -28.36 -8.92 -54.32
C ARG B 590 -28.16 -10.41 -54.06
N ALA B 591 -27.89 -10.78 -52.80
CA ALA B 591 -27.70 -12.18 -52.47
C ALA B 591 -28.97 -12.99 -52.73
N CYS B 592 -30.13 -12.42 -52.38
CA CYS B 592 -31.40 -13.09 -52.69
C CYS B 592 -31.92 -12.71 -54.06
N ASP B 593 -31.02 -12.80 -55.06
CA ASP B 593 -31.39 -12.61 -56.45
C ASP B 593 -30.81 -13.74 -57.29
N GLU B 594 -29.67 -14.27 -56.86
CA GLU B 594 -29.04 -15.37 -57.60
C GLU B 594 -29.94 -16.60 -57.62
N SER B 595 -30.53 -16.93 -56.48
CA SER B 595 -31.44 -18.07 -56.41
C SER B 595 -32.82 -17.76 -57.00
N MET B 596 -33.19 -16.49 -57.10
CA MET B 596 -34.50 -16.14 -57.63
C MET B 596 -34.48 -15.99 -59.14
N ALA B 597 -33.32 -15.74 -59.73
CA ALA B 597 -33.22 -15.56 -61.17
C ALA B 597 -33.70 -16.76 -61.99
N PRO B 598 -33.34 -18.02 -61.67
CA PRO B 598 -33.72 -19.12 -62.56
C PRO B 598 -35.23 -19.30 -62.74
N MET B 599 -36.04 -18.82 -61.80
CA MET B 599 -37.48 -19.05 -61.85
C MET B 599 -38.27 -17.84 -62.33
N GLN B 600 -37.61 -16.80 -62.83
CA GLN B 600 -38.30 -15.62 -63.33
C GLN B 600 -37.34 -14.85 -64.24
N ASP B 601 -37.75 -13.66 -64.64
CA ASP B 601 -36.93 -12.80 -65.49
C ASP B 601 -36.64 -11.44 -64.87
N TRP B 602 -37.63 -10.82 -64.24
CA TRP B 602 -37.44 -9.51 -63.65
C TRP B 602 -36.55 -9.61 -62.40
N LYS B 603 -36.02 -8.46 -62.00
CA LYS B 603 -35.14 -8.37 -60.84
C LYS B 603 -35.81 -7.58 -59.73
N VAL B 604 -35.61 -8.01 -58.49
CA VAL B 604 -36.23 -7.34 -57.35
C VAL B 604 -35.70 -5.92 -57.21
N SER B 605 -34.41 -5.72 -57.48
CA SER B 605 -33.85 -4.37 -57.39
C SER B 605 -34.51 -3.43 -58.38
N ASP B 606 -34.78 -3.92 -59.60
CA ASP B 606 -35.45 -3.08 -60.59
C ASP B 606 -36.86 -2.70 -60.14
N VAL B 607 -37.58 -3.65 -59.54
CA VAL B 607 -38.92 -3.36 -59.05
C VAL B 607 -38.88 -2.33 -57.93
N LEU B 608 -37.92 -2.49 -57.01
CA LEU B 608 -37.81 -1.55 -55.89
C LEU B 608 -37.38 -0.18 -56.34
N ARG B 609 -36.60 -0.09 -57.42
CA ARG B 609 -36.10 1.19 -57.92
C ARG B 609 -37.06 1.86 -58.90
N GLN B 610 -38.23 1.28 -59.14
CA GLN B 610 -39.21 1.81 -60.09
C GLN B 610 -38.66 1.92 -61.49
N ALA B 611 -37.68 1.09 -61.83
CA ALA B 611 -37.10 1.12 -63.17
C ALA B 611 -38.10 0.57 -64.19
N PRO B 612 -38.03 1.02 -65.44
CA PRO B 612 -38.93 0.50 -66.47
C PRO B 612 -38.72 -1.00 -66.66
N GLY B 613 -39.82 -1.69 -66.94
CA GLY B 613 -39.83 -3.13 -67.08
C GLY B 613 -40.30 -3.88 -65.85
N ALA B 614 -40.40 -3.20 -64.71
CA ALA B 614 -40.90 -3.83 -63.50
C ALA B 614 -42.36 -4.19 -63.66
N PRO B 615 -42.79 -5.39 -63.27
CA PRO B 615 -44.20 -5.77 -63.42
C PRO B 615 -45.16 -4.90 -62.62
N GLY B 616 -44.69 -4.24 -61.57
CA GLY B 616 -45.58 -3.41 -60.76
C GLY B 616 -46.15 -4.16 -59.58
N LEU B 617 -46.44 -3.42 -58.52
CA LEU B 617 -46.92 -4.01 -57.28
C LEU B 617 -48.42 -4.27 -57.32
N ASP B 618 -48.88 -4.99 -58.35
CA ASP B 618 -50.27 -5.38 -58.47
C ASP B 618 -50.47 -6.88 -58.51
N ARG B 619 -49.66 -7.60 -59.28
CA ARG B 619 -49.77 -9.04 -59.36
C ARG B 619 -49.16 -9.71 -58.13
N VAL B 620 -49.85 -10.72 -57.62
CA VAL B 620 -49.39 -11.39 -56.41
C VAL B 620 -48.08 -12.14 -56.67
N ASP B 621 -47.94 -12.71 -57.87
CA ASP B 621 -46.76 -13.51 -58.19
C ASP B 621 -45.48 -12.70 -58.16
N VAL B 622 -45.58 -11.37 -58.25
CA VAL B 622 -44.43 -10.50 -58.05
C VAL B 622 -44.47 -9.77 -56.72
N VAL B 623 -45.63 -9.63 -56.10
CA VAL B 623 -45.71 -8.99 -54.79
C VAL B 623 -45.09 -9.87 -53.72
N GLN B 624 -45.42 -11.16 -53.73
CA GLN B 624 -44.93 -12.05 -52.68
C GLN B 624 -43.41 -12.19 -52.64
N PRO B 625 -42.71 -12.47 -53.75
CA PRO B 625 -41.25 -12.54 -53.66
C PRO B 625 -40.60 -11.23 -53.25
N VAL B 626 -41.15 -10.10 -53.72
CA VAL B 626 -40.60 -8.80 -53.34
C VAL B 626 -40.77 -8.57 -51.85
N LEU B 627 -41.96 -8.89 -51.32
CA LEU B 627 -42.19 -8.74 -49.89
C LEU B 627 -41.26 -9.65 -49.09
N PHE B 628 -41.05 -10.88 -49.55
CA PHE B 628 -40.15 -11.78 -48.85
C PHE B 628 -38.73 -11.24 -48.83
N ALA B 629 -38.25 -10.75 -49.98
CA ALA B 629 -36.90 -10.21 -50.04
C ALA B 629 -36.75 -8.98 -49.14
N VAL B 630 -37.73 -8.09 -49.16
CA VAL B 630 -37.66 -6.90 -48.32
C VAL B 630 -37.66 -7.30 -46.85
N MET B 631 -38.52 -8.25 -46.48
CA MET B 631 -38.62 -8.68 -45.09
C MET B 631 -37.30 -9.29 -44.62
N VAL B 632 -36.71 -10.18 -45.42
CA VAL B 632 -35.49 -10.85 -44.99
C VAL B 632 -34.33 -9.86 -44.94
N SER B 633 -34.28 -8.90 -45.88
CA SER B 633 -33.22 -7.91 -45.86
C SER B 633 -33.35 -6.99 -44.64
N LEU B 634 -34.58 -6.59 -44.30
CA LEU B 634 -34.78 -5.79 -43.10
C LEU B 634 -34.42 -6.57 -41.84
N ALA B 635 -34.73 -7.85 -41.81
CA ALA B 635 -34.34 -8.69 -40.67
C ALA B 635 -32.82 -8.75 -40.56
N GLU B 636 -32.13 -8.91 -41.68
CA GLU B 636 -30.67 -8.96 -41.66
C GLU B 636 -30.09 -7.63 -41.20
N LEU B 637 -30.68 -6.52 -41.62
CA LEU B 637 -30.23 -5.21 -41.15
C LEU B 637 -30.44 -5.09 -39.64
N TRP B 638 -31.58 -5.58 -39.14
CA TRP B 638 -31.82 -5.59 -37.70
C TRP B 638 -30.82 -6.50 -36.98
N ARG B 639 -30.31 -7.53 -37.66
CA ARG B 639 -29.32 -8.40 -37.05
C ARG B 639 -28.05 -7.63 -36.73
N SER B 640 -27.65 -6.70 -37.59
CA SER B 640 -26.59 -5.78 -37.25
C SER B 640 -27.03 -4.90 -36.08
N TYR B 641 -26.08 -4.17 -35.51
CA TYR B 641 -26.23 -3.36 -34.32
C TYR B 641 -26.49 -4.20 -33.08
N GLY B 642 -26.50 -5.53 -33.19
CA GLY B 642 -26.62 -6.40 -32.04
C GLY B 642 -28.02 -6.51 -31.47
N VAL B 643 -28.98 -6.94 -32.30
CA VAL B 643 -30.37 -7.07 -31.87
C VAL B 643 -30.73 -8.53 -32.11
N GLU B 644 -29.75 -9.42 -31.92
CA GLU B 644 -29.91 -10.86 -32.11
C GLU B 644 -31.22 -11.35 -31.50
N PRO B 645 -32.14 -11.88 -32.30
CA PRO B 645 -33.44 -12.27 -31.77
C PRO B 645 -33.37 -13.56 -30.97
N ALA B 646 -34.39 -13.78 -30.14
CA ALA B 646 -34.54 -15.01 -29.38
C ALA B 646 -35.71 -15.87 -29.82
N ALA B 647 -36.67 -15.30 -30.56
CA ALA B 647 -37.81 -16.05 -31.06
C ALA B 647 -38.33 -15.37 -32.32
N VAL B 648 -38.87 -16.17 -33.22
CA VAL B 648 -39.40 -15.69 -34.50
C VAL B 648 -40.81 -16.24 -34.67
N VAL B 649 -41.74 -15.38 -35.06
CA VAL B 649 -43.13 -15.76 -35.25
C VAL B 649 -43.66 -15.10 -36.51
N GLY B 650 -44.44 -15.85 -37.29
CA GLY B 650 -45.05 -15.35 -38.50
C GLY B 650 -46.57 -15.34 -38.42
N HIS B 651 -47.17 -14.88 -39.52
CA HIS B 651 -48.63 -14.81 -39.64
C HIS B 651 -49.17 -15.37 -40.94
N SER B 652 -48.34 -15.46 -41.98
CA SER B 652 -48.77 -15.82 -43.32
C SER B 652 -47.54 -16.37 -44.04
N GLN B 653 -47.58 -16.33 -45.38
CA GLN B 653 -46.41 -16.79 -46.19
C GLN B 653 -45.13 -16.23 -45.56
N GLY B 654 -45.18 -15.03 -44.98
CA GLY B 654 -44.00 -14.49 -44.33
C GLY B 654 -43.35 -15.45 -43.35
N GLU B 655 -44.09 -16.46 -42.89
CA GLU B 655 -43.48 -17.51 -42.07
C GLU B 655 -42.28 -18.13 -42.78
N ILE B 656 -42.36 -18.26 -44.10
CA ILE B 656 -41.22 -18.75 -44.87
C ILE B 656 -40.01 -17.88 -44.62
N ALA B 657 -40.19 -16.56 -44.70
CA ALA B 657 -39.11 -15.65 -44.34
C ALA B 657 -38.65 -15.89 -42.92
N ALA B 658 -39.60 -16.09 -42.00
CA ALA B 658 -39.23 -16.46 -40.64
C ALA B 658 -38.39 -17.71 -40.62
N ALA B 659 -38.78 -18.72 -41.41
CA ALA B 659 -38.00 -19.95 -41.47
C ALA B 659 -36.58 -19.69 -41.92
N HIS B 660 -36.37 -18.66 -42.76
CA HIS B 660 -35.02 -18.33 -43.16
C HIS B 660 -34.25 -17.61 -42.07
N VAL B 661 -34.94 -16.78 -41.27
CA VAL B 661 -34.26 -16.03 -40.22
C VAL B 661 -33.74 -16.98 -39.14
N ALA B 662 -34.55 -17.96 -38.75
CA ALA B 662 -34.11 -18.94 -37.77
C ALA B 662 -33.05 -19.88 -38.29
N GLY B 663 -32.79 -19.88 -39.60
CA GLY B 663 -31.81 -20.76 -40.19
C GLY B 663 -32.31 -22.14 -40.53
N ALA B 664 -33.60 -22.42 -40.33
CA ALA B 664 -34.13 -23.74 -40.65
C ALA B 664 -34.05 -24.02 -42.15
N LEU B 665 -34.35 -23.03 -42.98
CA LEU B 665 -34.33 -23.17 -44.42
C LEU B 665 -33.24 -22.30 -45.01
N THR B 666 -32.55 -22.83 -46.03
CA THR B 666 -31.58 -22.02 -46.75
C THR B 666 -32.29 -21.02 -47.65
N LEU B 667 -31.52 -20.06 -48.17
CA LEU B 667 -32.10 -19.02 -49.00
C LEU B 667 -32.72 -19.59 -50.27
N GLU B 668 -32.03 -20.54 -50.90
CA GLU B 668 -32.54 -21.12 -52.15
C GLU B 668 -33.85 -21.86 -51.92
N ASP B 669 -33.93 -22.64 -50.84
CA ASP B 669 -35.16 -23.39 -50.57
C ASP B 669 -36.33 -22.47 -50.28
N ALA B 670 -36.11 -21.41 -49.49
CA ALA B 670 -37.18 -20.47 -49.20
C ALA B 670 -37.62 -19.73 -50.45
N ALA B 671 -36.66 -19.33 -51.29
CA ALA B 671 -37.01 -18.66 -52.54
C ALA B 671 -37.83 -19.59 -53.45
N LYS B 672 -37.42 -20.85 -53.54
CA LYS B 672 -38.17 -21.80 -54.35
C LYS B 672 -39.59 -21.99 -53.81
N LEU B 673 -39.71 -22.11 -52.49
CA LEU B 673 -41.03 -22.29 -51.89
C LEU B 673 -41.94 -21.11 -52.17
N VAL B 674 -41.44 -19.89 -51.96
CA VAL B 674 -42.30 -18.71 -52.14
C VAL B 674 -42.63 -18.52 -53.62
N VAL B 675 -41.67 -18.77 -54.51
CA VAL B 675 -41.94 -18.63 -55.93
C VAL B 675 -42.98 -19.65 -56.39
N GLY B 676 -42.85 -20.90 -55.94
CA GLY B 676 -43.85 -21.90 -56.30
C GLY B 676 -45.22 -21.58 -55.75
N ARG B 677 -45.30 -21.14 -54.50
CA ARG B 677 -46.58 -20.76 -53.94
C ARG B 677 -47.21 -19.64 -54.75
N SER B 678 -46.43 -18.60 -55.07
CA SER B 678 -46.95 -17.50 -55.86
C SER B 678 -47.43 -17.96 -57.23
N ARG B 679 -46.64 -18.81 -57.89
CA ARG B 679 -46.98 -19.23 -59.25
C ARG B 679 -48.24 -20.09 -59.27
N LEU B 680 -48.23 -21.22 -58.56
CA LEU B 680 -49.39 -22.09 -58.52
C LEU B 680 -50.48 -21.60 -57.59
N MET B 681 -50.40 -20.35 -57.11
CA MET B 681 -51.53 -19.67 -56.49
C MET B 681 -52.14 -18.63 -57.43
N ARG B 682 -51.33 -17.89 -58.16
CA ARG B 682 -51.84 -16.98 -59.18
C ARG B 682 -52.43 -17.72 -60.36
N SER B 683 -51.97 -18.95 -60.62
CA SER B 683 -52.50 -19.72 -61.76
C SER B 683 -54.01 -19.89 -61.66
N LEU B 684 -54.54 -20.11 -60.46
CA LEU B 684 -55.97 -20.27 -60.24
C LEU B 684 -56.57 -19.06 -59.55
N SER B 685 -56.02 -17.87 -59.80
CA SER B 685 -56.53 -16.65 -59.19
C SER B 685 -57.94 -16.34 -59.70
N GLY B 686 -58.63 -15.51 -58.94
CA GLY B 686 -60.02 -15.18 -59.23
C GLY B 686 -61.05 -16.00 -58.50
N GLU B 687 -60.64 -16.82 -57.53
CA GLU B 687 -61.60 -17.61 -56.76
C GLU B 687 -62.57 -16.71 -56.01
N GLY B 688 -62.05 -15.94 -55.06
CA GLY B 688 -62.88 -15.05 -54.26
C GLY B 688 -62.05 -14.00 -53.54
N GLY B 689 -62.45 -13.63 -52.33
CA GLY B 689 -61.75 -12.62 -51.57
C GLY B 689 -61.68 -12.99 -50.11
N MET B 690 -60.95 -12.16 -49.36
CA MET B 690 -60.82 -12.36 -47.92
C MET B 690 -61.87 -11.56 -47.15
N ALA B 691 -61.84 -10.23 -47.28
CA ALA B 691 -62.83 -9.34 -46.66
C ALA B 691 -62.92 -9.57 -45.16
N ALA B 692 -61.82 -9.26 -44.46
CA ALA B 692 -61.75 -9.45 -43.02
C ALA B 692 -62.77 -8.57 -42.31
N VAL B 693 -63.48 -9.16 -41.36
CA VAL B 693 -64.51 -8.47 -40.58
C VAL B 693 -64.21 -8.66 -39.10
N ALA B 694 -64.24 -7.57 -38.34
CA ALA B 694 -63.96 -7.60 -36.91
C ALA B 694 -65.26 -7.82 -36.16
N LEU B 695 -65.60 -9.09 -35.95
CA LEU B 695 -66.82 -9.46 -35.23
C LEU B 695 -66.53 -10.28 -33.98
N GLY B 696 -65.69 -11.30 -34.07
CA GLY B 696 -65.39 -12.17 -32.95
C GLY B 696 -65.42 -13.62 -33.40
N GLU B 697 -64.56 -14.43 -32.77
CA GLU B 697 -64.45 -15.83 -33.15
C GLU B 697 -65.76 -16.58 -32.89
N ALA B 698 -66.37 -16.36 -31.72
CA ALA B 698 -67.62 -17.03 -31.40
C ALA B 698 -68.75 -16.58 -32.33
N ALA B 699 -68.79 -15.28 -32.64
CA ALA B 699 -69.85 -14.77 -33.50
C ALA B 699 -69.79 -15.42 -34.89
N VAL B 700 -68.61 -15.41 -35.52
CA VAL B 700 -68.51 -16.01 -36.84
C VAL B 700 -68.70 -17.52 -36.76
N ARG B 701 -68.24 -18.15 -35.67
CA ARG B 701 -68.37 -19.60 -35.53
C ARG B 701 -69.82 -20.02 -35.37
N GLU B 702 -70.67 -19.16 -34.82
CA GLU B 702 -72.09 -19.45 -34.79
C GLU B 702 -72.83 -18.85 -35.99
N ARG B 703 -72.16 -18.05 -36.81
CA ARG B 703 -72.82 -17.38 -37.91
C ARG B 703 -72.58 -18.03 -39.28
N LEU B 704 -71.52 -18.80 -39.45
CA LEU B 704 -71.24 -19.29 -40.80
C LEU B 704 -72.19 -20.41 -41.23
N ARG B 705 -73.24 -20.69 -40.44
CA ARG B 705 -74.09 -21.84 -40.71
C ARG B 705 -74.71 -21.84 -42.11
N PRO B 706 -75.24 -20.74 -42.65
CA PRO B 706 -75.84 -20.82 -43.99
C PRO B 706 -74.85 -21.18 -45.09
N TRP B 707 -73.55 -21.00 -44.87
CA TRP B 707 -72.54 -21.23 -45.90
C TRP B 707 -71.43 -22.09 -45.33
N GLN B 708 -71.46 -23.39 -45.63
CA GLN B 708 -70.41 -24.32 -45.23
C GLN B 708 -69.44 -24.62 -46.37
N ASP B 709 -69.56 -23.93 -47.49
CA ASP B 709 -68.70 -24.17 -48.65
C ASP B 709 -67.60 -23.11 -48.75
N VAL B 713 -62.72 -19.77 -41.45
CA VAL B 713 -61.96 -18.87 -40.59
C VAL B 713 -60.47 -18.95 -40.95
N ALA B 714 -59.92 -17.82 -41.39
CA ALA B 714 -58.52 -17.78 -41.80
C ALA B 714 -57.61 -17.35 -40.65
N ALA B 715 -57.89 -16.21 -40.04
CA ALA B 715 -57.06 -15.69 -38.96
C ALA B 715 -57.94 -15.21 -37.82
N VAL B 716 -57.42 -15.36 -36.60
CA VAL B 716 -58.08 -14.91 -35.38
C VAL B 716 -57.12 -14.01 -34.61
N ASN B 717 -56.28 -13.28 -35.35
CA ASN B 717 -55.19 -12.51 -34.74
C ASN B 717 -55.68 -11.61 -33.61
N GLY B 718 -56.76 -10.88 -33.85
CA GLY B 718 -57.33 -10.04 -32.82
C GLY B 718 -58.31 -10.81 -31.95
N PRO B 719 -58.61 -10.28 -30.77
CA PRO B 719 -59.65 -10.91 -29.95
C PRO B 719 -60.99 -10.98 -30.65
N ARG B 720 -61.31 -9.97 -31.46
CA ARG B 720 -62.48 -9.98 -32.34
C ARG B 720 -61.98 -9.57 -33.73
N SER B 721 -61.49 -10.55 -34.49
CA SER B 721 -60.98 -10.28 -35.84
C SER B 721 -60.96 -11.59 -36.62
N VAL B 722 -61.78 -11.69 -37.65
CA VAL B 722 -61.87 -12.87 -38.50
C VAL B 722 -61.82 -12.39 -39.95
N VAL B 723 -61.46 -13.30 -40.85
CA VAL B 723 -61.18 -12.95 -42.24
C VAL B 723 -62.29 -13.44 -43.18
N VAL B 724 -62.48 -14.74 -43.30
CA VAL B 724 -63.34 -15.29 -44.35
C VAL B 724 -63.75 -16.70 -43.99
N SER B 725 -64.91 -17.12 -44.50
CA SER B 725 -65.35 -18.51 -44.41
C SER B 725 -66.44 -18.70 -45.47
N GLY B 726 -66.17 -19.54 -46.46
CA GLY B 726 -67.18 -19.84 -47.47
C GLY B 726 -66.73 -19.68 -48.90
N GLU B 727 -67.54 -19.00 -49.71
CA GLU B 727 -67.36 -18.85 -51.15
C GLU B 727 -67.51 -17.39 -51.52
N PRO B 728 -67.01 -16.99 -52.71
CA PRO B 728 -67.19 -15.59 -53.13
C PRO B 728 -68.63 -15.13 -53.15
N GLY B 729 -69.55 -15.99 -53.60
CA GLY B 729 -70.96 -15.67 -53.46
C GLY B 729 -71.39 -15.64 -52.01
N ALA B 730 -70.91 -16.58 -51.20
CA ALA B 730 -71.17 -16.55 -49.77
C ALA B 730 -70.56 -15.30 -49.13
N LEU B 731 -69.38 -14.90 -49.59
CA LEU B 731 -68.78 -13.66 -49.10
C LEU B 731 -69.63 -12.45 -49.45
N ARG B 732 -70.15 -12.40 -50.68
CA ARG B 732 -71.02 -11.30 -51.06
C ARG B 732 -72.29 -11.29 -50.22
N ALA B 733 -72.86 -12.45 -49.96
CA ALA B 733 -74.04 -12.53 -49.10
C ALA B 733 -73.72 -12.06 -47.68
N PHE B 734 -72.58 -12.48 -47.14
CA PHE B 734 -72.19 -12.09 -45.78
C PHE B 734 -71.89 -10.61 -45.69
N SER B 735 -71.47 -9.99 -46.80
CA SER B 735 -71.13 -8.56 -46.78
C SER B 735 -72.30 -7.70 -46.34
N GLU B 736 -73.54 -8.15 -46.51
CA GLU B 736 -74.70 -7.38 -46.08
C GLU B 736 -75.76 -8.24 -45.40
N ASP B 737 -75.45 -9.49 -45.05
CA ASP B 737 -76.45 -10.36 -44.45
C ASP B 737 -76.93 -9.84 -43.11
N CYS B 738 -76.01 -9.36 -42.27
CA CYS B 738 -76.37 -8.83 -40.97
C CYS B 738 -76.69 -7.33 -41.02
N ALA B 739 -75.91 -6.57 -41.80
CA ALA B 739 -76.08 -5.14 -41.99
C ALA B 739 -75.95 -4.34 -40.69
N ALA B 740 -75.45 -4.97 -39.62
CA ALA B 740 -75.26 -4.28 -38.35
C ALA B 740 -73.89 -4.51 -37.73
N GLU B 741 -73.18 -5.58 -38.09
CA GLU B 741 -71.84 -5.80 -37.56
C GLU B 741 -70.88 -4.71 -38.02
N GLY B 742 -70.97 -4.30 -39.28
CA GLY B 742 -70.11 -3.26 -39.79
C GLY B 742 -68.67 -3.73 -39.95
N ILE B 743 -67.79 -2.75 -40.09
CA ILE B 743 -66.34 -2.91 -40.25
C ILE B 743 -66.03 -4.11 -41.14
N ARG B 744 -66.77 -4.25 -42.23
CA ARG B 744 -66.65 -5.39 -43.13
C ARG B 744 -65.66 -5.10 -44.25
N VAL B 745 -65.35 -6.16 -45.01
CA VAL B 745 -64.43 -6.10 -46.14
C VAL B 745 -63.09 -5.56 -45.68
N ARG B 746 -62.85 -4.26 -45.90
CA ARG B 746 -61.60 -3.61 -45.52
C ARG B 746 -60.38 -4.36 -46.04
N ASP B 747 -60.54 -5.09 -47.13
CA ASP B 747 -59.47 -5.91 -47.69
C ASP B 747 -59.32 -5.62 -49.18
N ILE B 748 -58.08 -5.37 -49.60
CA ILE B 748 -57.79 -5.19 -51.02
C ILE B 748 -57.48 -6.52 -51.70
N ASP B 749 -57.16 -7.56 -50.93
CA ASP B 749 -56.82 -8.87 -51.50
C ASP B 749 -58.07 -9.56 -52.02
N VAL B 750 -58.41 -9.28 -53.28
CA VAL B 750 -59.61 -9.84 -53.91
C VAL B 750 -59.27 -10.80 -55.04
N ASP B 751 -57.99 -10.96 -55.37
CA ASP B 751 -57.61 -11.84 -56.48
C ASP B 751 -57.73 -13.31 -56.13
N TYR B 752 -57.80 -13.66 -54.85
CA TYR B 752 -57.84 -15.05 -54.44
C TYR B 752 -58.42 -15.13 -53.02
N ALA B 753 -58.49 -16.34 -52.48
CA ALA B 753 -58.98 -16.56 -51.13
C ALA B 753 -58.29 -17.80 -50.57
N SER B 754 -57.23 -17.60 -49.80
CA SER B 754 -56.52 -18.70 -49.19
C SER B 754 -57.23 -19.18 -47.93
N HIS B 755 -56.74 -20.29 -47.37
CA HIS B 755 -57.32 -20.89 -46.17
C HIS B 755 -58.81 -21.19 -46.36
N SER B 756 -59.15 -21.67 -47.55
CA SER B 756 -60.53 -21.92 -47.94
C SER B 756 -60.62 -23.29 -48.60
N PRO B 757 -61.84 -23.86 -48.69
CA PRO B 757 -62.00 -25.15 -49.37
C PRO B 757 -61.46 -25.17 -50.79
N GLN B 758 -61.32 -23.98 -51.40
CA GLN B 758 -60.75 -23.89 -52.74
C GLN B 758 -59.33 -24.41 -52.80
N ILE B 759 -58.63 -24.47 -51.67
CA ILE B 759 -57.24 -24.91 -51.66
C ILE B 759 -57.12 -26.37 -52.04
N GLU B 760 -58.10 -27.19 -51.64
CA GLU B 760 -57.98 -28.64 -51.84
C GLU B 760 -58.26 -29.04 -53.27
N ARG B 761 -57.56 -28.41 -54.22
CA ARG B 761 -57.58 -28.85 -55.61
C ARG B 761 -56.22 -28.90 -56.27
N VAL B 762 -55.21 -28.22 -55.73
CA VAL B 762 -53.86 -28.22 -56.30
C VAL B 762 -52.90 -28.84 -55.30
N ARG B 763 -53.40 -29.79 -54.50
CA ARG B 763 -52.57 -30.43 -53.49
C ARG B 763 -51.37 -31.13 -54.11
N GLU B 764 -51.62 -31.96 -55.12
CA GLU B 764 -50.54 -32.71 -55.74
C GLU B 764 -49.56 -31.78 -56.46
N GLU B 765 -50.06 -30.72 -57.08
CA GLU B 765 -49.19 -29.78 -57.78
C GLU B 765 -48.19 -29.14 -56.81
N LEU B 766 -48.68 -28.61 -55.70
CA LEU B 766 -47.79 -28.03 -54.70
C LEU B 766 -46.90 -29.08 -54.06
N LEU B 767 -47.38 -30.32 -53.94
CA LEU B 767 -46.58 -31.37 -53.35
C LEU B 767 -45.38 -31.70 -54.22
N GLU B 768 -45.58 -31.88 -55.52
CA GLU B 768 -44.48 -32.28 -56.39
C GLU B 768 -43.65 -31.11 -56.89
N THR B 769 -44.17 -29.88 -56.84
CA THR B 769 -43.36 -28.73 -57.21
C THR B 769 -42.44 -28.24 -56.10
N THR B 770 -42.64 -28.71 -54.87
CA THR B 770 -41.86 -28.30 -53.72
C THR B 770 -41.33 -29.52 -52.97
N GLY B 771 -40.99 -30.57 -53.69
CA GLY B 771 -40.51 -31.79 -53.08
C GLY B 771 -39.04 -31.82 -52.74
N ASP B 772 -38.30 -30.76 -53.04
CA ASP B 772 -36.87 -30.67 -52.76
C ASP B 772 -36.67 -29.66 -51.62
N ILE B 773 -36.77 -30.15 -50.40
CA ILE B 773 -36.62 -29.33 -49.19
C ILE B 773 -35.57 -29.97 -48.30
N ALA B 774 -34.68 -29.15 -47.75
CA ALA B 774 -33.63 -29.61 -46.84
C ALA B 774 -33.72 -28.79 -45.56
N PRO B 775 -34.71 -29.09 -44.71
CA PRO B 775 -34.94 -28.30 -43.48
C PRO B 775 -34.02 -28.69 -42.32
N ARG B 776 -32.82 -28.13 -42.34
CA ARG B 776 -31.86 -28.37 -41.28
C ARG B 776 -32.33 -27.73 -39.97
N PRO B 777 -31.84 -28.21 -38.83
CA PRO B 777 -32.26 -27.63 -37.54
C PRO B 777 -31.94 -26.15 -37.45
N ALA B 778 -32.83 -25.42 -36.78
CA ALA B 778 -32.72 -23.98 -36.64
C ALA B 778 -32.04 -23.60 -35.33
N ARG B 779 -31.27 -22.52 -35.37
CA ARG B 779 -30.55 -22.03 -34.20
C ARG B 779 -31.37 -21.08 -33.35
N VAL B 780 -32.55 -20.68 -33.81
CA VAL B 780 -33.41 -19.76 -33.08
C VAL B 780 -34.77 -20.41 -32.90
N THR B 781 -35.34 -20.27 -31.71
CA THR B 781 -36.62 -20.88 -31.40
C THR B 781 -37.70 -20.41 -32.36
N PHE B 782 -38.30 -21.35 -33.07
CA PHE B 782 -39.35 -21.07 -34.05
C PHE B 782 -40.69 -21.46 -33.45
N HIS B 783 -41.61 -20.51 -33.38
CA HIS B 783 -42.94 -20.73 -32.82
C HIS B 783 -43.96 -20.62 -33.95
N SER B 784 -44.47 -21.77 -34.40
CA SER B 784 -45.42 -21.79 -35.50
C SER B 784 -46.82 -21.41 -35.01
N THR B 785 -47.54 -20.68 -35.85
CA THR B 785 -48.93 -20.33 -35.58
C THR B 785 -49.92 -21.31 -36.19
N VAL B 786 -49.43 -22.34 -36.88
CA VAL B 786 -50.33 -23.36 -37.42
C VAL B 786 -50.65 -24.41 -36.37
N GLU B 787 -49.62 -24.96 -35.73
CA GLU B 787 -49.79 -25.95 -34.68
C GLU B 787 -49.85 -25.33 -33.29
N SER B 788 -49.68 -24.02 -33.17
CA SER B 788 -49.74 -23.31 -31.88
C SER B 788 -48.75 -23.90 -30.88
N ARG B 789 -47.57 -24.27 -31.37
CA ARG B 789 -46.53 -24.83 -30.51
C ARG B 789 -45.17 -24.52 -31.11
N SER B 790 -44.14 -24.59 -30.27
CA SER B 790 -42.78 -24.34 -30.71
C SER B 790 -42.13 -25.65 -31.11
N MET B 791 -41.74 -25.74 -32.38
CA MET B 791 -41.10 -26.94 -32.90
C MET B 791 -39.81 -26.57 -33.62
N ASP B 792 -38.90 -27.53 -33.69
CA ASP B 792 -37.64 -27.32 -34.39
C ASP B 792 -37.87 -27.35 -35.90
N GLY B 793 -36.82 -27.00 -36.64
CA GLY B 793 -36.88 -26.90 -38.08
C GLY B 793 -36.57 -28.18 -38.84
N THR B 794 -36.44 -29.31 -38.15
CA THR B 794 -36.10 -30.56 -38.82
C THR B 794 -37.29 -31.24 -39.48
N GLU B 795 -38.51 -30.73 -39.26
CA GLU B 795 -39.70 -31.33 -39.86
C GLU B 795 -40.48 -30.33 -40.71
N LEU B 796 -39.85 -29.22 -41.09
CA LEU B 796 -40.50 -28.22 -41.95
C LEU B 796 -40.41 -28.68 -43.41
N ASP B 797 -41.23 -29.68 -43.73
CA ASP B 797 -41.26 -30.28 -45.05
C ASP B 797 -42.38 -29.64 -45.88
N ALA B 798 -42.54 -30.14 -47.11
CA ALA B 798 -43.57 -29.61 -48.00
C ALA B 798 -44.96 -29.86 -47.44
N ARG B 799 -45.15 -30.95 -46.70
CA ARG B 799 -46.44 -31.21 -46.08
C ARG B 799 -46.78 -30.13 -45.07
N TYR B 800 -45.80 -29.69 -44.28
CA TYR B 800 -46.05 -28.63 -43.32
C TYR B 800 -46.44 -27.33 -44.01
N TRP B 801 -45.77 -27.00 -45.11
CA TRP B 801 -46.11 -25.78 -45.84
C TRP B 801 -47.50 -25.86 -46.46
N TYR B 802 -47.86 -27.03 -46.99
CA TYR B 802 -49.22 -27.19 -47.50
C TYR B 802 -50.24 -27.03 -46.38
N ARG B 803 -49.95 -27.60 -45.21
CA ARG B 803 -50.85 -27.44 -44.06
C ARG B 803 -50.98 -25.98 -43.67
N ASN B 804 -49.86 -25.25 -43.68
CA ASN B 804 -49.91 -23.82 -43.39
C ASN B 804 -50.78 -23.09 -44.41
N LEU B 805 -50.69 -23.48 -45.68
CA LEU B 805 -51.56 -22.89 -46.70
C LEU B 805 -53.03 -23.25 -46.46
N ARG B 806 -53.29 -24.43 -45.90
CA ARG B 806 -54.66 -24.90 -45.75
C ARG B 806 -54.99 -25.12 -44.27
N GLU B 807 -54.65 -24.15 -43.44
CA GLU B 807 -55.07 -24.16 -42.04
C GLU B 807 -55.19 -22.72 -41.56
N THR B 808 -56.00 -22.53 -40.52
CA THR B 808 -56.16 -21.21 -39.94
C THR B 808 -54.90 -20.80 -39.20
N VAL B 809 -54.58 -19.50 -39.25
CA VAL B 809 -53.44 -18.93 -38.54
C VAL B 809 -53.97 -18.21 -37.31
N ARG B 810 -53.41 -18.52 -36.15
CA ARG B 810 -53.94 -17.99 -34.91
C ARG B 810 -53.47 -16.55 -34.67
N PHE B 811 -52.16 -16.37 -34.50
CA PHE B 811 -51.53 -15.08 -34.25
C PHE B 811 -52.06 -14.39 -33.00
N ALA B 812 -52.88 -15.07 -32.20
CA ALA B 812 -53.34 -14.56 -30.93
C ALA B 812 -52.94 -15.47 -29.78
N ASP B 813 -53.16 -16.78 -29.93
CA ASP B 813 -52.66 -17.72 -28.94
C ASP B 813 -51.13 -17.72 -28.90
N ALA B 814 -50.50 -17.61 -30.08
CA ALA B 814 -49.04 -17.59 -30.13
C ALA B 814 -48.47 -16.36 -29.42
N VAL B 815 -49.05 -15.18 -29.70
CA VAL B 815 -48.56 -13.96 -29.08
C VAL B 815 -48.79 -14.00 -27.57
N THR B 816 -49.96 -14.47 -27.14
CA THR B 816 -50.24 -14.57 -25.71
C THR B 816 -49.29 -15.54 -25.03
N ARG B 817 -49.02 -16.69 -25.66
CA ARG B 817 -48.10 -17.66 -25.10
C ARG B 817 -46.70 -17.08 -24.98
N LEU B 818 -46.25 -16.35 -26.02
CA LEU B 818 -44.93 -15.74 -25.95
C LEU B 818 -44.86 -14.68 -24.85
N ALA B 819 -45.92 -13.88 -24.72
CA ALA B 819 -45.94 -12.85 -23.68
C ALA B 819 -45.91 -13.45 -22.29
N GLU B 820 -46.69 -14.52 -22.06
CA GLU B 820 -46.68 -15.17 -20.77
C GLU B 820 -45.41 -15.95 -20.51
N SER B 821 -44.70 -16.35 -21.57
CA SER B 821 -43.48 -17.13 -21.40
C SER B 821 -42.38 -16.32 -20.76
N GLY B 822 -42.28 -15.03 -21.11
CA GLY B 822 -41.25 -14.18 -20.55
C GLY B 822 -40.69 -13.17 -21.54
N TYR B 823 -41.02 -13.35 -22.82
CA TYR B 823 -40.59 -12.40 -23.83
C TYR B 823 -41.36 -11.09 -23.68
N ASP B 824 -40.63 -9.98 -23.76
CA ASP B 824 -41.23 -8.66 -23.57
C ASP B 824 -41.15 -7.80 -24.81
N ALA B 825 -39.97 -7.62 -25.39
CA ALA B 825 -39.82 -6.78 -26.56
C ALA B 825 -40.33 -7.51 -27.80
N PHE B 826 -41.17 -6.84 -28.58
CA PHE B 826 -41.68 -7.38 -29.83
C PHE B 826 -41.37 -6.40 -30.95
N ILE B 827 -40.65 -6.88 -31.97
CA ILE B 827 -40.27 -6.06 -33.10
C ILE B 827 -40.85 -6.66 -34.37
N GLU B 828 -41.57 -5.85 -35.14
CA GLU B 828 -42.20 -6.29 -36.36
C GLU B 828 -41.33 -5.90 -37.54
N VAL B 829 -40.88 -6.89 -38.30
CA VAL B 829 -40.02 -6.66 -39.45
C VAL B 829 -40.92 -6.61 -40.68
N SER B 830 -41.25 -5.41 -41.13
CA SER B 830 -42.16 -5.21 -42.24
C SER B 830 -41.94 -3.82 -42.80
N PRO B 831 -42.30 -3.59 -44.06
CA PRO B 831 -42.21 -2.23 -44.62
C PRO B 831 -43.35 -1.30 -44.23
N HIS B 832 -44.24 -1.73 -43.33
CA HIS B 832 -45.29 -0.88 -42.80
C HIS B 832 -45.93 -1.53 -41.58
N PRO B 833 -46.17 -0.78 -40.51
CA PRO B 833 -46.80 -1.37 -39.32
C PRO B 833 -48.28 -1.67 -39.54
N VAL B 834 -48.64 -2.95 -39.63
CA VAL B 834 -50.00 -3.37 -39.89
C VAL B 834 -50.57 -4.23 -38.76
N VAL B 835 -49.72 -4.89 -37.99
CA VAL B 835 -50.17 -5.77 -36.92
C VAL B 835 -49.73 -5.26 -35.55
N VAL B 836 -49.33 -3.99 -35.45
CA VAL B 836 -48.90 -3.45 -34.17
C VAL B 836 -50.07 -3.38 -33.20
N GLN B 837 -51.23 -2.93 -33.66
CA GLN B 837 -52.38 -2.78 -32.77
C GLN B 837 -52.82 -4.13 -32.19
N ALA B 838 -52.86 -5.17 -33.02
CA ALA B 838 -53.25 -6.48 -32.55
C ALA B 838 -52.28 -7.01 -31.50
N VAL B 839 -50.98 -6.82 -31.72
CA VAL B 839 -49.99 -7.27 -30.75
C VAL B 839 -50.14 -6.50 -29.44
N GLU B 840 -50.40 -5.18 -29.53
CA GLU B 840 -50.62 -4.39 -28.33
C GLU B 840 -51.82 -4.90 -27.54
N GLU B 841 -52.92 -5.18 -28.24
CA GLU B 841 -54.12 -5.68 -27.56
C GLU B 841 -53.84 -7.04 -26.92
N ALA B 842 -53.17 -7.94 -27.63
CA ALA B 842 -52.87 -9.25 -27.09
C ALA B 842 -51.97 -9.16 -25.86
N VAL B 843 -50.97 -8.28 -25.90
CA VAL B 843 -50.09 -8.10 -24.76
C VAL B 843 -50.87 -7.54 -23.58
N GLU B 844 -51.74 -6.57 -23.83
CA GLU B 844 -52.54 -6.00 -22.74
C GLU B 844 -53.44 -7.04 -22.10
N GLU B 845 -54.06 -7.90 -22.92
CA GLU B 845 -54.93 -8.95 -22.38
C GLU B 845 -54.14 -10.04 -21.67
N ALA B 846 -52.84 -10.17 -21.93
CA ALA B 846 -52.04 -11.19 -21.28
C ALA B 846 -51.79 -10.82 -19.82
N ASP B 847 -51.43 -11.84 -19.03
CA ASP B 847 -51.17 -11.67 -17.62
C ASP B 847 -49.68 -11.48 -17.31
N GLY B 848 -48.84 -11.35 -18.33
CA GLY B 848 -47.42 -11.17 -18.12
C GLY B 848 -47.10 -9.77 -17.62
N ALA B 849 -45.80 -9.49 -17.57
CA ALA B 849 -45.33 -8.19 -17.10
C ALA B 849 -45.86 -7.08 -17.99
N GLU B 850 -46.38 -6.03 -17.36
CA GLU B 850 -47.01 -4.92 -18.09
C GLU B 850 -46.00 -3.86 -18.48
N ASP B 851 -44.88 -4.29 -19.10
CA ASP B 851 -43.88 -3.35 -19.60
C ASP B 851 -43.38 -3.75 -20.98
N ALA B 852 -44.15 -4.54 -21.73
CA ALA B 852 -43.72 -4.98 -23.04
C ALA B 852 -43.59 -3.80 -24.00
N VAL B 853 -42.66 -3.93 -24.94
CA VAL B 853 -42.36 -2.89 -25.91
C VAL B 853 -42.65 -3.42 -27.31
N VAL B 854 -43.38 -2.64 -28.10
CA VAL B 854 -43.71 -3.00 -29.47
C VAL B 854 -43.32 -1.84 -30.37
N VAL B 855 -42.53 -2.13 -31.40
CA VAL B 855 -42.10 -1.14 -32.38
C VAL B 855 -42.26 -1.76 -33.78
N GLY B 856 -41.87 -0.99 -34.79
CA GLY B 856 -42.00 -1.46 -36.15
C GLY B 856 -40.79 -1.16 -37.01
N SER B 857 -41.03 -0.55 -38.17
CA SER B 857 -40.00 -0.28 -39.15
C SER B 857 -40.49 0.87 -40.03
N LEU B 858 -39.86 1.03 -41.19
CA LEU B 858 -40.21 2.12 -42.11
C LEU B 858 -41.71 2.17 -42.35
N HIS B 859 -42.25 3.38 -42.36
CA HIS B 859 -43.66 3.59 -42.64
C HIS B 859 -43.87 3.73 -44.14
N ARG B 860 -45.12 3.92 -44.55
CA ARG B 860 -45.44 4.06 -45.96
C ARG B 860 -44.95 5.39 -46.54
N ASP B 861 -44.53 6.32 -45.71
CA ASP B 861 -43.94 7.58 -46.16
C ASP B 861 -42.50 7.76 -45.71
N GLY B 862 -42.18 7.36 -44.48
CA GLY B 862 -40.82 7.45 -43.99
C GLY B 862 -39.98 6.24 -44.31
N GLY B 863 -39.60 6.09 -45.58
CA GLY B 863 -38.82 4.95 -46.00
C GLY B 863 -37.33 5.22 -46.03
N ASP B 864 -36.90 6.29 -45.37
CA ASP B 864 -35.50 6.70 -45.35
C ASP B 864 -34.77 6.04 -44.19
N LEU B 865 -33.44 6.05 -44.27
CA LEU B 865 -32.62 5.51 -43.19
C LEU B 865 -32.81 6.28 -41.89
N SER B 866 -33.10 7.58 -41.98
CA SER B 866 -33.32 8.37 -40.77
C SER B 866 -34.52 7.84 -39.99
N ALA B 867 -35.60 7.50 -40.69
CA ALA B 867 -36.78 6.96 -40.02
C ALA B 867 -36.48 5.61 -39.38
N PHE B 868 -35.67 4.78 -40.05
CA PHE B 868 -35.35 3.47 -39.50
C PHE B 868 -34.47 3.62 -38.25
N LEU B 869 -33.53 4.56 -38.27
CA LEU B 869 -32.76 4.86 -37.07
C LEU B 869 -33.65 5.41 -35.97
N ARG B 870 -34.68 6.19 -36.35
CA ARG B 870 -35.64 6.67 -35.35
C ARG B 870 -36.40 5.52 -34.72
N SER B 871 -36.75 4.51 -35.52
CA SER B 871 -37.39 3.31 -34.98
C SER B 871 -36.46 2.61 -33.99
N MET B 872 -35.18 2.50 -34.35
CA MET B 872 -34.21 1.92 -33.42
C MET B 872 -34.14 2.72 -32.12
N ALA B 873 -34.14 4.04 -32.22
CA ALA B 873 -34.08 4.88 -31.02
C ALA B 873 -35.31 4.70 -30.15
N THR B 874 -36.48 4.60 -30.78
CA THR B 874 -37.70 4.34 -30.03
C THR B 874 -37.64 3.01 -29.30
N ALA B 875 -37.10 1.98 -29.96
CA ALA B 875 -36.94 0.69 -29.29
C ALA B 875 -35.87 0.75 -28.20
N HIS B 876 -34.91 1.66 -28.33
CA HIS B 876 -33.75 1.66 -27.42
C HIS B 876 -34.09 2.30 -26.08
N VAL B 877 -34.90 3.36 -26.08
CA VAL B 877 -35.19 4.09 -24.85
C VAL B 877 -36.10 3.27 -23.95
N SER B 878 -36.54 2.11 -24.43
CA SER B 878 -37.40 1.22 -23.65
C SER B 878 -36.65 0.03 -23.09
N GLY B 879 -35.34 -0.08 -23.33
CA GLY B 879 -34.56 -1.13 -22.70
C GLY B 879 -34.00 -2.18 -23.64
N VAL B 880 -33.68 -1.80 -24.87
CA VAL B 880 -33.09 -2.72 -25.84
C VAL B 880 -31.69 -2.23 -26.18
N ASP B 881 -30.70 -3.10 -26.01
CA ASP B 881 -29.31 -2.74 -26.26
C ASP B 881 -29.05 -2.64 -27.76
N ILE B 882 -28.44 -1.54 -28.18
CA ILE B 882 -28.13 -1.29 -29.59
C ILE B 882 -26.72 -0.73 -29.67
N ARG B 883 -25.92 -1.25 -30.61
CA ARG B 883 -24.56 -0.77 -30.83
C ARG B 883 -24.62 0.38 -31.83
N TRP B 884 -24.70 1.60 -31.30
CA TRP B 884 -24.86 2.78 -32.15
C TRP B 884 -23.62 3.09 -32.97
N ASP B 885 -22.44 2.64 -32.54
CA ASP B 885 -21.21 3.00 -33.22
C ASP B 885 -21.16 2.47 -34.65
N VAL B 886 -21.99 1.48 -34.98
CA VAL B 886 -22.06 1.00 -36.35
C VAL B 886 -22.59 2.09 -37.28
N ALA B 887 -23.53 2.90 -36.79
CA ALA B 887 -24.14 3.93 -37.61
C ALA B 887 -23.19 5.05 -37.98
N LEU B 888 -22.02 5.14 -37.34
CA LEU B 888 -21.03 6.18 -37.63
C LEU B 888 -19.68 5.50 -37.88
N PRO B 889 -19.50 4.91 -39.05
CA PRO B 889 -18.23 4.21 -39.33
C PRO B 889 -17.08 5.17 -39.57
N GLY B 890 -16.18 5.26 -38.60
CA GLY B 890 -15.01 6.11 -38.73
C GLY B 890 -15.25 7.51 -38.19
N ALA B 891 -14.76 7.77 -36.98
CA ALA B 891 -14.96 9.07 -36.36
C ALA B 891 -14.03 9.18 -35.17
N ALA B 892 -13.77 10.42 -34.75
CA ALA B 892 -12.93 10.70 -33.60
C ALA B 892 -13.80 11.11 -32.43
N PRO B 893 -13.81 10.38 -31.33
CA PRO B 893 -14.64 10.78 -30.18
C PRO B 893 -14.23 12.15 -29.66
N PHE B 894 -15.23 12.92 -29.23
CA PHE B 894 -15.03 14.27 -28.75
C PHE B 894 -14.93 14.29 -27.23
N ALA B 895 -14.84 15.49 -26.67
CA ALA B 895 -14.82 15.71 -25.24
C ALA B 895 -16.13 16.33 -24.80
N LEU B 896 -16.75 15.77 -23.77
CA LEU B 896 -18.07 16.17 -23.34
C LEU B 896 -18.07 16.51 -21.85
N PRO B 897 -18.98 17.37 -21.42
CA PRO B 897 -19.09 17.68 -19.99
C PRO B 897 -19.57 16.48 -19.20
N THR B 898 -19.24 16.50 -17.90
CA THR B 898 -19.54 15.38 -17.02
C THR B 898 -21.00 15.43 -16.57
N TYR B 899 -21.36 14.55 -15.64
CA TYR B 899 -22.75 14.41 -15.22
C TYR B 899 -23.19 15.64 -14.43
N PRO B 900 -24.36 16.20 -14.72
CA PRO B 900 -24.91 17.34 -13.95
C PRO B 900 -25.64 16.94 -12.67
N PHE B 901 -24.87 16.78 -11.60
CA PHE B 901 -25.44 16.35 -10.33
C PHE B 901 -26.41 17.39 -9.79
N GLN B 902 -27.46 16.90 -9.12
CA GLN B 902 -28.41 17.75 -8.43
C GLN B 902 -28.13 17.67 -6.93
N ARG B 903 -27.73 18.79 -6.33
CA ARG B 903 -27.21 18.81 -4.98
C ARG B 903 -28.24 19.36 -4.00
N LYS B 904 -28.08 18.95 -2.74
CA LYS B 904 -28.89 19.44 -1.63
C LYS B 904 -27.98 19.69 -0.45
N ARG B 905 -28.56 20.07 0.69
CA ARG B 905 -27.80 20.37 1.90
C ARG B 905 -27.92 19.20 2.87
N TYR B 906 -26.77 18.67 3.29
CA TYR B 906 -26.72 17.52 4.19
C TYR B 906 -25.69 17.76 5.29
N TRP B 907 -25.75 18.92 5.93
CA TRP B 907 -24.84 19.25 7.01
C TRP B 907 -25.47 18.96 8.37
N LEU B 908 -24.62 18.69 9.35
CA LEU B 908 -25.04 18.42 10.71
C LEU B 908 -24.63 19.58 11.62
N GLN B 909 -25.56 20.05 12.44
CA GLN B 909 -25.30 21.16 13.34
C GLN B 909 -25.77 20.81 14.74
N PRO B 910 -25.17 21.41 15.77
CA PRO B 910 -25.59 21.17 17.16
C PRO B 910 -27.02 21.63 17.42
N ASP C 24 -35.20 -29.81 -11.98
CA ASP C 24 -36.63 -29.73 -11.73
C ASP C 24 -37.41 -30.51 -12.80
N ARG C 25 -38.70 -30.75 -12.52
CA ARG C 25 -39.53 -31.48 -13.47
C ARG C 25 -39.70 -30.70 -14.77
N LEU C 26 -39.88 -29.39 -14.68
CA LEU C 26 -40.04 -28.54 -15.85
C LEU C 26 -38.68 -28.29 -16.48
N ALA C 27 -38.42 -28.92 -17.62
CA ALA C 27 -37.15 -28.78 -18.31
C ALA C 27 -37.42 -28.78 -19.81
N GLY C 28 -36.35 -28.91 -20.59
CA GLY C 28 -36.50 -28.91 -22.05
C GLY C 28 -36.99 -27.59 -22.61
N LEU C 29 -36.43 -26.48 -22.13
CA LEU C 29 -36.84 -25.15 -22.54
C LEU C 29 -35.63 -24.34 -22.98
N PRO C 30 -35.82 -23.36 -23.85
CA PRO C 30 -34.70 -22.47 -24.23
C PRO C 30 -34.14 -21.73 -23.02
N ARG C 31 -32.99 -21.10 -23.23
CA ARG C 31 -32.29 -20.45 -22.13
C ARG C 31 -33.12 -19.32 -21.54
N ALA C 32 -33.72 -18.49 -22.40
CA ALA C 32 -34.49 -17.34 -21.93
C ALA C 32 -35.69 -17.77 -21.11
N GLU C 33 -36.36 -18.85 -21.52
CA GLU C 33 -37.53 -19.32 -20.79
C GLU C 33 -37.16 -19.70 -19.36
N ARG C 34 -36.11 -20.52 -19.19
CA ARG C 34 -35.70 -20.93 -17.85
C ARG C 34 -35.22 -19.74 -17.04
N THR C 35 -34.46 -18.83 -17.66
CA THR C 35 -33.98 -17.66 -16.94
C THR C 35 -35.14 -16.82 -16.43
N ALA C 36 -36.13 -16.56 -17.29
CA ALA C 36 -37.28 -15.75 -16.89
C ALA C 36 -38.10 -16.45 -15.81
N GLU C 37 -38.30 -17.77 -15.94
CA GLU C 37 -39.06 -18.49 -14.93
C GLU C 37 -38.36 -18.44 -13.57
N LEU C 38 -37.04 -18.62 -13.55
CA LEU C 38 -36.33 -18.59 -12.29
C LEU C 38 -36.31 -17.18 -11.69
N VAL C 39 -36.18 -16.15 -12.54
CA VAL C 39 -36.23 -14.78 -12.05
C VAL C 39 -37.59 -14.48 -11.43
N ARG C 40 -38.66 -14.93 -12.09
CA ARG C 40 -39.99 -14.75 -11.55
C ARG C 40 -40.16 -15.48 -10.23
N LEU C 41 -39.64 -16.71 -10.13
CA LEU C 41 -39.72 -17.45 -8.88
C LEU C 41 -39.00 -16.74 -7.75
N VAL C 42 -37.79 -16.23 -8.03
CA VAL C 42 -37.03 -15.53 -7.00
C VAL C 42 -37.75 -14.27 -6.56
N ARG C 43 -38.28 -13.50 -7.53
CA ARG C 43 -39.00 -12.29 -7.18
C ARG C 43 -40.25 -12.59 -6.36
N THR C 44 -40.99 -13.63 -6.73
CA THR C 44 -42.17 -14.00 -5.96
C THR C 44 -41.80 -14.44 -4.55
N SER C 45 -40.72 -15.20 -4.40
CA SER C 45 -40.29 -15.64 -3.09
C SER C 45 -39.87 -14.47 -2.21
N THR C 46 -39.12 -13.52 -2.78
CA THR C 46 -38.65 -12.38 -2.00
C THR C 46 -39.74 -11.36 -1.73
N ALA C 47 -40.79 -11.32 -2.54
CA ALA C 47 -41.87 -10.37 -2.30
C ALA C 47 -42.60 -10.66 -0.99
N THR C 48 -42.90 -11.93 -0.73
CA THR C 48 -43.58 -12.29 0.52
C THR C 48 -42.72 -11.96 1.72
N VAL C 49 -41.42 -12.22 1.63
CA VAL C 49 -40.50 -11.88 2.72
C VAL C 49 -40.48 -10.38 2.95
N LEU C 50 -40.43 -9.59 1.86
CA LEU C 50 -40.44 -8.14 1.99
C LEU C 50 -41.76 -7.65 2.57
N GLY C 51 -42.87 -8.28 2.20
CA GLY C 51 -44.17 -7.91 2.74
C GLY C 51 -45.20 -7.61 1.68
N HIS C 52 -44.80 -6.95 0.60
CA HIS C 52 -45.73 -6.64 -0.48
C HIS C 52 -46.03 -7.91 -1.28
N ASP C 53 -47.20 -7.92 -1.92
CA ASP C 53 -47.67 -9.07 -2.67
C ASP C 53 -47.54 -8.88 -4.18
N ASP C 54 -46.56 -8.09 -4.61
CA ASP C 54 -46.35 -7.85 -6.02
C ASP C 54 -44.86 -7.98 -6.35
N PRO C 55 -44.53 -8.54 -7.52
CA PRO C 55 -43.12 -8.61 -7.93
C PRO C 55 -42.63 -7.38 -8.66
N LYS C 56 -43.52 -6.44 -9.00
CA LYS C 56 -43.10 -5.25 -9.73
C LYS C 56 -42.14 -4.40 -8.89
N ALA C 57 -42.41 -4.27 -7.59
CA ALA C 57 -41.56 -3.47 -6.72
C ALA C 57 -40.18 -4.08 -6.55
N VAL C 58 -40.01 -5.36 -6.84
CA VAL C 58 -38.72 -6.03 -6.71
C VAL C 58 -37.94 -5.85 -8.00
N ARG C 59 -36.73 -5.32 -7.88
CA ARG C 59 -35.84 -5.11 -9.01
C ARG C 59 -34.71 -6.13 -8.98
N ALA C 60 -34.39 -6.68 -10.14
CA ALA C 60 -33.40 -7.76 -10.25
C ALA C 60 -31.97 -7.25 -10.23
N THR C 61 -31.73 -6.00 -9.85
CA THR C 61 -30.38 -5.46 -9.82
C THR C 61 -30.08 -4.82 -8.47
N THR C 62 -31.12 -4.32 -7.81
CA THR C 62 -30.94 -3.66 -6.52
C THR C 62 -30.48 -4.68 -5.48
N PRO C 63 -29.46 -4.36 -4.68
CA PRO C 63 -29.03 -5.28 -3.62
C PRO C 63 -30.11 -5.47 -2.58
N PHE C 64 -30.08 -6.65 -1.93
CA PHE C 64 -31.10 -6.97 -0.94
C PHE C 64 -31.06 -6.00 0.24
N LYS C 65 -29.88 -5.46 0.56
CA LYS C 65 -29.78 -4.54 1.69
C LYS C 65 -30.59 -3.28 1.45
N GLU C 66 -30.56 -2.75 0.22
CA GLU C 66 -31.35 -1.55 -0.10
C GLU C 66 -32.84 -1.82 -0.06
N LEU C 67 -33.27 -3.07 -0.23
CA LEU C 67 -34.68 -3.41 -0.17
C LEU C 67 -35.19 -3.59 1.25
N GLY C 68 -34.31 -3.54 2.25
CA GLY C 68 -34.71 -3.72 3.64
C GLY C 68 -34.40 -5.08 4.23
N PHE C 69 -33.69 -5.94 3.51
CA PHE C 69 -33.35 -7.25 4.02
C PHE C 69 -32.37 -7.14 5.17
N ASP C 70 -32.57 -7.95 6.21
CA ASP C 70 -31.65 -8.01 7.33
C ASP C 70 -31.03 -9.40 7.40
N LEU C 72 -32.23 -11.98 9.60
CA LEU C 72 -33.29 -12.97 9.82
C LEU C 72 -34.04 -13.27 8.53
N ALA C 73 -34.61 -12.22 7.92
CA ALA C 73 -35.41 -12.41 6.71
C ALA C 73 -34.60 -13.06 5.61
N ALA C 74 -33.32 -12.70 5.49
CA ALA C 74 -32.47 -13.30 4.47
C ALA C 74 -32.41 -14.81 4.62
N VAL C 75 -32.43 -15.32 5.86
CA VAL C 75 -32.52 -16.76 6.07
C VAL C 75 -33.87 -17.28 5.59
N ARG C 76 -34.95 -16.58 5.95
CA ARG C 76 -36.30 -17.06 5.62
C ARG C 76 -36.46 -17.26 4.12
N LEU C 77 -35.96 -16.32 3.33
CA LEU C 77 -36.02 -16.45 1.88
C LEU C 77 -35.45 -17.80 1.43
N ARG C 78 -34.29 -18.16 1.97
CA ARG C 78 -33.69 -19.45 1.62
C ARG C 78 -34.67 -20.59 1.90
N ASN C 79 -35.30 -20.57 3.08
CA ASN C 79 -36.30 -21.58 3.38
C ASN C 79 -37.44 -21.54 2.36
N LEU C 80 -37.90 -20.34 2.01
CA LEU C 80 -38.94 -20.23 1.00
C LEU C 80 -38.47 -20.76 -0.34
N LEU C 81 -37.17 -20.66 -0.62
CA LEU C 81 -36.64 -21.28 -1.82
C LEU C 81 -36.49 -22.78 -1.65
N ASN C 82 -36.16 -23.22 -0.43
CA ASN C 82 -35.93 -24.65 -0.19
C ASN C 82 -37.19 -25.46 -0.48
N ALA C 83 -38.34 -24.95 -0.04
CA ALA C 83 -39.61 -25.60 -0.36
C ALA C 83 -40.06 -25.32 -1.79
N ALA C 84 -39.49 -24.31 -2.44
CA ALA C 84 -39.91 -23.98 -3.80
C ALA C 84 -39.37 -24.98 -4.81
N THR C 85 -38.11 -25.40 -4.64
CA THR C 85 -37.47 -26.30 -5.58
C THR C 85 -37.06 -27.65 -4.99
N GLY C 86 -37.11 -27.80 -3.66
CA GLY C 86 -36.78 -29.07 -3.07
C GLY C 86 -35.32 -29.43 -3.07
N LEU C 87 -34.43 -28.46 -3.19
CA LEU C 87 -32.99 -28.68 -3.15
C LEU C 87 -32.38 -27.84 -2.04
N ARG C 88 -31.43 -28.42 -1.32
CA ARG C 88 -30.80 -27.74 -0.20
C ARG C 88 -29.90 -26.61 -0.70
N LEU C 89 -29.93 -25.49 0.02
CA LEU C 89 -29.16 -24.31 -0.35
C LEU C 89 -28.32 -23.85 0.83
N PRO C 90 -27.17 -23.22 0.56
CA PRO C 90 -26.34 -22.72 1.66
C PRO C 90 -27.06 -21.64 2.46
N SER C 91 -26.75 -21.59 3.76
CA SER C 91 -27.38 -20.62 4.64
C SER C 91 -27.03 -19.19 4.29
N THR C 92 -25.94 -18.97 3.56
CA THR C 92 -25.48 -17.65 3.16
C THR C 92 -25.65 -17.44 1.66
N LEU C 93 -26.77 -17.92 1.12
CA LEU C 93 -27.03 -17.81 -0.31
C LEU C 93 -27.14 -16.35 -0.75
N VAL C 94 -27.81 -15.53 0.06
CA VAL C 94 -28.04 -14.14 -0.31
C VAL C 94 -26.73 -13.37 -0.37
N PHE C 95 -25.83 -13.62 0.59
CA PHE C 95 -24.59 -12.84 0.66
C PHE C 95 -23.66 -13.15 -0.51
N ASP C 96 -23.64 -14.40 -0.98
CA ASP C 96 -22.79 -14.72 -2.12
C ASP C 96 -23.33 -14.12 -3.41
N HIS C 97 -24.66 -14.00 -3.53
CA HIS C 97 -25.31 -13.48 -4.73
C HIS C 97 -26.24 -12.35 -4.32
N PRO C 98 -25.74 -11.11 -4.29
CA PRO C 98 -26.49 -9.98 -3.72
C PRO C 98 -27.47 -9.31 -4.69
N ASN C 99 -28.23 -10.13 -5.41
CA ASN C 99 -29.31 -9.64 -6.25
C ASN C 99 -30.13 -10.83 -6.73
N ALA C 100 -31.35 -10.55 -7.19
CA ALA C 100 -32.24 -11.61 -7.64
C ALA C 100 -31.68 -12.31 -8.87
N SER C 101 -31.10 -11.54 -9.81
CA SER C 101 -30.58 -12.14 -11.03
C SER C 101 -29.45 -13.11 -10.74
N ALA C 102 -28.55 -12.74 -9.83
CA ALA C 102 -27.43 -13.63 -9.50
C ALA C 102 -27.93 -14.90 -8.83
N VAL C 103 -28.92 -14.80 -7.94
CA VAL C 103 -29.48 -15.98 -7.30
C VAL C 103 -30.14 -16.88 -8.33
N ALA C 104 -30.88 -16.29 -9.27
CA ALA C 104 -31.51 -17.09 -10.32
C ALA C 104 -30.47 -17.78 -11.18
N GLY C 105 -29.38 -17.07 -11.51
CA GLY C 105 -28.32 -17.69 -12.29
C GLY C 105 -27.64 -18.83 -11.56
N PHE C 106 -27.40 -18.66 -10.25
CA PHE C 106 -26.81 -19.73 -9.46
C PHE C 106 -27.73 -20.95 -9.40
N LEU C 107 -29.04 -20.72 -9.22
CA LEU C 107 -29.99 -21.82 -9.20
C LEU C 107 -30.01 -22.55 -10.55
N ASP C 108 -29.99 -21.78 -11.65
CA ASP C 108 -29.95 -22.38 -12.97
C ASP C 108 -28.70 -23.21 -13.18
N ALA C 109 -27.55 -22.68 -12.74
CA ALA C 109 -26.29 -23.41 -12.90
C ALA C 109 -26.29 -24.69 -12.07
N GLU C 110 -26.81 -24.64 -10.84
CA GLU C 110 -26.80 -25.84 -10.00
C GLU C 110 -27.79 -26.88 -10.53
N LEU C 111 -28.95 -26.45 -11.01
CA LEU C 111 -29.95 -27.39 -11.51
C LEU C 111 -29.44 -28.13 -12.74
N GLY C 112 -28.78 -27.43 -13.65
CA GLY C 112 -28.28 -28.03 -14.87
C GLY C 112 -27.02 -28.86 -14.67
N GLU C 183 27.06 -14.16 -39.96
CA GLU C 183 25.94 -15.06 -39.68
C GLU C 183 25.31 -14.61 -38.35
N LEU C 184 24.35 -15.37 -37.84
CA LEU C 184 23.60 -15.02 -36.63
C LEU C 184 24.50 -14.78 -35.42
N LEU C 185 25.59 -15.53 -35.31
CA LEU C 185 26.38 -15.62 -34.07
C LEU C 185 26.74 -14.27 -33.46
N GLU C 186 27.22 -13.33 -34.27
CA GLU C 186 27.69 -12.06 -33.72
C GLU C 186 26.54 -11.17 -33.25
N ALA C 187 25.63 -10.80 -34.16
CA ALA C 187 24.56 -9.88 -33.79
C ALA C 187 23.64 -10.47 -32.74
N LEU C 188 23.27 -11.75 -32.92
CA LEU C 188 22.45 -12.45 -31.94
C LEU C 188 23.19 -12.57 -30.62
N GLY C 189 24.51 -12.76 -30.67
CA GLY C 189 25.32 -12.77 -29.47
C GLY C 189 25.68 -11.38 -28.95
N ARG C 190 25.26 -10.33 -29.64
CA ARG C 190 25.57 -8.97 -29.18
C ARG C 190 24.72 -8.57 -27.98
N GLU C 191 23.66 -9.33 -27.69
CA GLU C 191 22.88 -9.07 -26.49
C GLU C 191 23.68 -9.26 -25.22
N LEU C 192 24.68 -10.15 -25.27
CA LEU C 192 25.52 -10.43 -24.11
C LEU C 192 26.36 -9.22 -23.70
N ASP C 193 26.59 -8.27 -24.59
CA ASP C 193 27.34 -7.07 -24.25
C ASP C 193 26.65 -5.82 -24.80
#